data_3H45
#
_entry.id   3H45
#
_cell.length_a   98.606
_cell.length_b   105.194
_cell.length_c   114.305
_cell.angle_alpha   90.000
_cell.angle_beta   114.550
_cell.angle_gamma   90.000
#
_symmetry.space_group_name_H-M   'P 1 21 1'
#
loop_
_entity.id
_entity.type
_entity.pdbx_description
1 polymer 'Glycerol kinase'
2 non-polymer 1,2-ETHANEDIOL
3 non-polymer 'PHOSPHATE ION'
4 water water
#
_entity_poly.entity_id   1
_entity_poly.type   'polypeptide(L)'
_entity_poly.pdbx_seq_one_letter_code
;MAEKNYVMAIDQGTTSSRAIIFDRNGKKIGSSQKEFPQYFPKSGWVEHNANEIWNSVQSVIAGAFIESGIRPEAIAGIGI
TNQRETTVVWDKTTGQPIANAIVWQSRQSSPIADQLKVDGHTEMIHEKTGLVIDAYFSATKVRWLLDNIEGAQEKADNGE
LLFGTIDSWLVWKLTDGQVHVTDYSNASRTMLYNIHKLEWDQEILDLLNIPSSMLPEVKSNSEVYGHTRSYEFYGSEVPI
AGMAGDQQAALFGQMAFEKGMIKNTYGTGAFIVMNTGEEPQLSDNDLLTTIGYGINGKVYYALEGSIFVAGSAIQWLRDG
LRMIETSPQSEELAAKAKGDNEVYVVPAFTGLGAPYWDSEARGAVFGLTRGTTKEDFVRATLQAVAYQSKDVIDTMKKDS
GIDIPLLKVDGGAAKNDLLMQFQADILDIDVQRAANLETTALGAAYLAGLAVGFWKDLDELKSMAEEGQMFTPEMPAEER
DNLYEGWKQAVAATQTFKFKAKKEGE
;
_entity_poly.pdbx_strand_id   X,O,C,D
#
loop_
_chem_comp.id
_chem_comp.type
_chem_comp.name
_chem_comp.formula
EDO non-polymer 1,2-ETHANEDIOL 'C2 H6 O2'
PO4 non-polymer 'PHOSPHATE ION' 'O4 P -3'
#
# COMPACT_ATOMS: atom_id res chain seq x y z
N GLU A 3 3.60 22.61 11.52
CA GLU A 3 4.96 23.24 11.39
C GLU A 3 6.09 22.23 11.70
N LYS A 4 6.30 21.28 10.80
CA LYS A 4 7.31 20.22 10.95
C LYS A 4 8.77 20.68 11.05
N ASN A 5 9.25 20.90 12.27
CA ASN A 5 10.62 21.35 12.49
C ASN A 5 11.57 20.31 13.07
N TYR A 6 11.20 19.03 13.03
CA TYR A 6 12.05 17.98 13.58
C TYR A 6 12.04 16.70 12.74
N VAL A 7 12.96 15.80 13.06
CA VAL A 7 13.08 14.51 12.37
C VAL A 7 13.38 13.47 13.45
N MET A 8 12.83 12.28 13.29
CA MET A 8 13.09 11.22 14.26
C MET A 8 13.80 10.04 13.63
N ALA A 9 14.81 9.53 14.32
CA ALA A 9 15.55 8.38 13.87
C ALA A 9 15.28 7.27 14.87
N ILE A 10 15.11 6.05 14.36
CA ILE A 10 14.87 4.89 15.21
C ILE A 10 16.01 3.93 14.90
N ASP A 11 16.78 3.56 15.92
CA ASP A 11 17.91 2.64 15.75
C ASP A 11 17.68 1.36 16.54
N GLN A 12 17.19 0.34 15.83
CA GLN A 12 16.91 -0.97 16.41
C GLN A 12 18.21 -1.79 16.40
N GLY A 13 18.91 -1.79 17.53
CA GLY A 13 20.17 -2.53 17.63
C GLY A 13 20.04 -3.98 18.12
N THR A 14 21.20 -4.61 18.31
CA THR A 14 21.26 -6.00 18.76
C THR A 14 20.70 -6.31 20.14
N THR A 15 20.92 -5.45 21.12
CA THR A 15 20.43 -5.71 22.47
C THR A 15 19.49 -4.64 23.02
N SER A 16 19.35 -3.54 22.29
CA SER A 16 18.47 -2.47 22.73
C SER A 16 18.04 -1.64 21.54
N SER A 17 16.99 -0.86 21.73
CA SER A 17 16.48 0.01 20.67
C SER A 17 16.92 1.46 20.90
N ARG A 18 16.13 2.40 20.39
CA ARG A 18 16.43 3.82 20.55
C ARG A 18 15.67 4.69 19.57
N ALA A 19 15.23 5.85 20.04
CA ALA A 19 14.51 6.80 19.20
C ALA A 19 14.95 8.22 19.53
N ILE A 20 15.69 8.84 18.62
CA ILE A 20 16.23 10.18 18.84
C ILE A 20 15.55 11.22 17.95
N ILE A 21 15.10 12.31 18.57
CA ILE A 21 14.45 13.38 17.81
C ILE A 21 15.50 14.45 17.52
N PHE A 22 15.81 14.66 16.25
CA PHE A 22 16.80 15.67 15.88
C PHE A 22 16.11 16.94 15.40
N ASP A 23 16.83 18.04 15.48
CA ASP A 23 16.31 19.33 15.04
C ASP A 23 17.11 19.78 13.83
N ARG A 24 16.61 20.81 13.15
CA ARG A 24 17.24 21.37 11.94
C ARG A 24 18.75 21.41 11.99
N ASN A 25 19.32 21.60 13.18
CA ASN A 25 20.78 21.69 13.32
C ASN A 25 21.49 20.37 13.62
N GLY A 26 20.76 19.26 13.64
CA GLY A 26 21.39 17.99 13.92
C GLY A 26 21.64 17.80 15.40
N LYS A 27 20.93 18.56 16.21
CA LYS A 27 21.07 18.48 17.66
C LYS A 27 19.96 17.64 18.30
N LYS A 28 20.34 16.82 19.27
CA LYS A 28 19.37 15.97 19.96
C LYS A 28 18.43 16.84 20.76
N ILE A 29 17.13 16.56 20.70
CA ILE A 29 16.13 17.33 21.45
C ILE A 29 15.39 16.35 22.36
N GLY A 30 15.63 15.06 22.12
CA GLY A 30 14.99 14.03 22.92
C GLY A 30 15.50 12.67 22.50
N SER A 31 15.72 11.78 23.47
CA SER A 31 16.20 10.45 23.17
C SER A 31 15.75 9.47 24.23
N SER A 32 15.56 8.21 23.82
CA SER A 32 15.11 7.17 24.73
C SER A 32 15.69 5.81 24.31
N GLN A 33 16.14 5.02 25.28
CA GLN A 33 16.72 3.71 25.00
C GLN A 33 16.14 2.60 25.88
N LYS A 34 16.05 1.40 25.32
CA LYS A 34 15.50 0.30 26.09
C LYS A 34 15.95 -1.07 25.62
N GLU A 35 16.40 -1.88 26.57
CA GLU A 35 16.86 -3.23 26.32
C GLU A 35 15.66 -4.14 26.13
N PHE A 36 15.83 -5.19 25.33
CA PHE A 36 14.79 -6.17 25.06
C PHE A 36 15.44 -7.56 25.16
N PRO A 37 14.67 -8.58 25.58
CA PRO A 37 15.07 -9.98 25.77
C PRO A 37 15.94 -10.64 24.68
N GLN A 38 16.99 -11.32 25.09
CA GLN A 38 17.88 -12.05 24.17
C GLN A 38 17.65 -13.52 24.48
N TYR A 39 17.54 -14.38 23.47
CA TYR A 39 17.32 -15.80 23.75
C TYR A 39 18.44 -16.67 23.21
N PHE A 40 18.81 -17.69 23.99
CA PHE A 40 19.89 -18.61 23.62
C PHE A 40 19.43 -20.06 23.83
N PRO A 41 18.67 -20.61 22.89
CA PRO A 41 18.15 -21.98 22.95
C PRO A 41 19.27 -23.01 23.07
N LYS A 42 20.36 -22.77 22.34
CA LYS A 42 21.50 -23.66 22.34
C LYS A 42 22.77 -22.86 22.10
N SER A 43 23.90 -23.41 22.54
CA SER A 43 25.19 -22.75 22.39
C SER A 43 25.45 -22.31 20.95
N GLY A 44 25.66 -21.01 20.76
CA GLY A 44 25.90 -20.50 19.42
C GLY A 44 24.63 -19.94 18.78
N TRP A 45 23.49 -20.28 19.36
CA TRP A 45 22.21 -19.80 18.83
C TRP A 45 21.88 -18.46 19.51
N VAL A 46 21.22 -17.57 18.77
CA VAL A 46 20.79 -16.29 19.31
C VAL A 46 19.52 -15.89 18.59
N GLU A 47 18.46 -15.67 19.35
CA GLU A 47 17.19 -15.30 18.75
C GLU A 47 16.59 -14.12 19.49
N HIS A 48 15.64 -13.46 18.82
CA HIS A 48 14.93 -12.33 19.39
C HIS A 48 13.48 -12.59 19.04
N ASN A 49 12.59 -12.06 19.86
CA ASN A 49 11.18 -12.17 19.60
C ASN A 49 10.87 -10.85 18.91
N ALA A 50 10.37 -10.92 17.68
CA ALA A 50 10.07 -9.71 16.92
C ALA A 50 8.98 -8.83 17.57
N ASN A 51 8.02 -9.43 18.25
CA ASN A 51 6.97 -8.64 18.87
C ASN A 51 7.59 -7.78 19.94
N GLU A 52 8.59 -8.34 20.61
CA GLU A 52 9.27 -7.62 21.67
C GLU A 52 10.16 -6.53 21.07
N ILE A 53 10.78 -6.79 19.92
CA ILE A 53 11.61 -5.75 19.30
C ILE A 53 10.65 -4.61 19.01
N TRP A 54 9.50 -4.95 18.43
CA TRP A 54 8.51 -3.95 18.10
C TRP A 54 8.12 -3.18 19.35
N ASN A 55 7.82 -3.89 20.42
CA ASN A 55 7.41 -3.24 21.65
C ASN A 55 8.49 -2.30 22.19
N SER A 56 9.76 -2.70 22.08
CA SER A 56 10.86 -1.86 22.55
C SER A 56 10.99 -0.58 21.69
N VAL A 57 10.66 -0.69 20.41
CA VAL A 57 10.71 0.45 19.52
C VAL A 57 9.58 1.43 19.85
N GLN A 58 8.38 0.92 20.05
CA GLN A 58 7.23 1.76 20.39
C GLN A 58 7.55 2.49 21.68
N SER A 59 8.24 1.80 22.57
CA SER A 59 8.61 2.38 23.85
C SER A 59 9.57 3.56 23.69
N VAL A 60 10.69 3.34 23.03
CA VAL A 60 11.68 4.40 22.86
C VAL A 60 11.10 5.54 22.05
N ILE A 61 10.13 5.22 21.19
CA ILE A 61 9.49 6.23 20.39
C ILE A 61 8.72 7.15 21.35
N ALA A 62 7.89 6.53 22.19
CA ALA A 62 7.13 7.29 23.17
C ALA A 62 8.14 8.05 24.02
N GLY A 63 9.06 7.30 24.63
CA GLY A 63 10.07 7.90 25.48
C GLY A 63 10.73 9.14 24.92
N ALA A 64 10.98 9.17 23.61
CA ALA A 64 11.62 10.32 22.98
C ALA A 64 10.68 11.55 22.96
N PHE A 65 9.40 11.32 22.70
CA PHE A 65 8.45 12.43 22.70
C PHE A 65 8.34 12.93 24.15
N ILE A 66 8.12 12.01 25.08
CA ILE A 66 7.98 12.34 26.48
C ILE A 66 9.12 13.21 26.98
N GLU A 67 10.33 12.97 26.51
CA GLU A 67 11.47 13.76 26.96
C GLU A 67 11.57 15.10 26.26
N SER A 68 11.59 15.07 24.93
CA SER A 68 11.70 16.26 24.11
C SER A 68 10.59 17.27 24.34
N GLY A 69 9.40 16.77 24.67
CA GLY A 69 8.26 17.65 24.87
C GLY A 69 7.66 18.05 23.54
N ILE A 70 8.10 17.38 22.48
CA ILE A 70 7.63 17.62 21.12
C ILE A 70 6.43 16.72 20.86
N ARG A 71 5.67 17.04 19.82
CA ARG A 71 4.51 16.22 19.47
C ARG A 71 4.68 15.60 18.08
N PRO A 72 4.03 14.43 17.86
CA PRO A 72 4.15 13.79 16.54
C PRO A 72 3.87 14.74 15.39
N GLU A 73 2.91 15.65 15.60
CA GLU A 73 2.55 16.62 14.59
C GLU A 73 3.74 17.46 14.12
N ALA A 74 4.83 17.44 14.89
CA ALA A 74 6.00 18.24 14.54
C ALA A 74 7.14 17.47 13.85
N ILE A 75 6.94 16.17 13.66
CA ILE A 75 7.96 15.35 13.01
C ILE A 75 7.82 15.43 11.51
N ALA A 76 8.88 15.83 10.81
CA ALA A 76 8.85 15.95 9.35
C ALA A 76 9.13 14.63 8.62
N GLY A 77 9.69 13.67 9.33
CA GLY A 77 10.00 12.38 8.73
C GLY A 77 10.64 11.43 9.72
N ILE A 78 10.54 10.14 9.44
CA ILE A 78 11.11 9.12 10.30
C ILE A 78 12.25 8.43 9.56
N GLY A 79 13.38 8.27 10.25
CA GLY A 79 14.53 7.59 9.67
C GLY A 79 14.67 6.27 10.40
N ILE A 80 14.86 5.18 9.67
CA ILE A 80 14.98 3.86 10.29
C ILE A 80 16.22 3.09 9.92
N THR A 81 17.04 2.80 10.93
CA THR A 81 18.25 2.04 10.73
C THR A 81 18.14 0.86 11.69
N ASN A 82 18.88 -0.23 11.44
CA ASN A 82 18.75 -1.44 12.25
C ASN A 82 19.93 -2.40 12.24
N GLN A 83 19.80 -3.44 13.06
CA GLN A 83 20.78 -4.51 13.14
C GLN A 83 20.50 -5.27 11.84
N ARG A 84 21.55 -5.54 11.07
CA ARG A 84 21.38 -6.20 9.78
C ARG A 84 21.36 -7.73 9.87
N GLU A 85 21.07 -8.37 8.75
CA GLU A 85 21.01 -9.82 8.64
C GLU A 85 19.82 -10.40 9.40
N THR A 86 19.72 -10.11 10.70
CA THR A 86 18.63 -10.62 11.53
C THR A 86 17.36 -10.88 10.71
N THR A 87 16.79 -12.07 10.89
CA THR A 87 15.65 -12.48 10.10
C THR A 87 14.30 -12.73 10.76
N VAL A 88 13.25 -12.25 10.12
CA VAL A 88 11.89 -12.42 10.63
C VAL A 88 11.00 -12.91 9.50
N VAL A 89 10.18 -13.92 9.79
CA VAL A 89 9.23 -14.44 8.81
C VAL A 89 7.88 -14.40 9.52
N TRP A 90 6.92 -13.65 8.96
CA TRP A 90 5.58 -13.52 9.56
C TRP A 90 4.41 -13.76 8.62
N ASP A 91 3.23 -14.00 9.23
CA ASP A 91 1.99 -14.25 8.49
C ASP A 91 1.47 -12.94 7.90
N LYS A 92 1.28 -12.94 6.59
CA LYS A 92 0.79 -11.80 5.85
C LYS A 92 -0.49 -11.22 6.46
N THR A 93 -1.47 -12.08 6.67
CA THR A 93 -2.77 -11.66 7.22
C THR A 93 -2.78 -11.41 8.73
N THR A 94 -2.24 -12.32 9.51
CA THR A 94 -2.25 -12.12 10.97
C THR A 94 -1.12 -11.24 11.45
N GLY A 95 -0.05 -11.15 10.67
CA GLY A 95 1.08 -10.31 11.05
C GLY A 95 1.82 -10.81 12.27
N GLN A 96 1.65 -12.09 12.54
CA GLN A 96 2.29 -12.73 13.69
C GLN A 96 3.50 -13.50 13.20
N PRO A 97 4.69 -13.26 13.81
CA PRO A 97 5.87 -13.98 13.37
C PRO A 97 5.63 -15.47 13.52
N ILE A 98 6.06 -16.26 12.55
CA ILE A 98 5.87 -17.72 12.64
C ILE A 98 6.70 -18.29 13.79
N ALA A 99 7.75 -17.58 14.17
CA ALA A 99 8.65 -18.00 15.25
C ALA A 99 9.58 -16.86 15.64
N ASN A 100 10.46 -17.12 16.59
CA ASN A 100 11.42 -16.12 17.02
C ASN A 100 12.22 -15.68 15.80
N ALA A 101 12.81 -14.50 15.87
CA ALA A 101 13.62 -14.03 14.75
C ALA A 101 15.04 -14.55 14.99
N ILE A 102 15.74 -14.91 13.94
CA ILE A 102 17.10 -15.39 14.09
C ILE A 102 18.03 -14.19 13.94
N VAL A 103 18.86 -13.93 14.97
CA VAL A 103 19.78 -12.80 14.97
C VAL A 103 21.04 -12.99 14.14
N TRP A 104 21.63 -11.90 13.66
CA TRP A 104 22.86 -11.99 12.88
C TRP A 104 23.95 -12.74 13.62
N GLN A 105 23.89 -12.74 14.94
CA GLN A 105 24.90 -13.44 15.73
C GLN A 105 24.78 -14.95 15.77
N SER A 106 23.59 -15.47 15.46
CA SER A 106 23.31 -16.91 15.52
C SER A 106 24.03 -17.85 14.55
N ARG A 107 24.42 -19.01 15.07
CA ARG A 107 25.11 -20.02 14.26
C ARG A 107 24.19 -21.20 13.98
N GLN A 108 22.93 -21.09 14.36
CA GLN A 108 21.99 -22.20 14.17
C GLN A 108 21.78 -22.62 12.72
N SER A 109 22.04 -21.73 11.77
CA SER A 109 21.85 -22.08 10.36
C SER A 109 23.19 -22.44 9.70
N SER A 110 24.27 -22.48 10.48
CA SER A 110 25.57 -22.83 9.96
C SER A 110 25.61 -24.17 9.17
N PRO A 111 24.90 -25.21 9.65
CA PRO A 111 24.89 -26.49 8.92
C PRO A 111 24.38 -26.29 7.49
N ILE A 112 23.35 -25.48 7.35
CA ILE A 112 22.77 -25.15 6.05
C ILE A 112 23.81 -24.47 5.16
N ALA A 113 24.55 -23.55 5.74
CA ALA A 113 25.55 -22.81 4.98
C ALA A 113 26.77 -23.66 4.64
N ASP A 114 27.10 -24.64 5.48
CA ASP A 114 28.25 -25.50 5.20
C ASP A 114 27.98 -26.36 3.96
N GLN A 115 26.73 -26.79 3.82
CA GLN A 115 26.35 -27.63 2.69
C GLN A 115 26.50 -26.80 1.43
N LEU A 116 26.11 -25.53 1.48
CA LEU A 116 26.23 -24.68 0.29
C LEU A 116 27.69 -24.60 -0.14
N LYS A 117 28.59 -24.51 0.84
CA LYS A 117 30.02 -24.44 0.54
C LYS A 117 30.51 -25.73 -0.08
N VAL A 118 30.05 -26.87 0.45
CA VAL A 118 30.45 -28.17 -0.05
C VAL A 118 29.98 -28.35 -1.49
N ASP A 119 28.75 -27.92 -1.75
CA ASP A 119 28.17 -28.03 -3.07
C ASP A 119 28.79 -27.03 -4.06
N GLY A 120 29.89 -26.40 -3.65
CA GLY A 120 30.60 -25.46 -4.49
C GLY A 120 29.90 -24.17 -4.90
N HIS A 121 28.95 -23.69 -4.12
CA HIS A 121 28.25 -22.46 -4.47
C HIS A 121 28.97 -21.20 -4.00
N THR A 122 30.15 -21.35 -3.42
CA THR A 122 30.91 -20.20 -2.94
C THR A 122 31.15 -19.10 -3.98
N GLU A 123 31.93 -19.40 -5.01
CA GLU A 123 32.22 -18.42 -6.05
C GLU A 123 30.98 -17.77 -6.62
N MET A 124 29.94 -18.57 -6.82
CA MET A 124 28.68 -18.10 -7.37
C MET A 124 27.95 -17.12 -6.47
N ILE A 125 27.97 -17.38 -5.17
CA ILE A 125 27.29 -16.47 -4.26
C ILE A 125 28.08 -15.18 -4.15
N HIS A 126 29.40 -15.27 -4.14
CA HIS A 126 30.22 -14.07 -4.02
C HIS A 126 30.10 -13.17 -5.25
N GLU A 127 29.87 -13.77 -6.41
CA GLU A 127 29.75 -13.01 -7.64
C GLU A 127 28.47 -12.20 -7.61
N LYS A 128 27.39 -12.86 -7.22
CA LYS A 128 26.07 -12.24 -7.17
C LYS A 128 25.84 -11.27 -6.02
N THR A 129 26.23 -11.68 -4.81
CA THR A 129 26.01 -10.90 -3.59
C THR A 129 27.18 -10.12 -2.99
N GLY A 130 28.41 -10.50 -3.30
CA GLY A 130 29.54 -9.77 -2.76
C GLY A 130 29.91 -10.21 -1.35
N LEU A 131 29.27 -11.27 -0.88
CA LEU A 131 29.52 -11.79 0.46
C LEU A 131 30.15 -13.18 0.42
N VAL A 132 30.20 -13.84 1.57
CA VAL A 132 30.73 -15.20 1.67
C VAL A 132 29.58 -16.06 2.22
N ILE A 133 29.61 -17.36 1.96
CA ILE A 133 28.56 -18.23 2.46
C ILE A 133 28.78 -18.50 3.94
N ASP A 134 27.94 -17.91 4.78
CA ASP A 134 28.05 -18.07 6.22
C ASP A 134 26.68 -17.87 6.84
N ALA A 135 26.46 -18.45 8.01
CA ALA A 135 25.17 -18.32 8.70
C ALA A 135 24.90 -16.90 9.15
N TYR A 136 25.89 -16.03 9.00
CA TYR A 136 25.81 -14.63 9.38
C TYR A 136 24.68 -13.93 8.61
N PHE A 137 24.60 -14.18 7.32
CA PHE A 137 23.59 -13.53 6.49
C PHE A 137 22.21 -14.15 6.57
N SER A 138 21.22 -13.40 6.13
CA SER A 138 19.83 -13.82 6.18
C SER A 138 19.45 -15.10 5.42
N ALA A 139 19.99 -15.25 4.22
CA ALA A 139 19.69 -16.41 3.35
C ALA A 139 19.47 -17.74 4.05
N THR A 140 20.50 -18.28 4.70
CA THR A 140 20.37 -19.56 5.38
C THR A 140 19.37 -19.52 6.53
N LYS A 141 19.20 -18.35 7.14
CA LYS A 141 18.29 -18.20 8.27
C LYS A 141 16.85 -18.42 7.84
N VAL A 142 16.50 -17.90 6.67
CA VAL A 142 15.14 -18.08 6.14
C VAL A 142 14.96 -19.55 5.79
N ARG A 143 16.02 -20.17 5.28
CA ARG A 143 15.96 -21.59 4.95
C ARG A 143 15.73 -22.37 6.25
N TRP A 144 16.45 -21.99 7.31
CA TRP A 144 16.32 -22.67 8.61
C TRP A 144 14.87 -22.58 9.08
N LEU A 145 14.30 -21.38 9.00
CA LEU A 145 12.92 -21.18 9.42
C LEU A 145 11.92 -22.01 8.64
N LEU A 146 12.18 -22.18 7.34
CA LEU A 146 11.29 -22.95 6.49
C LEU A 146 11.52 -24.45 6.64
N ASP A 147 12.60 -24.82 7.32
CA ASP A 147 12.95 -26.22 7.52
C ASP A 147 12.51 -26.75 8.88
N ASN A 148 12.52 -25.89 9.87
CA ASN A 148 12.19 -26.28 11.22
C ASN A 148 10.85 -25.84 11.79
N ILE A 149 10.06 -25.10 11.03
CA ILE A 149 8.76 -24.66 11.53
C ILE A 149 7.59 -25.28 10.73
N GLU A 150 6.85 -26.19 11.38
CA GLU A 150 5.72 -26.88 10.77
C GLU A 150 4.83 -26.00 9.88
N GLY A 151 4.53 -26.52 8.70
CA GLY A 151 3.68 -25.80 7.75
C GLY A 151 4.24 -24.49 7.21
N ALA A 152 5.50 -24.20 7.49
CA ALA A 152 6.12 -22.97 7.03
C ALA A 152 6.32 -22.94 5.53
N GLN A 153 7.06 -23.91 5.00
CA GLN A 153 7.34 -23.95 3.56
C GLN A 153 6.06 -23.92 2.72
N GLU A 154 5.04 -24.63 3.16
CA GLU A 154 3.78 -24.67 2.43
C GLU A 154 3.17 -23.26 2.37
N LYS A 155 2.99 -22.65 3.55
CA LYS A 155 2.44 -21.30 3.63
C LYS A 155 3.26 -20.30 2.80
N ALA A 156 4.53 -20.65 2.55
CA ALA A 156 5.42 -19.79 1.78
C ALA A 156 5.14 -19.92 0.28
N ASP A 157 5.13 -21.15 -0.22
CA ASP A 157 4.85 -21.38 -1.63
C ASP A 157 3.48 -20.76 -1.95
N ASN A 158 2.58 -20.79 -0.96
CA ASN A 158 1.23 -20.26 -1.09
C ASN A 158 1.10 -18.74 -0.99
N GLY A 159 2.19 -18.06 -0.66
CA GLY A 159 2.13 -16.62 -0.58
C GLY A 159 1.50 -16.08 0.70
N GLU A 160 1.60 -16.84 1.79
CA GLU A 160 1.03 -16.42 3.06
C GLU A 160 2.05 -15.85 4.03
N LEU A 161 3.32 -16.17 3.83
CA LEU A 161 4.38 -15.68 4.71
C LEU A 161 5.19 -14.54 4.09
N LEU A 162 5.67 -13.64 4.92
CA LEU A 162 6.48 -12.53 4.46
C LEU A 162 7.84 -12.54 5.15
N PHE A 163 8.91 -12.41 4.37
CA PHE A 163 10.26 -12.35 4.93
C PHE A 163 10.58 -10.88 5.11
N GLY A 164 11.55 -10.60 5.97
CA GLY A 164 11.93 -9.23 6.19
C GLY A 164 12.98 -9.12 7.27
N THR A 165 13.98 -8.28 7.01
CA THR A 165 15.02 -8.01 7.97
C THR A 165 14.35 -7.03 8.93
N ILE A 166 15.05 -6.58 9.96
CA ILE A 166 14.43 -5.68 10.92
C ILE A 166 13.83 -4.40 10.35
N ASP A 167 14.54 -3.72 9.46
CA ASP A 167 14.01 -2.49 8.86
C ASP A 167 12.65 -2.74 8.21
N SER A 168 12.55 -3.84 7.47
CA SER A 168 11.33 -4.20 6.78
C SER A 168 10.20 -4.51 7.76
N TRP A 169 10.54 -5.17 8.85
CA TRP A 169 9.59 -5.52 9.89
C TRP A 169 9.01 -4.26 10.53
N LEU A 170 9.88 -3.34 10.92
CA LEU A 170 9.44 -2.10 11.57
C LEU A 170 8.55 -1.23 10.69
N VAL A 171 8.95 -1.01 9.45
CA VAL A 171 8.14 -0.21 8.56
C VAL A 171 6.80 -0.90 8.29
N TRP A 172 6.78 -2.22 8.40
CA TRP A 172 5.54 -2.98 8.20
C TRP A 172 4.60 -2.69 9.39
N LYS A 173 5.14 -2.72 10.60
CA LYS A 173 4.33 -2.46 11.77
C LYS A 173 3.90 -0.99 11.84
N LEU A 174 4.76 -0.09 11.41
CA LEU A 174 4.44 1.34 11.44
C LEU A 174 3.35 1.68 10.44
N THR A 175 3.31 0.93 9.34
CA THR A 175 2.30 1.16 8.32
C THR A 175 1.22 0.10 8.42
N ASP A 176 1.00 -0.39 9.64
CA ASP A 176 0.00 -1.42 9.95
C ASP A 176 -0.22 -2.45 8.83
N GLY A 177 0.88 -2.90 8.23
CA GLY A 177 0.81 -3.89 7.18
C GLY A 177 0.63 -3.37 5.77
N GLN A 178 0.43 -2.07 5.62
CA GLN A 178 0.21 -1.49 4.31
C GLN A 178 1.47 -1.42 3.44
N VAL A 179 2.65 -1.45 4.03
CA VAL A 179 3.88 -1.36 3.23
C VAL A 179 4.92 -2.41 3.61
N HIS A 180 5.36 -3.18 2.63
CA HIS A 180 6.36 -4.22 2.86
C HIS A 180 7.55 -3.88 1.97
N VAL A 181 8.44 -3.05 2.50
CA VAL A 181 9.61 -2.58 1.76
C VAL A 181 10.92 -2.81 2.51
N THR A 182 12.03 -2.57 1.82
CA THR A 182 13.38 -2.68 2.37
C THR A 182 14.27 -1.92 1.41
N ASP A 183 15.41 -1.44 1.89
CA ASP A 183 16.33 -0.66 1.09
C ASP A 183 17.55 -1.44 0.61
N TYR A 184 18.22 -0.94 -0.43
CA TYR A 184 19.41 -1.59 -0.99
C TYR A 184 20.41 -2.06 0.07
N SER A 185 20.82 -1.17 0.96
CA SER A 185 21.81 -1.54 1.96
C SER A 185 21.39 -2.80 2.72
N ASN A 186 20.16 -2.82 3.22
CA ASN A 186 19.70 -3.99 3.96
C ASN A 186 19.52 -5.22 3.09
N ALA A 187 18.96 -5.02 1.90
CA ALA A 187 18.73 -6.13 0.98
C ALA A 187 20.04 -6.81 0.60
N SER A 188 21.09 -6.00 0.41
CA SER A 188 22.39 -6.55 0.05
C SER A 188 22.95 -7.49 1.10
N ARG A 189 22.47 -7.37 2.33
CA ARG A 189 22.98 -8.20 3.41
C ARG A 189 22.19 -9.47 3.70
N THR A 190 21.34 -9.87 2.77
CA THR A 190 20.53 -11.06 2.94
C THR A 190 21.19 -12.27 2.29
N MET A 191 22.05 -12.00 1.32
CA MET A 191 22.75 -13.03 0.54
C MET A 191 21.80 -13.61 -0.50
N LEU A 192 20.70 -12.90 -0.74
CA LEU A 192 19.69 -13.25 -1.73
C LEU A 192 19.57 -12.11 -2.74
N TYR A 193 20.24 -10.99 -2.48
CA TYR A 193 20.16 -9.84 -3.38
C TYR A 193 21.35 -9.73 -4.31
N ASN A 194 21.10 -9.47 -5.58
CA ASN A 194 22.17 -9.36 -6.55
C ASN A 194 22.60 -7.89 -6.58
N ILE A 195 23.68 -7.58 -5.88
CA ILE A 195 24.12 -6.20 -5.79
C ILE A 195 24.60 -5.55 -7.09
N HIS A 196 24.70 -6.33 -8.15
CA HIS A 196 25.15 -5.75 -9.42
C HIS A 196 23.99 -5.44 -10.35
N LYS A 197 23.05 -6.38 -10.47
CA LYS A 197 21.88 -6.18 -11.32
C LYS A 197 20.74 -5.54 -10.51
N LEU A 198 21.00 -5.28 -9.23
CA LEU A 198 20.02 -4.68 -8.33
C LEU A 198 18.66 -5.35 -8.42
N GLU A 199 18.62 -6.61 -8.03
CA GLU A 199 17.38 -7.41 -8.06
C GLU A 199 17.57 -8.60 -7.14
N TRP A 200 16.47 -9.22 -6.74
CA TRP A 200 16.56 -10.42 -5.91
C TRP A 200 17.05 -11.49 -6.89
N ASP A 201 18.07 -12.25 -6.51
CA ASP A 201 18.60 -13.28 -7.41
C ASP A 201 17.75 -14.55 -7.48
N GLN A 202 17.13 -14.77 -8.64
CA GLN A 202 16.27 -15.92 -8.83
C GLN A 202 17.02 -17.26 -8.69
N GLU A 203 18.28 -17.28 -9.11
CA GLU A 203 19.08 -18.49 -9.00
C GLU A 203 19.19 -18.89 -7.53
N ILE A 204 19.65 -17.97 -6.69
CA ILE A 204 19.81 -18.25 -5.27
C ILE A 204 18.48 -18.64 -4.58
N LEU A 205 17.39 -17.94 -4.89
CA LEU A 205 16.08 -18.25 -4.30
C LEU A 205 15.72 -19.70 -4.59
N ASP A 206 15.84 -20.07 -5.87
CA ASP A 206 15.56 -21.42 -6.34
C ASP A 206 16.40 -22.42 -5.59
N LEU A 207 17.69 -22.11 -5.47
CA LEU A 207 18.64 -22.97 -4.80
C LEU A 207 18.28 -23.21 -3.34
N LEU A 208 17.80 -22.17 -2.66
CA LEU A 208 17.43 -22.30 -1.27
C LEU A 208 15.93 -22.54 -1.08
N ASN A 209 15.22 -22.69 -2.21
CA ASN A 209 13.78 -22.96 -2.20
C ASN A 209 12.97 -21.91 -1.44
N ILE A 210 13.32 -20.65 -1.64
CA ILE A 210 12.64 -19.56 -0.97
C ILE A 210 11.69 -18.84 -1.93
N PRO A 211 10.37 -19.01 -1.75
CA PRO A 211 9.35 -18.38 -2.59
C PRO A 211 9.54 -16.88 -2.71
N SER A 212 9.80 -16.37 -3.90
CA SER A 212 10.01 -14.94 -4.06
C SER A 212 8.80 -14.11 -3.63
N SER A 213 7.70 -14.77 -3.26
CA SER A 213 6.51 -14.04 -2.82
C SER A 213 6.72 -13.50 -1.41
N MET A 214 7.71 -14.05 -0.72
CA MET A 214 8.04 -13.65 0.64
C MET A 214 8.80 -12.33 0.65
N LEU A 215 9.38 -12.00 -0.51
CA LEU A 215 10.22 -10.82 -0.65
C LEU A 215 9.57 -9.44 -0.75
N PRO A 216 10.17 -8.47 -0.06
CA PRO A 216 9.66 -7.11 -0.06
C PRO A 216 10.23 -6.37 -1.26
N GLU A 217 9.70 -5.19 -1.54
CA GLU A 217 10.15 -4.38 -2.65
C GLU A 217 11.44 -3.70 -2.21
N VAL A 218 12.45 -3.66 -3.07
CA VAL A 218 13.71 -3.03 -2.72
C VAL A 218 13.85 -1.63 -3.31
N LYS A 219 13.88 -0.63 -2.45
CA LYS A 219 14.00 0.75 -2.90
C LYS A 219 15.28 1.40 -2.37
N SER A 220 15.44 2.69 -2.66
CA SER A 220 16.61 3.45 -2.25
C SER A 220 16.61 3.71 -0.75
N ASN A 221 17.70 4.29 -0.27
CA ASN A 221 17.87 4.61 1.14
C ASN A 221 17.32 5.96 1.54
N SER A 222 16.70 6.67 0.61
CA SER A 222 16.15 7.98 0.91
C SER A 222 14.99 8.39 0.02
N GLU A 223 13.78 8.05 0.45
CA GLU A 223 12.57 8.37 -0.30
C GLU A 223 11.38 7.97 0.56
N VAL A 224 10.21 8.54 0.31
CA VAL A 224 9.03 8.22 1.10
C VAL A 224 8.52 6.83 0.78
N TYR A 225 8.65 5.89 1.72
CA TYR A 225 8.17 4.53 1.49
C TYR A 225 6.67 4.44 1.78
N GLY A 226 6.21 5.33 2.66
CA GLY A 226 4.81 5.35 3.04
C GLY A 226 4.64 6.23 4.26
N HIS A 227 3.46 6.18 4.86
CA HIS A 227 3.21 7.00 6.03
C HIS A 227 2.78 6.19 7.23
N THR A 228 3.12 6.67 8.43
CA THR A 228 2.73 5.98 9.65
C THR A 228 1.22 5.98 9.72
N ARG A 229 0.66 4.89 10.22
CA ARG A 229 -0.78 4.78 10.35
C ARG A 229 -1.11 5.28 11.76
N SER A 230 -0.34 4.83 12.76
CA SER A 230 -0.54 5.24 14.15
C SER A 230 0.53 4.67 15.08
N TYR A 231 0.05 4.07 16.17
CA TYR A 231 0.91 3.44 17.17
C TYR A 231 1.56 4.33 18.24
N GLU A 232 1.27 5.62 18.19
CA GLU A 232 1.80 6.63 19.12
C GLU A 232 2.02 7.92 18.39
N PHE A 233 2.13 7.83 17.07
CA PHE A 233 2.35 9.03 16.27
C PHE A 233 1.07 9.84 16.16
N TYR A 234 0.46 10.08 17.31
CA TYR A 234 -0.76 10.83 17.45
C TYR A 234 -0.66 12.24 16.88
N GLY A 235 -1.68 12.66 16.13
CA GLY A 235 -1.69 14.00 15.57
C GLY A 235 -1.26 14.12 14.12
N SER A 236 -0.78 13.03 13.53
CA SER A 236 -0.36 13.05 12.14
C SER A 236 0.04 11.70 11.56
N GLU A 237 0.18 11.69 10.25
CA GLU A 237 0.59 10.53 9.49
C GLU A 237 1.96 11.00 9.03
N VAL A 238 2.98 10.64 9.80
CA VAL A 238 4.35 11.04 9.50
C VAL A 238 4.98 10.20 8.39
N PRO A 239 5.80 10.81 7.54
CA PRO A 239 6.42 10.05 6.46
C PRO A 239 7.61 9.24 6.95
N ILE A 240 7.71 8.01 6.47
CA ILE A 240 8.82 7.11 6.79
C ILE A 240 9.65 7.40 5.54
N ALA A 241 10.73 8.15 5.70
CA ALA A 241 11.53 8.52 4.53
C ALA A 241 12.99 8.09 4.50
N GLY A 242 13.44 7.31 5.46
CA GLY A 242 14.82 6.89 5.45
C GLY A 242 15.01 5.50 6.05
N MET A 243 15.84 4.68 5.41
CA MET A 243 16.11 3.32 5.87
C MET A 243 17.52 2.89 5.53
N ALA A 244 18.12 2.07 6.40
CA ALA A 244 19.48 1.58 6.14
C ALA A 244 20.00 0.68 7.26
N GLY A 245 20.91 -0.22 6.90
CA GLY A 245 21.50 -1.09 7.90
C GLY A 245 22.26 -0.15 8.81
N ASP A 246 22.27 -0.45 10.10
CA ASP A 246 22.97 0.43 11.03
C ASP A 246 24.36 0.85 10.57
N GLN A 247 25.18 -0.12 10.17
CA GLN A 247 26.53 0.17 9.74
C GLN A 247 26.62 1.15 8.57
N GLN A 248 25.74 0.97 7.59
CA GLN A 248 25.75 1.86 6.44
C GLN A 248 25.21 3.21 6.82
N ALA A 249 24.22 3.23 7.72
CA ALA A 249 23.66 4.50 8.12
C ALA A 249 24.70 5.24 8.94
N ALA A 250 25.63 4.49 9.53
CA ALA A 250 26.69 5.09 10.33
C ALA A 250 27.77 5.67 9.42
N LEU A 251 27.98 5.04 8.27
CA LEU A 251 28.96 5.52 7.29
C LEU A 251 28.45 6.88 6.82
N PHE A 252 27.14 6.94 6.58
CA PHE A 252 26.47 8.14 6.11
C PHE A 252 26.53 9.27 7.15
N GLY A 253 26.18 8.96 8.40
CA GLY A 253 26.22 9.96 9.45
C GLY A 253 27.61 10.49 9.73
N GLN A 254 28.61 9.80 9.22
CA GLN A 254 30.00 10.20 9.40
C GLN A 254 30.36 11.06 8.19
N MET A 255 29.41 11.19 7.29
CA MET A 255 29.59 11.95 6.06
C MET A 255 30.68 11.34 5.19
N ALA A 256 30.76 10.01 5.21
CA ALA A 256 31.73 9.29 4.39
C ALA A 256 31.06 9.09 3.04
N PHE A 257 30.85 10.21 2.35
CA PHE A 257 30.18 10.25 1.06
C PHE A 257 31.08 9.95 -0.13
N GLU A 258 32.38 10.17 -0.01
CA GLU A 258 33.26 9.97 -1.15
C GLU A 258 34.12 8.72 -1.03
N LYS A 259 34.44 8.14 -2.18
CA LYS A 259 35.25 6.93 -2.25
C LYS A 259 36.52 7.04 -1.38
N GLY A 260 36.78 6.01 -0.59
CA GLY A 260 37.96 6.05 0.26
C GLY A 260 37.69 6.52 1.68
N MET A 261 36.66 7.31 1.89
CA MET A 261 36.39 7.77 3.25
C MET A 261 35.96 6.52 4.01
N ILE A 262 36.58 6.31 5.15
CA ILE A 262 36.32 5.11 5.95
C ILE A 262 36.12 5.40 7.43
N LYS A 263 35.22 4.64 8.05
CA LYS A 263 34.95 4.79 9.47
C LYS A 263 34.88 3.41 10.12
N ASN A 264 34.63 3.37 11.42
CA ASN A 264 34.53 2.11 12.15
C ASN A 264 33.59 2.37 13.30
N THR A 265 32.64 1.46 13.54
CA THR A 265 31.69 1.65 14.64
C THR A 265 31.92 0.63 15.75
N TYR A 266 32.10 1.12 16.97
CA TYR A 266 32.33 0.24 18.10
C TYR A 266 31.10 -0.04 18.93
N GLY A 267 30.40 -1.13 18.60
CA GLY A 267 29.20 -1.51 19.32
C GLY A 267 29.29 -2.95 19.78
N THR A 268 28.18 -3.68 19.71
CA THR A 268 28.17 -5.09 20.10
C THR A 268 29.30 -5.78 19.38
N GLY A 269 29.44 -5.45 18.10
CA GLY A 269 30.53 -5.97 17.31
C GLY A 269 31.21 -4.69 16.81
N ALA A 270 32.22 -4.83 15.96
CA ALA A 270 32.90 -3.67 15.40
C ALA A 270 32.87 -3.85 13.90
N PHE A 271 32.51 -2.80 13.17
CA PHE A 271 32.46 -2.91 11.73
C PHE A 271 33.15 -1.76 10.99
N ILE A 272 34.15 -2.12 10.19
CA ILE A 272 34.92 -1.17 9.39
C ILE A 272 34.21 -1.09 8.04
N VAL A 273 33.83 0.12 7.65
CA VAL A 273 33.15 0.30 6.36
C VAL A 273 33.76 1.43 5.54
N MET A 274 34.18 1.09 4.32
CA MET A 274 34.78 2.08 3.46
C MET A 274 33.92 2.31 2.24
N ASN A 275 33.66 3.57 1.95
CA ASN A 275 32.88 3.95 0.80
C ASN A 275 33.78 3.70 -0.41
N THR A 276 33.29 2.97 -1.40
CA THR A 276 34.09 2.69 -2.58
C THR A 276 33.48 3.26 -3.85
N GLY A 277 32.67 4.30 -3.69
CA GLY A 277 32.02 4.94 -4.83
C GLY A 277 31.15 4.02 -5.66
N GLU A 278 30.69 4.55 -6.80
CA GLU A 278 29.82 3.82 -7.72
C GLU A 278 30.33 2.51 -8.33
N GLU A 279 31.60 2.17 -8.12
CA GLU A 279 32.17 0.92 -8.65
C GLU A 279 32.25 -0.12 -7.54
N PRO A 280 31.55 -1.26 -7.68
CA PRO A 280 31.53 -2.34 -6.69
C PRO A 280 32.88 -2.99 -6.37
N GLN A 281 33.88 -2.16 -6.11
CA GLN A 281 35.24 -2.56 -5.75
C GLN A 281 35.79 -3.88 -6.31
N LEU A 282 36.83 -3.75 -7.13
CA LEU A 282 37.49 -4.90 -7.73
C LEU A 282 38.60 -5.38 -6.78
N SER A 283 38.43 -6.60 -6.26
CA SER A 283 39.36 -7.23 -5.32
C SER A 283 38.87 -6.98 -3.90
N ASP A 284 38.46 -8.05 -3.24
CA ASP A 284 37.95 -7.94 -1.89
C ASP A 284 38.17 -9.25 -1.13
N ASN A 285 39.32 -9.87 -1.35
CA ASN A 285 39.59 -11.13 -0.66
C ASN A 285 39.63 -10.86 0.84
N ASP A 286 38.96 -11.73 1.59
CA ASP A 286 38.90 -11.65 3.05
C ASP A 286 37.96 -10.57 3.60
N LEU A 287 37.33 -9.78 2.73
CA LEU A 287 36.39 -8.73 3.16
C LEU A 287 35.01 -8.91 2.52
N LEU A 288 34.11 -7.97 2.77
CA LEU A 288 32.77 -8.03 2.18
C LEU A 288 32.53 -6.86 1.26
N THR A 289 31.91 -7.13 0.12
CA THR A 289 31.56 -6.06 -0.81
C THR A 289 30.07 -5.93 -0.65
N THR A 290 29.62 -4.77 -0.22
CA THR A 290 28.20 -4.58 -0.01
C THR A 290 27.76 -3.22 -0.56
N ILE A 291 26.46 -2.95 -0.48
CA ILE A 291 25.96 -1.65 -0.92
C ILE A 291 25.98 -0.70 0.28
N GLY A 292 26.51 0.50 0.07
CA GLY A 292 26.57 1.47 1.15
C GLY A 292 25.20 2.12 1.24
N TYR A 293 24.75 2.64 0.10
CA TYR A 293 23.45 3.29 0.06
C TYR A 293 23.15 3.81 -1.33
N GLY A 294 21.86 3.91 -1.64
CA GLY A 294 21.42 4.39 -2.92
C GLY A 294 20.64 5.68 -2.71
N ILE A 295 21.18 6.77 -3.25
CA ILE A 295 20.56 8.09 -3.11
C ILE A 295 20.71 8.84 -4.43
N ASN A 296 19.90 9.89 -4.60
CA ASN A 296 19.97 10.71 -5.81
C ASN A 296 20.06 9.91 -7.11
N GLY A 297 19.36 8.78 -7.19
CA GLY A 297 19.38 7.98 -8.40
C GLY A 297 20.66 7.20 -8.68
N LYS A 298 21.58 7.18 -7.74
CA LYS A 298 22.83 6.43 -7.92
C LYS A 298 22.98 5.43 -6.79
N VAL A 299 23.88 4.48 -6.95
CA VAL A 299 24.12 3.47 -5.92
C VAL A 299 25.59 3.46 -5.52
N TYR A 300 25.86 3.75 -4.25
CA TYR A 300 27.25 3.79 -3.77
C TYR A 300 27.57 2.51 -3.01
N TYR A 301 28.66 1.86 -3.42
CA TYR A 301 29.10 0.61 -2.80
C TYR A 301 30.10 0.78 -1.68
N ALA A 302 30.35 -0.31 -0.96
CA ALA A 302 31.29 -0.27 0.15
C ALA A 302 32.05 -1.56 0.37
N LEU A 303 33.20 -1.44 1.03
CA LEU A 303 34.08 -2.55 1.41
C LEU A 303 33.84 -2.65 2.92
N GLU A 304 33.55 -3.84 3.45
CA GLU A 304 33.31 -3.98 4.88
C GLU A 304 34.14 -5.05 5.59
N GLY A 305 34.61 -4.71 6.78
CA GLY A 305 35.39 -5.64 7.58
C GLY A 305 34.61 -5.93 8.85
N SER A 306 34.12 -7.17 8.98
CA SER A 306 33.31 -7.56 10.13
C SER A 306 34.06 -8.18 11.31
N ILE A 307 33.81 -7.65 12.51
CA ILE A 307 34.42 -8.15 13.74
C ILE A 307 33.23 -8.37 14.67
N PHE A 308 32.63 -9.55 14.54
CA PHE A 308 31.43 -9.95 15.27
C PHE A 308 31.39 -9.65 16.75
N VAL A 309 32.44 -10.05 17.46
CA VAL A 309 32.53 -9.85 18.90
C VAL A 309 33.44 -8.68 19.26
N ALA A 310 32.85 -7.65 19.86
CA ALA A 310 33.57 -6.45 20.30
C ALA A 310 33.04 -6.03 21.67
N GLY A 311 31.82 -5.51 21.69
CA GLY A 311 31.22 -5.08 22.95
C GLY A 311 30.68 -6.29 23.69
N SER A 312 30.34 -7.33 22.93
CA SER A 312 29.83 -8.56 23.52
C SER A 312 30.93 -9.24 24.34
N ALA A 313 32.19 -9.03 23.98
CA ALA A 313 33.25 -9.64 24.77
C ALA A 313 33.22 -8.98 26.15
N ILE A 314 32.93 -7.69 26.19
CA ILE A 314 32.88 -7.00 27.47
C ILE A 314 31.66 -7.43 28.27
N GLN A 315 30.54 -7.67 27.59
CA GLN A 315 29.34 -8.09 28.29
C GLN A 315 29.55 -9.51 28.85
N TRP A 316 30.43 -10.28 28.22
CA TRP A 316 30.72 -11.64 28.68
C TRP A 316 31.46 -11.57 30.01
N LEU A 317 32.30 -10.56 30.16
CA LEU A 317 33.08 -10.37 31.37
C LEU A 317 32.17 -10.00 32.54
N ARG A 318 31.05 -9.37 32.22
CA ARG A 318 30.10 -8.94 33.24
C ARG A 318 29.10 -10.05 33.57
N ASP A 319 28.54 -10.66 32.53
CA ASP A 319 27.55 -11.72 32.71
C ASP A 319 28.06 -13.15 32.74
N GLY A 320 29.16 -13.41 32.02
CA GLY A 320 29.69 -14.76 31.97
C GLY A 320 30.72 -15.13 33.02
N LEU A 321 31.79 -14.35 33.11
CA LEU A 321 32.85 -14.61 34.08
C LEU A 321 32.64 -13.82 35.36
N ARG A 322 31.64 -12.94 35.36
CA ARG A 322 31.33 -12.11 36.52
C ARG A 322 32.61 -11.48 37.08
N MET A 323 33.50 -11.09 36.18
CA MET A 323 34.78 -10.48 36.50
C MET A 323 34.64 -8.98 36.78
N ILE A 324 33.65 -8.36 36.13
CA ILE A 324 33.41 -6.93 36.28
C ILE A 324 31.96 -6.66 36.69
N GLU A 325 31.78 -5.72 37.61
CA GLU A 325 30.46 -5.35 38.12
C GLU A 325 29.54 -4.90 36.98
N THR A 326 29.95 -3.86 36.25
CA THR A 326 29.17 -3.36 35.11
C THR A 326 30.11 -3.19 33.92
N SER A 327 29.56 -3.12 32.72
CA SER A 327 30.37 -2.96 31.51
C SER A 327 31.29 -1.74 31.58
N PRO A 328 30.74 -0.59 31.97
CA PRO A 328 31.54 0.64 32.07
C PRO A 328 32.76 0.52 32.99
N GLN A 329 32.76 -0.48 33.86
CA GLN A 329 33.88 -0.68 34.79
C GLN A 329 35.13 -1.24 34.07
N SER A 330 35.02 -1.46 32.76
CA SER A 330 36.14 -1.97 31.97
C SER A 330 37.30 -1.00 31.90
N GLU A 331 37.02 0.19 31.35
CA GLU A 331 38.04 1.21 31.20
C GLU A 331 38.82 1.42 32.51
N GLU A 332 38.09 1.60 33.60
CA GLU A 332 38.73 1.81 34.90
C GLU A 332 39.68 0.65 35.23
N LEU A 333 39.16 -0.58 35.19
CA LEU A 333 40.00 -1.74 35.46
C LEU A 333 41.16 -1.82 34.49
N ALA A 334 40.88 -1.69 33.20
CA ALA A 334 41.93 -1.74 32.18
C ALA A 334 43.00 -0.68 32.45
N ALA A 335 42.56 0.55 32.64
CA ALA A 335 43.49 1.65 32.91
C ALA A 335 44.47 1.33 34.04
N LYS A 336 44.02 0.59 35.05
CA LYS A 336 44.89 0.25 36.17
C LYS A 336 45.90 -0.85 35.83
N ALA A 337 45.77 -1.47 34.67
CA ALA A 337 46.68 -2.56 34.28
C ALA A 337 48.13 -2.29 34.63
N LYS A 338 48.79 -3.29 35.18
CA LYS A 338 50.18 -3.19 35.59
C LYS A 338 51.10 -4.07 34.74
N GLY A 339 50.58 -5.19 34.25
CA GLY A 339 51.37 -6.12 33.46
C GLY A 339 52.15 -5.59 32.27
N ASP A 340 53.06 -6.42 31.75
CA ASP A 340 53.92 -6.07 30.62
C ASP A 340 53.22 -6.03 29.25
N ASN A 341 51.89 -6.11 29.26
CA ASN A 341 51.10 -6.05 28.03
C ASN A 341 51.36 -7.17 27.02
N GLU A 342 51.78 -8.35 27.47
CA GLU A 342 52.03 -9.44 26.53
C GLU A 342 50.97 -10.54 26.65
N VAL A 343 49.83 -10.19 27.25
CA VAL A 343 48.72 -11.13 27.39
C VAL A 343 47.77 -10.77 26.27
N TYR A 344 47.35 -11.78 25.51
CA TYR A 344 46.44 -11.58 24.37
C TYR A 344 45.14 -12.34 24.53
N VAL A 345 44.04 -11.71 24.14
CA VAL A 345 42.73 -12.34 24.19
C VAL A 345 42.09 -12.27 22.82
N VAL A 346 41.79 -13.43 22.26
CA VAL A 346 41.15 -13.52 20.95
C VAL A 346 39.73 -14.04 21.22
N PRO A 347 38.76 -13.13 21.40
CA PRO A 347 37.33 -13.40 21.69
C PRO A 347 36.47 -13.90 20.54
N ALA A 348 37.01 -14.84 19.76
CA ALA A 348 36.30 -15.42 18.62
C ALA A 348 35.25 -16.43 19.06
N PHE A 349 34.37 -16.01 19.96
CA PHE A 349 33.32 -16.86 20.50
C PHE A 349 32.63 -17.73 19.46
N THR A 350 32.32 -17.13 18.33
CA THR A 350 31.61 -17.82 17.27
C THR A 350 32.40 -17.91 15.99
N GLY A 351 33.72 -17.83 16.10
CA GLY A 351 34.57 -17.88 14.92
C GLY A 351 35.17 -16.53 14.67
N LEU A 352 36.29 -16.53 13.95
CA LEU A 352 37.00 -15.30 13.63
C LEU A 352 36.38 -14.67 12.39
N GLY A 353 36.05 -13.39 12.47
CA GLY A 353 35.48 -12.70 11.32
C GLY A 353 36.59 -12.14 10.44
N ALA A 354 36.29 -11.09 9.68
CA ALA A 354 37.25 -10.47 8.78
C ALA A 354 38.57 -10.17 9.48
N PRO A 355 39.71 -10.49 8.85
CA PRO A 355 39.82 -11.11 7.53
C PRO A 355 40.05 -12.61 7.60
N TYR A 356 39.72 -13.21 8.73
CA TYR A 356 39.94 -14.64 8.89
C TYR A 356 38.77 -15.49 8.43
N TRP A 357 37.56 -15.10 8.79
CA TRP A 357 36.39 -15.86 8.37
C TRP A 357 36.64 -17.35 8.61
N ASP A 358 36.88 -17.71 9.87
CA ASP A 358 37.14 -19.10 10.25
C ASP A 358 36.16 -19.53 11.34
N SER A 359 35.10 -20.20 10.92
CA SER A 359 34.05 -20.64 11.82
C SER A 359 34.44 -21.73 12.78
N GLU A 360 35.62 -22.29 12.63
CA GLU A 360 36.03 -23.36 13.53
C GLU A 360 36.92 -22.88 14.68
N ALA A 361 36.97 -21.56 14.87
CA ALA A 361 37.76 -20.98 15.93
C ALA A 361 36.89 -20.59 17.13
N ARG A 362 37.49 -20.51 18.30
CA ARG A 362 36.75 -20.12 19.49
C ARG A 362 37.60 -19.18 20.33
N GLY A 363 36.98 -18.52 21.31
CA GLY A 363 37.71 -17.62 22.18
C GLY A 363 38.93 -18.27 22.81
N ALA A 364 40.05 -17.55 22.80
CA ALA A 364 41.27 -18.08 23.36
C ALA A 364 42.05 -17.00 24.11
N VAL A 365 42.98 -17.41 24.96
CA VAL A 365 43.80 -16.47 25.72
C VAL A 365 45.22 -17.02 25.73
N PHE A 366 46.19 -16.13 25.59
CA PHE A 366 47.62 -16.50 25.54
C PHE A 366 48.46 -15.60 26.40
N GLY A 367 49.68 -16.07 26.68
CA GLY A 367 50.63 -15.32 27.46
C GLY A 367 50.43 -15.22 28.95
N LEU A 368 49.45 -15.96 29.48
CA LEU A 368 49.18 -15.93 30.92
C LEU A 368 50.35 -16.38 31.80
N THR A 369 50.62 -15.61 32.85
CA THR A 369 51.69 -15.91 33.81
C THR A 369 51.09 -15.85 35.20
N ARG A 370 51.92 -15.92 36.24
CA ARG A 370 51.44 -15.89 37.61
C ARG A 370 51.03 -14.49 38.00
N GLY A 371 51.76 -13.50 37.49
CA GLY A 371 51.45 -12.12 37.81
C GLY A 371 50.25 -11.56 37.06
N THR A 372 49.80 -12.28 36.03
CA THR A 372 48.68 -11.80 35.25
C THR A 372 47.57 -11.53 36.25
N THR A 373 46.97 -10.33 36.15
CA THR A 373 45.90 -9.91 37.07
C THR A 373 44.56 -9.70 36.34
N LYS A 374 43.50 -9.44 37.10
CA LYS A 374 42.19 -9.19 36.51
C LYS A 374 42.32 -8.01 35.54
N GLU A 375 43.01 -6.97 35.99
CA GLU A 375 43.25 -5.77 35.18
C GLU A 375 43.87 -6.12 33.86
N ASP A 376 44.96 -6.88 33.90
CA ASP A 376 45.63 -7.30 32.67
C ASP A 376 44.65 -8.00 31.73
N PHE A 377 43.87 -8.91 32.29
CA PHE A 377 42.89 -9.69 31.54
C PHE A 377 41.84 -8.79 30.91
N VAL A 378 41.38 -7.79 31.65
CA VAL A 378 40.36 -6.90 31.10
C VAL A 378 40.95 -6.07 29.96
N ARG A 379 42.13 -5.51 30.18
CA ARG A 379 42.80 -4.71 29.17
C ARG A 379 42.93 -5.51 27.88
N ALA A 380 43.41 -6.75 28.01
CA ALA A 380 43.59 -7.61 26.85
C ALA A 380 42.30 -7.77 26.04
N THR A 381 41.20 -8.01 26.75
CA THR A 381 39.91 -8.17 26.11
C THR A 381 39.49 -6.92 25.33
N LEU A 382 39.84 -5.75 25.87
CA LEU A 382 39.50 -4.49 25.22
C LEU A 382 40.34 -4.22 23.98
N GLN A 383 41.65 -4.41 24.10
CA GLN A 383 42.56 -4.17 22.98
C GLN A 383 42.31 -5.05 21.77
N ALA A 384 41.70 -6.22 21.98
CA ALA A 384 41.43 -7.15 20.89
C ALA A 384 40.82 -6.48 19.66
N VAL A 385 39.75 -5.70 19.87
CA VAL A 385 39.11 -5.03 18.74
C VAL A 385 40.05 -4.02 18.10
N ALA A 386 40.92 -3.41 18.89
CA ALA A 386 41.86 -2.45 18.34
C ALA A 386 42.75 -3.24 17.38
N TYR A 387 43.16 -4.43 17.84
CA TYR A 387 44.02 -5.30 17.04
C TYR A 387 43.33 -5.81 15.78
N GLN A 388 42.13 -6.36 15.92
CA GLN A 388 41.46 -6.88 14.74
C GLN A 388 41.12 -5.76 13.76
N SER A 389 40.92 -4.56 14.27
CA SER A 389 40.62 -3.42 13.40
C SER A 389 41.82 -3.16 12.48
N LYS A 390 43.03 -3.29 13.03
CA LYS A 390 44.22 -3.10 12.22
C LYS A 390 44.26 -4.21 11.17
N ASP A 391 43.94 -5.45 11.56
CA ASP A 391 43.93 -6.54 10.60
C ASP A 391 43.07 -6.16 9.41
N VAL A 392 41.87 -5.66 9.71
CA VAL A 392 40.92 -5.29 8.69
C VAL A 392 41.36 -4.11 7.84
N ILE A 393 41.94 -3.09 8.46
CA ILE A 393 42.40 -1.91 7.74
C ILE A 393 43.55 -2.31 6.80
N ASP A 394 44.46 -3.15 7.29
CA ASP A 394 45.58 -3.58 6.47
C ASP A 394 45.09 -4.39 5.28
N THR A 395 44.05 -5.19 5.47
CA THR A 395 43.56 -5.97 4.34
C THR A 395 42.93 -5.05 3.32
N MET A 396 42.28 -3.98 3.77
CA MET A 396 41.67 -3.04 2.86
C MET A 396 42.69 -2.36 1.96
N LYS A 397 43.87 -2.05 2.49
CA LYS A 397 44.89 -1.41 1.66
C LYS A 397 45.39 -2.41 0.63
N LYS A 398 45.78 -3.60 1.09
CA LYS A 398 46.26 -4.61 0.15
C LYS A 398 45.25 -4.85 -0.97
N ASP A 399 43.97 -4.95 -0.62
CA ASP A 399 42.93 -5.20 -1.61
C ASP A 399 42.62 -4.07 -2.58
N SER A 400 42.45 -2.86 -2.05
CA SER A 400 42.08 -1.69 -2.85
C SER A 400 43.22 -0.77 -3.24
N GLY A 401 44.36 -0.89 -2.59
CA GLY A 401 45.46 -0.02 -2.92
C GLY A 401 45.22 1.42 -2.52
N ILE A 402 44.11 1.68 -1.83
CA ILE A 402 43.80 3.04 -1.39
C ILE A 402 44.64 3.33 -0.14
N ASP A 403 44.87 4.60 0.16
CA ASP A 403 45.65 4.95 1.34
C ASP A 403 44.69 5.40 2.44
N ILE A 404 44.94 4.95 3.66
CA ILE A 404 44.06 5.29 4.78
C ILE A 404 44.76 6.16 5.81
N PRO A 405 44.75 7.49 5.60
CA PRO A 405 45.40 8.41 6.54
C PRO A 405 44.60 8.72 7.82
N LEU A 406 43.28 8.58 7.74
CA LEU A 406 42.42 8.87 8.89
C LEU A 406 41.32 7.83 9.00
N LEU A 407 40.84 7.61 10.21
CA LEU A 407 39.74 6.67 10.44
C LEU A 407 38.73 7.35 11.33
N LYS A 408 37.55 7.63 10.79
CA LYS A 408 36.51 8.24 11.63
C LYS A 408 35.93 7.10 12.46
N VAL A 409 35.70 7.35 13.75
CA VAL A 409 35.14 6.30 14.61
C VAL A 409 33.92 6.76 15.36
N ASP A 410 33.18 5.80 15.88
CA ASP A 410 31.96 6.10 16.60
C ASP A 410 31.44 4.85 17.30
N GLY A 411 30.35 5.00 18.05
CA GLY A 411 29.78 3.88 18.76
C GLY A 411 30.06 3.99 20.23
N GLY A 412 29.26 3.31 21.04
CA GLY A 412 29.44 3.35 22.47
C GLY A 412 30.89 3.19 22.93
N ALA A 413 31.49 2.06 22.58
CA ALA A 413 32.86 1.81 22.99
C ALA A 413 33.84 2.93 22.63
N ALA A 414 33.51 3.73 21.63
CA ALA A 414 34.40 4.81 21.23
C ALA A 414 34.51 5.89 22.32
N LYS A 415 33.72 5.74 23.38
CA LYS A 415 33.76 6.69 24.49
C LYS A 415 35.12 6.59 25.17
N ASN A 416 35.66 5.37 25.19
CA ASN A 416 36.95 5.05 25.81
C ASN A 416 38.15 5.75 25.18
N ASP A 417 38.60 6.84 25.79
CA ASP A 417 39.74 7.60 25.29
C ASP A 417 41.02 6.76 25.25
N LEU A 418 41.18 5.88 26.23
CA LEU A 418 42.34 5.02 26.28
C LEU A 418 42.31 4.01 25.13
N LEU A 419 41.14 3.43 24.87
CA LEU A 419 40.99 2.47 23.79
C LEU A 419 41.19 3.18 22.46
N MET A 420 40.60 4.37 22.31
CA MET A 420 40.74 5.13 21.07
C MET A 420 42.20 5.56 20.87
N GLN A 421 42.90 5.89 21.96
CA GLN A 421 44.29 6.27 21.82
C GLN A 421 45.05 5.03 21.36
N PHE A 422 44.79 3.92 22.05
CA PHE A 422 45.45 2.67 21.71
C PHE A 422 45.22 2.36 20.24
N GLN A 423 43.99 2.56 19.78
CA GLN A 423 43.67 2.30 18.38
C GLN A 423 44.57 3.14 17.46
N ALA A 424 44.69 4.43 17.78
CA ALA A 424 45.53 5.31 16.98
C ALA A 424 46.96 4.81 16.99
N ASP A 425 47.49 4.57 18.19
CA ASP A 425 48.87 4.11 18.32
C ASP A 425 49.11 2.84 17.47
N ILE A 426 48.31 1.81 17.68
CA ILE A 426 48.49 0.58 16.93
C ILE A 426 48.42 0.77 15.41
N LEU A 427 47.40 1.49 14.96
CA LEU A 427 47.22 1.73 13.52
C LEU A 427 48.28 2.64 12.96
N ASP A 428 48.78 3.54 13.80
CA ASP A 428 49.79 4.51 13.38
C ASP A 428 49.18 5.50 12.39
N ILE A 429 47.91 5.80 12.57
CA ILE A 429 47.20 6.75 11.74
C ILE A 429 46.25 7.51 12.65
N ASP A 430 45.69 8.61 12.15
CA ASP A 430 44.78 9.43 12.95
C ASP A 430 43.41 8.81 13.14
N VAL A 431 42.85 9.01 14.32
CA VAL A 431 41.54 8.50 14.66
C VAL A 431 40.71 9.68 15.10
N GLN A 432 39.59 9.93 14.43
CA GLN A 432 38.75 11.06 14.75
C GLN A 432 37.36 10.62 15.21
N ARG A 433 37.12 10.71 16.51
CA ARG A 433 35.85 10.32 17.09
C ARG A 433 34.79 11.31 16.68
N ALA A 434 33.62 10.82 16.31
CA ALA A 434 32.52 11.69 15.91
C ALA A 434 32.12 12.58 17.07
N ALA A 435 31.73 13.82 16.77
CA ALA A 435 31.30 14.75 17.80
C ALA A 435 30.30 14.03 18.70
N ASN A 436 29.26 13.47 18.10
CA ASN A 436 28.24 12.72 18.82
C ASN A 436 28.41 11.26 18.43
N LEU A 437 28.60 10.39 19.42
CA LEU A 437 28.80 8.96 19.14
C LEU A 437 27.60 8.17 18.58
N GLU A 438 26.43 8.77 18.50
CA GLU A 438 25.36 8.03 17.87
C GLU A 438 25.17 8.58 16.47
N THR A 439 26.23 8.39 15.72
CA THR A 439 26.32 8.67 14.30
C THR A 439 25.35 7.82 13.49
N THR A 440 25.02 6.63 14.01
CA THR A 440 24.10 5.71 13.36
C THR A 440 22.71 6.29 13.22
N ALA A 441 22.13 6.75 14.33
CA ALA A 441 20.80 7.32 14.32
C ALA A 441 20.79 8.61 13.52
N LEU A 442 21.94 9.29 13.51
CA LEU A 442 22.11 10.55 12.79
C LEU A 442 22.05 10.32 11.28
N GLY A 443 22.77 9.33 10.79
CA GLY A 443 22.76 9.03 9.38
C GLY A 443 21.37 8.69 8.92
N ALA A 444 20.62 7.98 9.77
CA ALA A 444 19.25 7.62 9.47
C ALA A 444 18.40 8.89 9.35
N ALA A 445 18.64 9.84 10.27
CA ALA A 445 17.91 11.10 10.26
C ALA A 445 18.26 11.89 9.01
N TYR A 446 19.53 11.82 8.61
CA TYR A 446 19.95 12.53 7.41
C TYR A 446 19.22 11.96 6.22
N LEU A 447 19.24 10.64 6.08
CA LEU A 447 18.55 10.03 4.94
C LEU A 447 17.09 10.47 4.90
N ALA A 448 16.41 10.44 6.05
CA ALA A 448 15.01 10.84 6.12
C ALA A 448 14.83 12.34 5.84
N GLY A 449 15.68 13.15 6.46
CA GLY A 449 15.61 14.59 6.28
C GLY A 449 15.75 15.03 4.83
N LEU A 450 16.78 14.51 4.16
CA LEU A 450 17.04 14.82 2.78
C LEU A 450 15.83 14.55 1.91
N ALA A 451 15.18 13.42 2.14
CA ALA A 451 14.03 13.03 1.35
C ALA A 451 12.79 13.90 1.47
N VAL A 452 12.49 14.41 2.66
CA VAL A 452 11.31 15.22 2.84
C VAL A 452 11.56 16.72 2.62
N GLY A 453 12.82 17.12 2.54
CA GLY A 453 13.14 18.52 2.32
C GLY A 453 13.66 19.24 3.54
N PHE A 454 13.74 18.50 4.66
CA PHE A 454 14.25 19.04 5.92
C PHE A 454 15.62 19.68 5.67
N TRP A 455 16.42 19.02 4.84
CA TRP A 455 17.74 19.51 4.47
C TRP A 455 17.75 19.46 2.94
N LYS A 456 18.42 20.39 2.28
CA LYS A 456 18.41 20.40 0.83
C LYS A 456 19.22 19.31 0.15
N ASP A 457 20.52 19.25 0.41
CA ASP A 457 21.36 18.25 -0.24
C ASP A 457 22.61 17.92 0.57
N LEU A 458 23.46 17.04 0.03
CA LEU A 458 24.68 16.67 0.72
C LEU A 458 25.63 17.84 0.87
N ASP A 459 25.07 19.04 0.95
CA ASP A 459 25.85 20.26 1.13
C ASP A 459 25.34 20.92 2.40
N GLU A 460 24.04 21.18 2.45
CA GLU A 460 23.42 21.78 3.62
C GLU A 460 23.52 20.76 4.74
N LEU A 461 24.43 19.80 4.55
CA LEU A 461 24.69 18.73 5.49
C LEU A 461 26.15 18.83 5.87
N LYS A 462 27.01 18.87 4.87
CA LYS A 462 28.44 18.99 5.12
C LYS A 462 28.66 20.30 5.88
N SER A 463 27.73 21.22 5.74
CA SER A 463 27.83 22.51 6.41
C SER A 463 27.91 22.34 7.92
N MET A 464 27.02 21.52 8.49
CA MET A 464 27.03 21.29 9.93
C MET A 464 28.05 20.25 10.33
N ALA A 465 29.21 20.27 9.68
CA ALA A 465 30.27 19.33 9.96
C ALA A 465 30.94 19.61 11.31
N GLU A 466 30.13 19.66 12.36
CA GLU A 466 30.64 19.90 13.71
C GLU A 466 31.33 18.63 14.21
N GLU A 467 32.63 18.50 13.95
CA GLU A 467 33.36 17.31 14.37
C GLU A 467 34.60 17.59 15.20
N GLY A 468 34.89 16.69 16.14
CA GLY A 468 36.05 16.86 17.00
C GLY A 468 36.42 15.64 17.83
N GLN A 469 37.57 15.73 18.49
CA GLN A 469 38.15 14.69 19.34
C GLN A 469 39.03 13.79 18.50
N MET A 470 40.21 14.30 18.15
CA MET A 470 41.14 13.53 17.35
C MET A 470 42.20 12.87 18.21
N PHE A 471 42.68 11.72 17.76
CA PHE A 471 43.70 10.96 18.46
C PHE A 471 44.85 10.78 17.49
N THR A 472 46.04 11.21 17.89
CA THR A 472 47.20 11.08 17.02
C THR A 472 48.14 10.00 17.52
N PRO A 473 48.85 9.34 16.60
CA PRO A 473 49.78 8.30 17.04
C PRO A 473 50.88 8.92 17.91
N GLU A 474 51.23 8.25 19.00
CA GLU A 474 52.28 8.74 19.89
C GLU A 474 53.13 7.59 20.41
N MET A 475 52.76 6.38 20.03
CA MET A 475 53.47 5.19 20.47
C MET A 475 54.71 4.95 19.59
N PRO A 476 55.86 4.63 20.22
CA PRO A 476 57.07 4.39 19.42
C PRO A 476 56.80 3.22 18.46
N ALA A 477 57.61 3.07 17.42
CA ALA A 477 57.41 2.00 16.46
C ALA A 477 57.82 0.64 17.02
N GLU A 478 58.93 0.61 17.73
CA GLU A 478 59.44 -0.62 18.32
C GLU A 478 58.36 -1.29 19.18
N GLU A 479 57.63 -0.48 19.95
CA GLU A 479 56.56 -1.02 20.80
C GLU A 479 55.35 -1.38 19.94
N ARG A 480 54.92 -0.44 19.11
CA ARG A 480 53.79 -0.66 18.23
C ARG A 480 53.89 -1.98 17.48
N ASP A 481 55.09 -2.31 17.02
CA ASP A 481 55.27 -3.55 16.27
C ASP A 481 55.31 -4.84 17.09
N ASN A 482 55.85 -4.79 18.30
CA ASN A 482 55.86 -6.00 19.12
C ASN A 482 54.41 -6.33 19.42
N LEU A 483 53.70 -5.34 19.97
CA LEU A 483 52.29 -5.52 20.33
C LEU A 483 51.47 -6.17 19.24
N TYR A 484 51.61 -5.69 18.00
CA TYR A 484 50.83 -6.25 16.90
C TYR A 484 51.34 -7.61 16.45
N GLU A 485 52.65 -7.81 16.53
CA GLU A 485 53.23 -9.09 16.13
C GLU A 485 52.71 -10.17 17.07
N GLY A 486 52.62 -9.83 18.36
CA GLY A 486 52.12 -10.78 19.34
C GLY A 486 50.69 -11.17 19.05
N TRP A 487 49.91 -10.22 18.55
CA TRP A 487 48.53 -10.48 18.21
C TRP A 487 48.48 -11.42 17.03
N LYS A 488 49.28 -11.11 16.01
CA LYS A 488 49.26 -11.94 14.83
C LYS A 488 49.56 -13.38 15.24
N GLN A 489 50.55 -13.56 16.10
CA GLN A 489 50.90 -14.90 16.57
C GLN A 489 49.81 -15.55 17.42
N ALA A 490 49.15 -14.76 18.27
CA ALA A 490 48.09 -15.27 19.11
C ALA A 490 46.94 -15.76 18.24
N VAL A 491 46.64 -15.03 17.18
CA VAL A 491 45.54 -15.43 16.31
C VAL A 491 45.92 -16.71 15.58
N ALA A 492 47.18 -16.81 15.20
CA ALA A 492 47.64 -17.98 14.48
C ALA A 492 47.45 -19.24 15.31
N ALA A 493 47.78 -19.16 16.60
CA ALA A 493 47.64 -20.29 17.51
C ALA A 493 46.18 -20.61 17.78
N THR A 494 45.36 -19.56 17.80
CA THR A 494 43.94 -19.74 18.03
C THR A 494 43.35 -20.57 16.90
N GLN A 495 43.85 -20.34 15.69
CA GLN A 495 43.37 -21.05 14.52
C GLN A 495 43.84 -22.50 14.39
N THR A 496 44.90 -22.90 15.10
CA THR A 496 45.34 -24.29 15.00
C THR A 496 44.43 -25.21 15.80
N PHE A 497 43.73 -24.65 16.77
CA PHE A 497 42.80 -25.42 17.59
C PHE A 497 41.44 -25.42 16.88
N LYS A 498 41.16 -26.49 16.13
CA LYS A 498 39.90 -26.56 15.38
C LYS A 498 38.75 -27.34 16.01
N PHE A 499 37.53 -26.88 15.74
CA PHE A 499 36.31 -27.50 16.25
C PHE A 499 35.48 -28.16 15.13
N LYS A 500 34.47 -27.47 14.63
CA LYS A 500 33.67 -28.03 13.53
C LYS A 500 32.71 -29.19 13.84
N ALA A 501 31.93 -29.56 12.83
CA ALA A 501 30.94 -30.64 12.88
C ALA A 501 30.16 -30.76 14.18
N ALA B 2 -19.59 -1.33 21.75
CA ALA B 2 -18.88 -2.02 20.63
C ALA B 2 -17.37 -2.12 20.86
N GLU B 3 -16.71 -0.96 20.82
CA GLU B 3 -15.26 -0.87 20.99
C GLU B 3 -14.74 -0.48 22.39
N LYS B 4 -15.34 0.53 22.99
CA LYS B 4 -14.96 1.04 24.33
C LYS B 4 -15.14 -0.05 25.41
N ASN B 5 -14.18 -0.96 25.51
CA ASN B 5 -14.29 -2.06 26.47
C ASN B 5 -13.20 -2.18 27.53
N TYR B 6 -12.65 -1.05 27.97
CA TYR B 6 -11.62 -1.05 28.99
C TYR B 6 -11.66 0.25 29.79
N VAL B 7 -11.00 0.24 30.94
CA VAL B 7 -10.93 1.40 31.82
C VAL B 7 -9.51 1.46 32.36
N MET B 8 -8.86 2.62 32.21
CA MET B 8 -7.49 2.76 32.70
C MET B 8 -7.42 3.54 34.00
N ALA B 9 -6.62 3.05 34.94
CA ALA B 9 -6.46 3.72 36.21
C ALA B 9 -5.02 4.19 36.30
N ILE B 10 -4.81 5.39 36.84
CA ILE B 10 -3.46 5.93 36.99
C ILE B 10 -3.18 6.15 38.47
N ASP B 11 -2.15 5.50 38.98
CA ASP B 11 -1.78 5.64 40.38
C ASP B 11 -0.45 6.38 40.51
N GLN B 12 -0.51 7.69 40.72
CA GLN B 12 0.70 8.49 40.87
C GLN B 12 1.14 8.42 42.34
N GLY B 13 2.09 7.53 42.63
CA GLY B 13 2.57 7.36 44.00
C GLY B 13 3.72 8.24 44.46
N THR B 14 4.24 7.92 45.65
CA THR B 14 5.33 8.66 46.28
C THR B 14 6.72 8.46 45.66
N THR B 15 7.02 7.26 45.18
CA THR B 15 8.33 7.03 44.56
C THR B 15 8.27 6.44 43.17
N SER B 16 7.05 6.11 42.71
CA SER B 16 6.86 5.55 41.38
C SER B 16 5.44 5.83 40.93
N SER B 17 5.19 5.59 39.64
CA SER B 17 3.87 5.77 39.08
C SER B 17 3.50 4.48 38.38
N ARG B 18 2.20 4.21 38.26
CA ARG B 18 1.73 2.99 37.64
C ARG B 18 0.39 3.21 36.93
N ALA B 19 0.27 2.64 35.74
CA ALA B 19 -0.94 2.75 34.96
C ALA B 19 -1.36 1.32 34.66
N ILE B 20 -2.62 1.00 34.94
CA ILE B 20 -3.13 -0.34 34.68
C ILE B 20 -4.37 -0.21 33.80
N ILE B 21 -4.56 -1.18 32.92
CA ILE B 21 -5.71 -1.20 32.06
C ILE B 21 -6.53 -2.38 32.54
N PHE B 22 -7.80 -2.13 32.81
CA PHE B 22 -8.72 -3.12 33.32
C PHE B 22 -9.83 -3.42 32.31
N ASP B 23 -10.46 -4.57 32.48
CA ASP B 23 -11.56 -4.97 31.62
C ASP B 23 -12.83 -5.00 32.46
N ARG B 24 -13.98 -5.12 31.82
CA ARG B 24 -15.27 -5.14 32.51
C ARG B 24 -15.34 -6.14 33.67
N ASN B 25 -14.39 -7.08 33.74
CA ASN B 25 -14.37 -8.07 34.82
C ASN B 25 -13.39 -7.73 35.96
N GLY B 26 -12.65 -6.64 35.81
CA GLY B 26 -11.70 -6.25 36.84
C GLY B 26 -10.35 -6.89 36.62
N LYS B 27 -10.18 -7.46 35.43
CA LYS B 27 -8.94 -8.12 35.08
C LYS B 27 -7.91 -7.15 34.52
N LYS B 28 -6.66 -7.36 34.93
CA LYS B 28 -5.55 -6.54 34.49
C LYS B 28 -5.09 -7.06 33.14
N ILE B 29 -5.26 -6.25 32.11
CA ILE B 29 -4.89 -6.60 30.75
C ILE B 29 -3.56 -5.93 30.39
N GLY B 30 -3.31 -4.78 30.99
CA GLY B 30 -2.09 -4.04 30.73
C GLY B 30 -1.58 -3.43 31.99
N SER B 31 -0.27 -3.16 32.05
CA SER B 31 0.32 -2.60 33.25
C SER B 31 1.72 -2.07 33.01
N SER B 32 2.09 -1.03 33.75
CA SER B 32 3.40 -0.42 33.60
C SER B 32 3.68 0.48 34.80
N GLN B 33 4.90 0.40 35.32
CA GLN B 33 5.30 1.15 36.49
C GLN B 33 6.66 1.76 36.27
N LYS B 34 6.89 2.96 36.80
CA LYS B 34 8.19 3.61 36.62
C LYS B 34 8.51 4.56 37.77
N GLU B 35 9.74 4.53 38.24
CA GLU B 35 10.17 5.38 39.34
C GLU B 35 10.59 6.75 38.85
N PHE B 36 10.58 7.73 39.75
CA PHE B 36 10.98 9.09 39.41
C PHE B 36 11.76 9.65 40.58
N PRO B 37 12.65 10.63 40.32
CA PRO B 37 13.50 11.28 41.31
C PRO B 37 12.88 11.81 42.58
N GLN B 38 13.59 11.55 43.69
CA GLN B 38 13.20 12.02 45.01
C GLN B 38 14.29 13.02 45.38
N TYR B 39 13.90 14.17 45.93
CA TYR B 39 14.88 15.18 46.32
C TYR B 39 14.89 15.43 47.83
N PHE B 40 16.07 15.65 48.38
CA PHE B 40 16.20 15.87 49.81
C PHE B 40 17.10 17.06 50.08
N PRO B 41 16.60 18.28 49.82
CA PRO B 41 17.36 19.52 50.02
C PRO B 41 18.01 19.61 51.41
N LYS B 42 17.24 19.31 52.44
CA LYS B 42 17.73 19.33 53.82
C LYS B 42 17.13 18.17 54.58
N SER B 43 17.75 17.81 55.70
CA SER B 43 17.25 16.72 56.52
C SER B 43 15.80 17.06 56.88
N GLY B 44 14.90 16.09 56.75
CA GLY B 44 13.51 16.32 57.06
C GLY B 44 12.69 16.78 55.87
N TRP B 45 13.37 17.35 54.87
CA TRP B 45 12.76 17.86 53.64
C TRP B 45 12.62 16.81 52.55
N VAL B 46 11.47 16.79 51.87
CA VAL B 46 11.23 15.86 50.78
C VAL B 46 10.51 16.52 49.61
N GLU B 47 11.17 16.61 48.47
CA GLU B 47 10.54 17.25 47.31
C GLU B 47 10.48 16.37 46.07
N HIS B 48 9.58 16.74 45.17
CA HIS B 48 9.37 16.07 43.90
C HIS B 48 9.30 17.16 42.85
N ASN B 49 9.77 16.85 41.64
CA ASN B 49 9.68 17.83 40.57
C ASN B 49 8.40 17.47 39.83
N ALA B 50 7.40 18.34 39.92
CA ALA B 50 6.10 18.08 39.30
C ALA B 50 6.16 17.69 37.83
N ASN B 51 7.09 18.28 37.07
CA ASN B 51 7.19 17.94 35.67
C ASN B 51 7.71 16.53 35.45
N GLU B 52 8.59 16.09 36.34
CA GLU B 52 9.14 14.75 36.24
C GLU B 52 8.02 13.77 36.57
N ILE B 53 7.14 14.16 37.49
CA ILE B 53 6.01 13.34 37.88
C ILE B 53 5.09 13.17 36.66
N TRP B 54 4.90 14.27 35.94
CA TRP B 54 4.06 14.28 34.75
C TRP B 54 4.59 13.30 33.72
N ASN B 55 5.91 13.28 33.55
CA ASN B 55 6.55 12.38 32.59
C ASN B 55 6.50 10.92 33.02
N SER B 56 6.64 10.64 34.30
CA SER B 56 6.58 9.24 34.73
C SER B 56 5.16 8.79 34.38
N VAL B 57 4.22 9.72 34.49
CA VAL B 57 2.83 9.39 34.18
C VAL B 57 2.68 9.15 32.70
N GLN B 58 3.20 10.06 31.89
CA GLN B 58 3.10 9.90 30.44
C GLN B 58 3.71 8.55 30.09
N SER B 59 4.82 8.23 30.75
CA SER B 59 5.50 6.98 30.48
C SER B 59 4.65 5.75 30.79
N VAL B 60 4.21 5.60 32.04
CA VAL B 60 3.42 4.42 32.40
C VAL B 60 2.13 4.30 31.58
N ILE B 61 1.57 5.44 31.17
CA ILE B 61 0.37 5.43 30.35
C ILE B 61 0.74 4.71 29.05
N ALA B 62 1.81 5.16 28.42
CA ALA B 62 2.29 4.57 27.18
C ALA B 62 2.62 3.10 27.40
N GLY B 63 3.44 2.83 28.42
CA GLY B 63 3.83 1.46 28.71
C GLY B 63 2.65 0.50 28.87
N ALA B 64 1.60 0.98 29.51
CA ALA B 64 0.43 0.15 29.74
C ALA B 64 -0.19 -0.23 28.41
N PHE B 65 -0.24 0.71 27.47
CA PHE B 65 -0.82 0.43 26.15
C PHE B 65 0.04 -0.57 25.41
N ILE B 66 1.29 -0.19 25.20
CA ILE B 66 2.28 -1.01 24.52
C ILE B 66 2.22 -2.46 24.99
N GLU B 67 2.30 -2.65 26.30
CA GLU B 67 2.29 -3.97 26.90
C GLU B 67 1.02 -4.77 26.64
N SER B 68 -0.13 -4.12 26.74
CA SER B 68 -1.42 -4.80 26.55
C SER B 68 -1.88 -4.90 25.10
N GLY B 69 -1.27 -4.11 24.23
CA GLY B 69 -1.67 -4.14 22.84
C GLY B 69 -2.96 -3.37 22.59
N ILE B 70 -3.53 -2.76 23.63
CA ILE B 70 -4.77 -2.02 23.48
C ILE B 70 -4.52 -0.61 22.95
N ARG B 71 -5.59 0.02 22.44
CA ARG B 71 -5.53 1.37 21.88
C ARG B 71 -6.33 2.35 22.72
N PRO B 72 -5.90 3.63 22.77
CA PRO B 72 -6.55 4.70 23.52
C PRO B 72 -8.01 4.81 23.14
N GLU B 73 -8.26 4.41 21.90
CA GLU B 73 -9.58 4.42 21.31
C GLU B 73 -10.51 3.44 22.01
N ALA B 74 -9.93 2.46 22.68
CA ALA B 74 -10.73 1.44 23.37
C ALA B 74 -11.01 1.72 24.86
N ILE B 75 -10.51 2.84 25.38
CA ILE B 75 -10.75 3.17 26.78
C ILE B 75 -12.07 3.90 26.98
N ALA B 76 -12.87 3.43 27.94
CA ALA B 76 -14.18 4.02 28.27
C ALA B 76 -14.00 5.22 29.20
N GLY B 77 -13.03 5.10 30.09
CA GLY B 77 -12.76 6.17 31.04
C GLY B 77 -11.43 6.00 31.73
N ILE B 78 -11.00 7.05 32.42
CA ILE B 78 -9.73 7.06 33.13
C ILE B 78 -9.93 7.46 34.60
N GLY B 79 -9.35 6.70 35.51
CA GLY B 79 -9.45 7.00 36.92
C GLY B 79 -8.08 7.46 37.40
N ILE B 80 -8.05 8.51 38.19
CA ILE B 80 -6.80 9.06 38.70
C ILE B 80 -6.73 8.88 40.21
N THR B 81 -5.65 8.30 40.70
CA THR B 81 -5.46 8.16 42.16
C THR B 81 -4.04 8.63 42.45
N ASN B 82 -3.86 9.31 43.58
CA ASN B 82 -2.56 9.90 43.90
C ASN B 82 -2.11 9.91 45.35
N GLN B 83 -0.82 10.17 45.50
CA GLN B 83 -0.17 10.34 46.79
C GLN B 83 -0.81 11.65 47.25
N ARG B 84 -1.50 11.64 48.39
CA ARG B 84 -2.18 12.83 48.92
C ARG B 84 -1.26 13.92 49.49
N GLU B 85 -1.86 15.04 49.89
CA GLU B 85 -1.13 16.16 50.49
C GLU B 85 -0.08 16.83 49.61
N THR B 86 0.81 16.04 49.01
CA THR B 86 1.87 16.58 48.16
C THR B 86 1.37 17.80 47.40
N THR B 87 2.07 18.91 47.56
CA THR B 87 1.63 20.17 46.97
C THR B 87 2.38 20.78 45.80
N VAL B 88 1.61 21.26 44.83
CA VAL B 88 2.16 21.88 43.63
C VAL B 88 1.52 23.25 43.38
N VAL B 89 2.35 24.24 43.08
CA VAL B 89 1.88 25.58 42.76
C VAL B 89 2.48 25.93 41.39
N TRP B 90 1.61 26.22 40.42
CA TRP B 90 2.08 26.53 39.08
C TRP B 90 1.41 27.75 38.48
N ASP B 91 2.00 28.27 37.40
CA ASP B 91 1.54 29.44 36.67
C ASP B 91 0.44 29.13 35.65
N LYS B 92 -0.66 29.89 35.69
CA LYS B 92 -1.80 29.69 34.78
C LYS B 92 -1.43 29.63 33.31
N THR B 93 -0.82 30.70 32.83
CA THR B 93 -0.44 30.81 31.44
C THR B 93 0.66 29.84 30.98
N THR B 94 1.81 29.89 31.65
CA THR B 94 2.93 29.03 31.28
C THR B 94 2.75 27.58 31.69
N GLY B 95 2.05 27.34 32.80
CA GLY B 95 1.87 25.98 33.25
C GLY B 95 3.15 25.44 33.88
N GLN B 96 4.01 26.35 34.33
CA GLN B 96 5.27 25.94 34.97
C GLN B 96 5.17 26.03 36.49
N PRO B 97 5.64 24.98 37.18
CA PRO B 97 5.56 25.04 38.64
C PRO B 97 6.55 26.11 39.10
N ILE B 98 6.21 26.86 40.14
CA ILE B 98 7.11 27.91 40.63
C ILE B 98 8.31 27.33 41.34
N ALA B 99 8.25 26.04 41.65
CA ALA B 99 9.36 25.38 42.34
C ALA B 99 8.97 23.95 42.52
N ASN B 100 9.88 23.16 43.07
CA ASN B 100 9.59 21.75 43.32
C ASN B 100 8.33 21.62 44.15
N ALA B 101 7.65 20.49 43.98
CA ALA B 101 6.43 20.19 44.73
C ALA B 101 6.87 19.67 46.10
N ILE B 102 6.16 20.05 47.15
CA ILE B 102 6.50 19.59 48.48
C ILE B 102 5.71 18.32 48.79
N VAL B 103 6.43 17.24 49.07
CA VAL B 103 5.86 15.92 49.33
C VAL B 103 5.21 15.80 50.71
N TRP B 104 4.14 15.01 50.81
CA TRP B 104 3.48 14.85 52.11
C TRP B 104 4.50 14.45 53.17
N GLN B 105 5.54 13.74 52.76
CA GLN B 105 6.56 13.26 53.68
C GLN B 105 7.40 14.36 54.32
N SER B 106 7.61 15.45 53.59
CA SER B 106 8.43 16.56 54.05
C SER B 106 7.96 17.27 55.31
N ARG B 107 8.92 17.75 56.10
CA ARG B 107 8.62 18.46 57.34
C ARG B 107 9.19 19.87 57.23
N GLN B 108 9.40 20.32 55.99
CA GLN B 108 10.00 21.63 55.78
C GLN B 108 9.10 22.80 56.16
N SER B 109 7.81 22.54 56.26
CA SER B 109 6.88 23.61 56.63
C SER B 109 6.45 23.45 58.08
N SER B 110 7.12 22.59 58.82
CA SER B 110 6.78 22.39 60.22
C SER B 110 6.78 23.68 61.06
N PRO B 111 7.77 24.57 60.86
CA PRO B 111 7.81 25.82 61.64
C PRO B 111 6.50 26.57 61.53
N ILE B 112 5.92 26.55 60.32
CA ILE B 112 4.65 27.23 60.10
C ILE B 112 3.55 26.48 60.83
N ALA B 113 3.59 25.15 60.77
CA ALA B 113 2.60 24.34 61.46
C ALA B 113 2.68 24.64 62.97
N ASP B 114 3.89 24.59 63.56
CA ASP B 114 4.12 24.88 64.98
C ASP B 114 3.48 26.22 65.36
N GLN B 115 3.81 27.25 64.58
CA GLN B 115 3.26 28.57 64.85
C GLN B 115 1.74 28.49 64.99
N LEU B 116 1.06 27.92 64.01
CA LEU B 116 -0.39 27.81 64.08
C LEU B 116 -0.86 27.20 65.40
N LYS B 117 -0.08 26.27 65.93
CA LYS B 117 -0.43 25.64 67.18
C LYS B 117 -0.18 26.63 68.33
N VAL B 118 0.94 27.35 68.24
CA VAL B 118 1.28 28.34 69.25
C VAL B 118 0.19 29.40 69.28
N ASP B 119 -0.29 29.79 68.10
CA ASP B 119 -1.34 30.80 68.01
C ASP B 119 -2.73 30.23 68.32
N GLY B 120 -2.76 29.00 68.82
CA GLY B 120 -4.00 28.36 69.21
C GLY B 120 -5.12 28.03 68.23
N HIS B 121 -4.76 27.64 67.01
CA HIS B 121 -5.77 27.30 66.02
C HIS B 121 -6.08 25.81 65.94
N THR B 122 -5.39 25.02 66.75
CA THR B 122 -5.57 23.57 66.79
C THR B 122 -7.04 23.11 66.78
N GLU B 123 -7.82 23.58 67.74
CA GLU B 123 -9.23 23.17 67.81
C GLU B 123 -10.04 23.61 66.61
N MET B 124 -9.83 24.85 66.18
CA MET B 124 -10.55 25.42 65.05
C MET B 124 -10.32 24.61 63.77
N ILE B 125 -9.05 24.39 63.43
CA ILE B 125 -8.68 23.62 62.24
C ILE B 125 -9.32 22.22 62.28
N HIS B 126 -9.30 21.58 63.45
CA HIS B 126 -9.87 20.24 63.57
C HIS B 126 -11.38 20.20 63.42
N GLU B 127 -12.08 21.19 63.97
CA GLU B 127 -13.53 21.21 63.89
C GLU B 127 -13.99 21.35 62.44
N LYS B 128 -13.20 22.05 61.64
CA LYS B 128 -13.54 22.28 60.24
C LYS B 128 -13.03 21.23 59.24
N THR B 129 -11.80 20.74 59.47
CA THR B 129 -11.17 19.81 58.55
C THR B 129 -11.02 18.36 59.00
N GLY B 130 -11.32 18.10 60.26
CA GLY B 130 -11.18 16.74 60.77
C GLY B 130 -9.73 16.32 60.88
N LEU B 131 -8.84 17.29 60.67
CA LEU B 131 -7.41 17.03 60.73
C LEU B 131 -6.73 17.66 61.93
N VAL B 132 -5.46 17.32 62.10
CA VAL B 132 -4.63 17.84 63.17
C VAL B 132 -3.64 18.78 62.48
N ILE B 133 -3.14 19.78 63.19
CA ILE B 133 -2.20 20.70 62.58
C ILE B 133 -0.82 20.06 62.52
N ASP B 134 -0.32 19.87 61.31
CA ASP B 134 0.98 19.24 61.11
C ASP B 134 1.43 19.57 59.69
N ALA B 135 2.74 19.57 59.47
CA ALA B 135 3.27 19.90 58.15
C ALA B 135 2.89 18.86 57.10
N TYR B 136 2.31 17.75 57.58
CA TYR B 136 1.87 16.66 56.73
C TYR B 136 0.88 17.12 55.66
N PHE B 137 0.04 18.09 55.97
CA PHE B 137 -0.97 18.55 55.04
C PHE B 137 -0.55 19.72 54.13
N SER B 138 -1.33 19.94 53.08
CA SER B 138 -1.04 20.97 52.08
C SER B 138 -1.02 22.40 52.55
N ALA B 139 -1.94 22.74 53.44
CA ALA B 139 -2.04 24.11 53.95
C ALA B 139 -0.66 24.74 54.20
N THR B 140 0.09 24.22 55.16
CA THR B 140 1.42 24.77 55.49
C THR B 140 2.39 24.76 54.31
N LYS B 141 2.24 23.78 53.43
CA LYS B 141 3.12 23.67 52.28
C LYS B 141 2.92 24.84 51.30
N VAL B 142 1.69 25.30 51.13
CA VAL B 142 1.42 26.42 50.24
C VAL B 142 1.95 27.71 50.87
N ARG B 143 1.86 27.83 52.20
CA ARG B 143 2.38 28.99 52.89
C ARG B 143 3.88 29.01 52.54
N TRP B 144 4.56 27.93 52.90
CA TRP B 144 6.00 27.79 52.66
C TRP B 144 6.39 28.28 51.29
N LEU B 145 5.72 27.76 50.26
CA LEU B 145 6.04 28.18 48.89
C LEU B 145 5.85 29.69 48.72
N LEU B 146 4.71 30.21 49.17
CA LEU B 146 4.42 31.64 49.09
C LEU B 146 5.35 32.46 49.99
N ASP B 147 6.12 31.76 50.82
CA ASP B 147 7.06 32.41 51.74
C ASP B 147 8.48 32.47 51.19
N ASN B 148 8.88 31.44 50.44
CA ASN B 148 10.25 31.35 49.93
C ASN B 148 10.50 31.55 48.44
N ILE B 149 9.47 31.45 47.61
CA ILE B 149 9.67 31.67 46.18
C ILE B 149 9.36 33.12 45.90
N GLU B 150 10.40 33.95 45.88
CA GLU B 150 10.25 35.39 45.66
C GLU B 150 9.27 35.73 44.55
N GLY B 151 8.37 36.66 44.86
CA GLY B 151 7.38 37.08 43.90
C GLY B 151 6.15 36.22 43.89
N ALA B 152 6.24 35.02 44.48
CA ALA B 152 5.11 34.11 44.52
C ALA B 152 3.85 34.75 45.10
N GLN B 153 3.92 35.16 46.37
CA GLN B 153 2.76 35.77 47.01
C GLN B 153 2.07 36.79 46.10
N GLU B 154 2.88 37.71 45.56
CA GLU B 154 2.39 38.77 44.68
C GLU B 154 1.68 38.22 43.44
N LYS B 155 2.26 37.21 42.82
CA LYS B 155 1.63 36.63 41.64
C LYS B 155 0.31 35.96 42.00
N ALA B 156 0.27 35.38 43.20
CA ALA B 156 -0.93 34.71 43.68
C ALA B 156 -2.00 35.74 43.98
N ASP B 157 -1.61 36.80 44.68
CA ASP B 157 -2.53 37.85 45.02
C ASP B 157 -3.19 38.39 43.76
N ASN B 158 -2.54 38.19 42.62
CA ASN B 158 -3.10 38.68 41.37
C ASN B 158 -3.77 37.61 40.51
N GLY B 159 -3.81 36.37 41.01
CA GLY B 159 -4.46 35.29 40.29
C GLY B 159 -3.71 34.64 39.14
N GLU B 160 -2.39 34.65 39.17
CA GLU B 160 -1.61 34.03 38.10
C GLU B 160 -1.20 32.63 38.52
N LEU B 161 -1.33 32.35 39.82
CA LEU B 161 -0.92 31.05 40.34
C LEU B 161 -2.08 30.14 40.75
N LEU B 162 -1.91 28.85 40.49
CA LEU B 162 -2.89 27.85 40.86
C LEU B 162 -2.21 26.85 41.80
N PHE B 163 -2.98 26.32 42.74
CA PHE B 163 -2.48 25.32 43.68
C PHE B 163 -3.22 24.01 43.40
N GLY B 164 -2.59 22.91 43.79
CA GLY B 164 -3.25 21.64 43.58
C GLY B 164 -2.48 20.45 44.10
N THR B 165 -3.20 19.48 44.65
CA THR B 165 -2.58 18.26 45.10
C THR B 165 -2.36 17.50 43.80
N ILE B 166 -1.61 16.40 43.84
CA ILE B 166 -1.31 15.68 42.61
C ILE B 166 -2.46 15.33 41.68
N ASP B 167 -3.66 15.11 42.20
CA ASP B 167 -4.78 14.81 41.33
C ASP B 167 -5.13 16.02 40.44
N SER B 168 -5.00 17.23 40.98
CA SER B 168 -5.31 18.43 40.19
C SER B 168 -4.21 18.67 39.14
N TRP B 169 -2.97 18.42 39.52
CA TRP B 169 -1.87 18.61 38.60
C TRP B 169 -2.10 17.70 37.38
N LEU B 170 -2.37 16.42 37.65
CA LEU B 170 -2.59 15.46 36.58
C LEU B 170 -3.74 15.83 35.64
N VAL B 171 -4.90 16.13 36.20
CA VAL B 171 -6.05 16.48 35.37
C VAL B 171 -5.80 17.73 34.54
N TRP B 172 -5.04 18.68 35.09
CA TRP B 172 -4.73 19.91 34.39
C TRP B 172 -3.80 19.60 33.22
N LYS B 173 -2.81 18.74 33.46
CA LYS B 173 -1.87 18.40 32.41
C LYS B 173 -2.54 17.60 31.31
N LEU B 174 -3.43 16.68 31.70
CA LEU B 174 -4.15 15.84 30.76
C LEU B 174 -5.17 16.61 29.92
N THR B 175 -5.68 17.71 30.47
CA THR B 175 -6.64 18.54 29.76
C THR B 175 -5.95 19.80 29.27
N ASP B 176 -4.62 19.72 29.19
CA ASP B 176 -3.80 20.83 28.73
C ASP B 176 -4.29 22.19 29.26
N GLY B 177 -4.24 22.37 30.58
CA GLY B 177 -4.65 23.62 31.20
C GLY B 177 -6.11 24.06 31.10
N GLN B 178 -7.01 23.12 30.82
CA GLN B 178 -8.42 23.48 30.69
C GLN B 178 -9.29 23.20 31.91
N VAL B 179 -9.08 22.06 32.55
CA VAL B 179 -9.86 21.69 33.73
C VAL B 179 -9.01 21.75 34.99
N HIS B 180 -9.33 22.67 35.91
CA HIS B 180 -8.59 22.80 37.17
C HIS B 180 -9.53 22.32 38.26
N VAL B 181 -9.45 21.04 38.55
CA VAL B 181 -10.35 20.44 39.52
C VAL B 181 -9.66 19.53 40.52
N THR B 182 -10.40 19.09 41.54
CA THR B 182 -9.91 18.15 42.55
C THR B 182 -11.14 17.47 43.13
N ASP B 183 -10.95 16.31 43.75
CA ASP B 183 -12.08 15.57 44.33
C ASP B 183 -12.20 15.76 45.85
N TYR B 184 -13.37 15.44 46.39
CA TYR B 184 -13.63 15.54 47.81
C TYR B 184 -12.55 14.90 48.67
N SER B 185 -12.23 13.64 48.40
CA SER B 185 -11.24 12.95 49.21
C SER B 185 -9.93 13.69 49.29
N ASN B 186 -9.45 14.18 48.14
CA ASN B 186 -8.18 14.90 48.10
C ASN B 186 -8.27 16.25 48.78
N ALA B 187 -9.30 17.01 48.42
CA ALA B 187 -9.52 18.34 49.00
C ALA B 187 -9.52 18.27 50.53
N SER B 188 -10.19 17.26 51.07
CA SER B 188 -10.28 17.11 52.51
C SER B 188 -8.92 16.95 53.19
N ARG B 189 -7.88 16.61 52.43
CA ARG B 189 -6.54 16.43 53.02
C ARG B 189 -5.67 17.69 52.90
N THR B 190 -6.25 18.80 52.48
CA THR B 190 -5.46 20.02 52.32
C THR B 190 -5.33 20.83 53.60
N MET B 191 -6.33 20.67 54.47
CA MET B 191 -6.41 21.40 55.73
C MET B 191 -6.85 22.83 55.41
N LEU B 192 -7.51 22.98 54.24
CA LEU B 192 -8.04 24.26 53.78
C LEU B 192 -9.48 24.05 53.39
N TYR B 193 -9.94 22.80 53.47
CA TYR B 193 -11.30 22.46 53.07
C TYR B 193 -12.11 22.04 54.27
N ASN B 194 -13.28 22.65 54.41
CA ASN B 194 -14.20 22.33 55.51
C ASN B 194 -14.98 21.08 55.06
N ILE B 195 -14.75 19.98 55.76
CA ILE B 195 -15.40 18.70 55.42
C ILE B 195 -16.86 18.58 55.88
N HIS B 196 -17.30 19.48 56.75
CA HIS B 196 -18.67 19.43 57.23
C HIS B 196 -19.55 20.29 56.33
N LYS B 197 -19.07 21.48 55.97
CA LYS B 197 -19.83 22.36 55.11
C LYS B 197 -19.57 22.08 53.63
N LEU B 198 -18.53 21.29 53.36
CA LEU B 198 -18.13 20.94 52.00
C LEU B 198 -17.74 22.17 51.20
N GLU B 199 -16.79 22.94 51.72
CA GLU B 199 -16.32 24.14 51.06
C GLU B 199 -14.93 24.53 51.56
N TRP B 200 -14.16 25.20 50.71
CA TRP B 200 -12.84 25.68 51.11
C TRP B 200 -13.16 26.65 52.24
N ASP B 201 -12.43 26.58 53.35
CA ASP B 201 -12.69 27.45 54.48
C ASP B 201 -12.04 28.83 54.32
N GLN B 202 -12.86 29.87 54.24
CA GLN B 202 -12.34 31.21 54.08
C GLN B 202 -11.55 31.67 55.31
N GLU B 203 -12.01 31.32 56.49
CA GLU B 203 -11.31 31.71 57.72
C GLU B 203 -9.88 31.19 57.66
N ILE B 204 -9.70 29.90 57.35
CA ILE B 204 -8.37 29.31 57.26
C ILE B 204 -7.54 29.94 56.12
N LEU B 205 -8.19 30.19 54.99
CA LEU B 205 -7.49 30.81 53.87
C LEU B 205 -6.94 32.17 54.28
N ASP B 206 -7.76 32.97 54.97
CA ASP B 206 -7.34 34.29 55.41
C ASP B 206 -6.20 34.19 56.41
N LEU B 207 -6.28 33.20 57.28
CA LEU B 207 -5.27 33.02 58.32
C LEU B 207 -3.89 32.71 57.76
N LEU B 208 -3.83 32.01 56.64
CA LEU B 208 -2.57 31.67 56.00
C LEU B 208 -2.36 32.54 54.74
N ASN B 209 -3.12 33.62 54.64
CA ASN B 209 -3.02 34.53 53.50
C ASN B 209 -2.85 33.80 52.16
N ILE B 210 -3.74 32.85 51.92
CA ILE B 210 -3.74 32.06 50.70
C ILE B 210 -4.88 32.56 49.85
N PRO B 211 -4.57 33.23 48.73
CA PRO B 211 -5.62 33.75 47.83
C PRO B 211 -6.44 32.63 47.17
N SER B 212 -7.76 32.71 47.33
CA SER B 212 -8.66 31.70 46.79
C SER B 212 -8.62 31.56 45.26
N SER B 213 -7.95 32.48 44.60
CA SER B 213 -7.84 32.42 43.15
C SER B 213 -7.03 31.17 42.76
N MET B 214 -6.21 30.69 43.70
CA MET B 214 -5.36 29.50 43.50
C MET B 214 -6.11 28.17 43.63
N LEU B 215 -7.27 28.18 44.27
CA LEU B 215 -8.01 26.95 44.50
C LEU B 215 -8.80 26.39 43.34
N PRO B 216 -8.80 25.05 43.21
CA PRO B 216 -9.53 24.35 42.14
C PRO B 216 -10.96 24.05 42.61
N GLU B 217 -11.86 23.79 41.67
CA GLU B 217 -13.23 23.48 42.04
C GLU B 217 -13.17 22.11 42.68
N VAL B 218 -14.02 21.88 43.69
CA VAL B 218 -14.04 20.58 44.33
C VAL B 218 -15.26 19.87 43.79
N LYS B 219 -15.08 18.64 43.32
CA LYS B 219 -16.20 17.89 42.78
C LYS B 219 -16.24 16.52 43.42
N SER B 220 -17.15 15.67 42.99
CA SER B 220 -17.24 14.35 43.58
C SER B 220 -16.11 13.46 43.12
N ASN B 221 -16.17 12.19 43.54
CA ASN B 221 -15.17 11.18 43.22
C ASN B 221 -15.54 10.33 42.02
N SER B 222 -16.75 10.52 41.51
CA SER B 222 -17.18 9.72 40.39
C SER B 222 -18.04 10.47 39.37
N GLU B 223 -17.40 11.24 38.50
CA GLU B 223 -18.11 11.99 37.47
C GLU B 223 -17.10 12.34 36.38
N VAL B 224 -17.56 12.81 35.23
CA VAL B 224 -16.62 13.17 34.17
C VAL B 224 -16.13 14.59 34.37
N TYR B 225 -14.85 14.73 34.65
CA TYR B 225 -14.27 16.05 34.88
C TYR B 225 -13.83 16.73 33.59
N GLY B 226 -13.91 16.00 32.48
CA GLY B 226 -13.50 16.56 31.21
C GLY B 226 -12.89 15.48 30.35
N HIS B 227 -12.35 15.87 29.20
CA HIS B 227 -11.75 14.86 28.33
C HIS B 227 -10.28 15.13 28.05
N THR B 228 -9.50 14.06 27.90
CA THR B 228 -8.07 14.18 27.63
C THR B 228 -7.89 14.83 26.29
N ARG B 229 -6.92 15.71 26.17
CA ARG B 229 -6.66 16.34 24.89
C ARG B 229 -5.77 15.41 24.08
N SER B 230 -6.14 15.21 22.81
CA SER B 230 -5.43 14.35 21.89
C SER B 230 -3.92 14.26 22.14
N TYR B 231 -3.22 15.37 21.87
CA TYR B 231 -1.78 15.43 22.05
C TYR B 231 -1.34 15.21 23.49
N GLU B 232 -2.29 14.82 24.34
CA GLU B 232 -1.99 14.57 25.75
C GLU B 232 -2.31 13.14 26.15
N PHE B 233 -2.94 12.38 25.26
CA PHE B 233 -3.27 10.99 25.58
C PHE B 233 -3.08 10.03 24.42
N TYR B 234 -1.97 10.20 23.70
CA TYR B 234 -1.65 9.31 22.59
C TYR B 234 -2.76 9.02 21.59
N GLY B 235 -3.66 9.97 21.39
CA GLY B 235 -4.76 9.75 20.46
C GLY B 235 -6.08 9.61 21.19
N SER B 236 -7.13 10.17 20.61
CA SER B 236 -8.48 10.13 21.17
C SER B 236 -8.67 11.05 22.38
N GLU B 237 -9.93 11.42 22.59
CA GLU B 237 -10.34 12.29 23.70
C GLU B 237 -11.14 11.41 24.67
N VAL B 238 -10.44 10.86 25.66
CA VAL B 238 -11.06 9.99 26.64
C VAL B 238 -11.55 10.74 27.85
N PRO B 239 -12.70 10.32 28.41
CA PRO B 239 -13.23 11.00 29.59
C PRO B 239 -12.54 10.66 30.90
N ILE B 240 -12.03 11.67 31.58
CA ILE B 240 -11.38 11.50 32.88
C ILE B 240 -12.55 11.50 33.85
N ALA B 241 -12.89 10.33 34.38
CA ALA B 241 -14.08 10.21 35.23
C ALA B 241 -13.95 9.66 36.64
N GLY B 242 -12.75 9.61 37.20
CA GLY B 242 -12.61 9.08 38.55
C GLY B 242 -11.42 9.69 39.23
N MET B 243 -11.59 10.14 40.48
CA MET B 243 -10.52 10.74 41.25
C MET B 243 -10.70 10.45 42.73
N ALA B 244 -9.59 10.21 43.41
CA ALA B 244 -9.60 9.94 44.83
C ALA B 244 -8.17 9.81 45.30
N GLY B 245 -7.91 10.21 46.54
CA GLY B 245 -6.57 10.10 47.09
C GLY B 245 -6.30 8.61 47.13
N ASP B 246 -5.04 8.20 46.96
CA ASP B 246 -4.76 6.78 46.94
C ASP B 246 -5.35 5.95 48.08
N GLN B 247 -5.19 6.39 49.31
CA GLN B 247 -5.73 5.61 50.41
C GLN B 247 -7.25 5.46 50.30
N GLN B 248 -7.93 6.51 49.87
CA GLN B 248 -9.38 6.42 49.71
C GLN B 248 -9.73 5.52 48.55
N ALA B 249 -8.91 5.58 47.51
CA ALA B 249 -9.13 4.74 46.32
C ALA B 249 -8.98 3.29 46.74
N ALA B 250 -8.02 3.03 47.64
CA ALA B 250 -7.75 1.68 48.13
C ALA B 250 -8.98 1.17 48.87
N LEU B 251 -9.59 2.06 49.65
CA LEU B 251 -10.79 1.76 50.42
C LEU B 251 -11.92 1.32 49.50
N PHE B 252 -12.10 2.06 48.42
CA PHE B 252 -13.14 1.80 47.44
C PHE B 252 -12.92 0.47 46.72
N GLY B 253 -11.68 0.21 46.30
CA GLY B 253 -11.35 -1.01 45.59
C GLY B 253 -11.58 -2.24 46.44
N GLN B 254 -11.43 -2.07 47.75
CA GLN B 254 -11.63 -3.15 48.69
C GLN B 254 -13.13 -3.40 48.81
N MET B 255 -13.90 -2.44 48.32
CA MET B 255 -15.36 -2.52 48.40
C MET B 255 -15.80 -2.34 49.85
N ALA B 256 -15.06 -1.50 50.59
CA ALA B 256 -15.40 -1.19 51.97
C ALA B 256 -16.43 -0.05 51.92
N PHE B 257 -17.60 -0.38 51.39
CA PHE B 257 -18.70 0.56 51.20
C PHE B 257 -19.62 0.77 52.40
N GLU B 258 -19.57 -0.12 53.37
CA GLU B 258 -20.45 -0.02 54.52
C GLU B 258 -19.80 0.62 55.73
N LYS B 259 -20.62 1.09 56.65
CA LYS B 259 -20.10 1.71 57.85
C LYS B 259 -19.43 0.60 58.66
N GLY B 260 -18.22 0.87 59.12
CA GLY B 260 -17.49 -0.13 59.88
C GLY B 260 -16.52 -0.98 59.08
N MET B 261 -16.61 -0.95 57.75
CA MET B 261 -15.69 -1.73 56.94
C MET B 261 -14.34 -1.05 57.05
N ILE B 262 -13.30 -1.83 57.27
CA ILE B 262 -11.97 -1.26 57.47
C ILE B 262 -10.85 -1.97 56.71
N LYS B 263 -9.87 -1.21 56.26
CA LYS B 263 -8.75 -1.78 55.53
C LYS B 263 -7.48 -1.05 55.88
N ASN B 264 -6.36 -1.66 55.54
CA ASN B 264 -5.07 -1.06 55.78
C ASN B 264 -4.23 -1.31 54.54
N THR B 265 -3.54 -0.29 54.06
CA THR B 265 -2.70 -0.42 52.88
C THR B 265 -1.24 -0.27 53.27
N TYR B 266 -0.45 -1.29 52.97
CA TYR B 266 0.98 -1.29 53.28
C TYR B 266 1.82 -0.81 52.12
N GLY B 267 2.24 0.45 52.17
CA GLY B 267 3.05 1.00 51.10
C GLY B 267 4.17 1.84 51.69
N THR B 268 4.52 2.94 51.05
CA THR B 268 5.57 3.79 51.58
C THR B 268 5.28 4.02 53.06
N GLY B 269 4.00 4.19 53.35
CA GLY B 269 3.56 4.38 54.72
C GLY B 269 2.39 3.44 54.84
N ALA B 270 1.88 3.25 56.04
CA ALA B 270 0.72 2.37 56.21
C ALA B 270 -0.43 3.30 56.53
N PHE B 271 -1.63 2.97 56.04
CA PHE B 271 -2.77 3.82 56.29
C PHE B 271 -4.06 3.06 56.55
N ILE B 272 -4.48 3.07 57.81
CA ILE B 272 -5.70 2.39 58.22
C ILE B 272 -6.86 3.35 58.00
N VAL B 273 -7.85 2.92 57.22
CA VAL B 273 -9.04 3.74 56.93
C VAL B 273 -10.34 2.99 57.16
N MET B 274 -11.26 3.60 57.89
CA MET B 274 -12.55 2.98 58.17
C MET B 274 -13.71 3.85 57.72
N ASN B 275 -14.63 3.22 56.98
CA ASN B 275 -15.82 3.87 56.45
C ASN B 275 -16.75 4.18 57.62
N THR B 276 -17.22 5.42 57.76
CA THR B 276 -18.12 5.72 58.87
C THR B 276 -19.50 6.15 58.40
N GLY B 277 -19.78 5.91 57.13
CA GLY B 277 -21.07 6.28 56.59
C GLY B 277 -21.20 7.76 56.35
N GLU B 278 -22.43 8.20 56.10
CA GLU B 278 -22.72 9.60 55.81
C GLU B 278 -22.56 10.57 56.99
N GLU B 279 -22.32 10.03 58.20
CA GLU B 279 -22.12 10.88 59.36
C GLU B 279 -20.68 10.86 59.90
N PRO B 280 -20.07 12.04 60.09
CA PRO B 280 -18.70 12.08 60.61
C PRO B 280 -18.70 11.43 62.00
N GLN B 281 -17.68 10.63 62.27
CA GLN B 281 -17.55 9.95 63.56
C GLN B 281 -17.72 10.94 64.74
N LEU B 282 -18.64 10.64 65.65
CA LEU B 282 -18.91 11.48 66.82
C LEU B 282 -17.59 11.82 67.55
N SER B 283 -16.78 10.78 67.80
CA SER B 283 -15.50 10.95 68.47
C SER B 283 -14.35 10.37 67.65
N ASP B 284 -13.32 11.17 67.42
CA ASP B 284 -12.16 10.75 66.64
C ASP B 284 -10.87 11.11 67.37
N ASN B 285 -10.89 10.98 68.69
CA ASN B 285 -9.77 11.31 69.57
C ASN B 285 -8.37 11.51 68.97
N ASP B 286 -7.61 10.43 68.84
CA ASP B 286 -6.25 10.52 68.32
C ASP B 286 -6.11 10.14 66.84
N LEU B 287 -7.15 10.38 66.07
CA LEU B 287 -7.12 10.03 64.66
C LEU B 287 -7.53 11.18 63.76
N LEU B 288 -7.75 10.88 62.49
CA LEU B 288 -8.16 11.90 61.53
C LEU B 288 -9.55 11.61 61.01
N THR B 289 -10.39 12.65 60.91
CA THR B 289 -11.72 12.49 60.35
C THR B 289 -11.55 13.07 58.97
N THR B 290 -11.86 12.29 57.93
CA THR B 290 -11.71 12.75 56.57
C THR B 290 -12.87 12.27 55.73
N ILE B 291 -12.81 12.61 54.44
CA ILE B 291 -13.82 12.22 53.51
C ILE B 291 -13.29 11.03 52.71
N GLY B 292 -14.02 9.93 52.80
CA GLY B 292 -13.63 8.73 52.07
C GLY B 292 -13.94 8.95 50.60
N TYR B 293 -15.20 9.24 50.30
CA TYR B 293 -15.58 9.47 48.92
C TYR B 293 -16.98 10.07 48.77
N GLY B 294 -17.21 10.74 47.66
CA GLY B 294 -18.50 11.32 47.39
C GLY B 294 -19.00 10.73 46.09
N ILE B 295 -20.11 10.01 46.15
CA ILE B 295 -20.70 9.39 44.97
C ILE B 295 -22.22 9.48 45.09
N ASN B 296 -22.92 9.33 43.98
CA ASN B 296 -24.39 9.38 43.92
C ASN B 296 -25.06 10.50 44.73
N GLY B 297 -24.44 11.68 44.77
CA GLY B 297 -25.03 12.78 45.51
C GLY B 297 -24.84 12.71 47.01
N LYS B 298 -24.16 11.68 47.50
CA LYS B 298 -23.93 11.59 48.93
C LYS B 298 -22.44 11.64 49.26
N VAL B 299 -22.13 12.06 50.48
CA VAL B 299 -20.75 12.12 50.93
C VAL B 299 -20.53 11.13 52.08
N TYR B 300 -19.61 10.17 51.87
CA TYR B 300 -19.31 9.15 52.88
C TYR B 300 -17.99 9.46 53.56
N TYR B 301 -18.03 9.49 54.89
CA TYR B 301 -16.86 9.81 55.71
C TYR B 301 -16.00 8.63 56.11
N ALA B 302 -14.79 8.92 56.56
CA ALA B 302 -13.89 7.87 56.99
C ALA B 302 -13.04 8.30 58.19
N LEU B 303 -12.51 7.32 58.91
CA LEU B 303 -11.64 7.53 60.08
C LEU B 303 -10.30 6.94 59.66
N GLU B 304 -9.23 7.71 59.80
CA GLU B 304 -7.90 7.25 59.42
C GLU B 304 -6.82 7.43 60.48
N GLY B 305 -5.87 6.51 60.47
CA GLY B 305 -4.74 6.54 61.39
C GLY B 305 -3.55 6.45 60.49
N SER B 306 -2.74 7.50 60.44
CA SER B 306 -1.58 7.55 59.55
C SER B 306 -0.27 7.08 60.13
N ILE B 307 0.37 6.14 59.44
CA ILE B 307 1.65 5.57 59.85
C ILE B 307 2.60 5.95 58.73
N PHE B 308 3.27 7.08 58.93
CA PHE B 308 4.18 7.65 57.95
C PHE B 308 5.28 6.77 57.37
N VAL B 309 6.01 6.06 58.23
CA VAL B 309 7.11 5.21 57.77
C VAL B 309 6.83 3.73 57.83
N ALA B 310 6.69 3.11 56.66
CA ALA B 310 6.45 1.67 56.57
C ALA B 310 7.42 1.08 55.55
N GLY B 311 7.11 1.25 54.27
CA GLY B 311 7.99 0.74 53.25
C GLY B 311 9.32 1.49 53.22
N SER B 312 9.26 2.80 53.45
CA SER B 312 10.48 3.61 53.43
C SER B 312 11.44 3.21 54.53
N ALA B 313 10.96 2.48 55.53
CA ALA B 313 11.82 2.03 56.61
C ALA B 313 12.75 1.00 56.03
N ILE B 314 12.20 0.19 55.12
CA ILE B 314 12.97 -0.86 54.45
C ILE B 314 13.91 -0.24 53.42
N GLN B 315 13.46 0.82 52.77
CA GLN B 315 14.28 1.50 51.79
C GLN B 315 15.51 2.11 52.47
N TRP B 316 15.36 2.49 53.73
CA TRP B 316 16.46 3.06 54.51
C TRP B 316 17.44 1.94 54.83
N LEU B 317 16.93 0.74 55.01
CA LEU B 317 17.80 -0.39 55.28
C LEU B 317 18.63 -0.64 54.03
N ARG B 318 18.00 -0.44 52.87
CA ARG B 318 18.67 -0.64 51.60
C ARG B 318 19.55 0.53 51.14
N ASP B 319 19.12 1.77 51.35
CA ASP B 319 19.93 2.91 50.91
C ASP B 319 20.72 3.65 51.99
N GLY B 320 20.27 3.58 53.24
CA GLY B 320 20.97 4.28 54.31
C GLY B 320 22.05 3.46 54.99
N LEU B 321 21.64 2.42 55.71
CA LEU B 321 22.59 1.56 56.41
C LEU B 321 23.24 0.57 55.45
N ARG B 322 22.61 0.38 54.30
CA ARG B 322 23.09 -0.58 53.31
C ARG B 322 23.14 -1.95 53.98
N MET B 323 22.15 -2.21 54.83
CA MET B 323 22.05 -3.46 55.57
C MET B 323 21.48 -4.59 54.73
N ILE B 324 20.76 -4.22 53.66
CA ILE B 324 20.18 -5.21 52.77
C ILE B 324 20.56 -4.84 51.34
N GLU B 325 20.66 -5.86 50.48
CA GLU B 325 21.01 -5.63 49.09
C GLU B 325 19.79 -5.25 48.28
N THR B 326 18.66 -5.84 48.65
CA THR B 326 17.42 -5.59 47.93
C THR B 326 16.30 -5.50 48.96
N SER B 327 15.34 -4.62 48.74
CA SER B 327 14.24 -4.49 49.68
C SER B 327 13.57 -5.85 49.86
N PRO B 328 13.22 -6.52 48.76
CA PRO B 328 12.58 -7.84 48.84
C PRO B 328 13.40 -8.85 49.65
N GLN B 329 14.69 -8.60 49.77
CA GLN B 329 15.60 -9.47 50.52
C GLN B 329 15.36 -9.43 52.04
N SER B 330 14.62 -8.45 52.51
CA SER B 330 14.34 -8.31 53.94
C SER B 330 13.46 -9.43 54.49
N GLU B 331 12.52 -9.93 53.68
CA GLU B 331 11.65 -11.01 54.13
C GLU B 331 12.44 -12.30 54.29
N GLU B 332 13.52 -12.43 53.55
CA GLU B 332 14.38 -13.61 53.63
C GLU B 332 15.12 -13.56 54.96
N LEU B 333 15.72 -12.40 55.22
CA LEU B 333 16.48 -12.17 56.43
C LEU B 333 15.64 -12.28 57.71
N ALA B 334 14.47 -11.64 57.73
CA ALA B 334 13.61 -11.68 58.91
C ALA B 334 13.12 -13.09 59.23
N ALA B 335 12.92 -13.92 58.20
CA ALA B 335 12.48 -15.28 58.42
C ALA B 335 13.63 -16.13 58.95
N LYS B 336 14.87 -15.68 58.72
CA LYS B 336 16.04 -16.40 59.21
C LYS B 336 16.46 -15.87 60.59
N ALA B 337 15.69 -14.93 61.12
CA ALA B 337 15.98 -14.34 62.43
C ALA B 337 15.95 -15.38 63.54
N LYS B 338 16.92 -15.31 64.43
CA LYS B 338 17.07 -16.25 65.53
C LYS B 338 16.87 -15.67 66.93
N GLY B 339 17.11 -14.37 67.09
CA GLY B 339 16.99 -13.73 68.38
C GLY B 339 15.73 -14.03 69.19
N ASP B 340 15.73 -13.54 70.43
CA ASP B 340 14.62 -13.70 71.37
C ASP B 340 13.39 -12.91 70.95
N ASN B 341 13.61 -11.94 70.06
CA ASN B 341 12.55 -11.07 69.55
C ASN B 341 12.21 -10.02 70.60
N GLU B 342 13.22 -9.65 71.37
CA GLU B 342 13.12 -8.66 72.41
C GLU B 342 13.63 -7.33 71.85
N VAL B 343 13.91 -7.29 70.54
CA VAL B 343 14.41 -6.08 69.91
C VAL B 343 13.27 -5.29 69.29
N TYR B 344 13.35 -3.97 69.40
CA TYR B 344 12.31 -3.11 68.88
C TYR B 344 12.87 -1.92 68.12
N VAL B 345 12.28 -1.65 66.97
CA VAL B 345 12.68 -0.53 66.13
C VAL B 345 11.46 0.40 65.98
N VAL B 346 11.66 1.68 66.26
CA VAL B 346 10.59 2.67 66.13
C VAL B 346 11.15 3.62 65.06
N PRO B 347 10.80 3.35 63.80
CA PRO B 347 11.23 4.10 62.63
C PRO B 347 10.61 5.47 62.38
N ALA B 348 10.33 6.22 63.44
CA ALA B 348 9.72 7.54 63.26
C ALA B 348 10.73 8.58 62.79
N PHE B 349 11.33 8.38 61.62
CA PHE B 349 12.33 9.32 61.10
C PHE B 349 11.79 10.75 61.05
N THR B 350 10.53 10.90 60.66
CA THR B 350 9.94 12.23 60.57
C THR B 350 8.89 12.46 61.64
N GLY B 351 8.99 11.71 62.75
CA GLY B 351 8.03 11.87 63.82
C GLY B 351 7.01 10.74 63.86
N LEU B 352 6.31 10.60 64.98
CA LEU B 352 5.30 9.56 65.14
C LEU B 352 3.93 9.97 64.63
N GLY B 353 3.27 9.03 63.94
CA GLY B 353 1.95 9.27 63.41
C GLY B 353 0.95 8.78 64.43
N ALA B 354 -0.28 8.53 63.99
CA ALA B 354 -1.34 8.07 64.87
C ALA B 354 -0.97 6.77 65.58
N PRO B 355 -1.44 6.60 66.83
CA PRO B 355 -2.25 7.60 67.51
C PRO B 355 -1.42 8.63 68.26
N TYR B 356 -0.10 8.56 68.07
CA TYR B 356 0.81 9.45 68.77
C TYR B 356 0.88 10.91 68.31
N TRP B 357 0.95 11.12 67.00
CA TRP B 357 1.03 12.48 66.45
C TRP B 357 2.04 13.30 67.23
N ASP B 358 3.31 12.95 67.09
CA ASP B 358 4.39 13.65 67.78
C ASP B 358 5.49 13.91 66.76
N SER B 359 5.59 15.15 66.30
CA SER B 359 6.59 15.50 65.29
C SER B 359 8.00 15.60 65.83
N GLU B 360 8.14 15.71 67.15
CA GLU B 360 9.45 15.81 67.78
C GLU B 360 10.20 14.50 67.90
N ALA B 361 9.48 13.40 68.03
CA ALA B 361 10.11 12.09 68.16
C ALA B 361 10.94 11.72 66.93
N ARG B 362 11.99 10.94 67.15
CA ARG B 362 12.87 10.47 66.07
C ARG B 362 13.03 8.97 66.19
N GLY B 363 13.41 8.33 65.09
CA GLY B 363 13.60 6.90 65.08
C GLY B 363 14.56 6.41 66.16
N ALA B 364 14.22 5.28 66.77
CA ALA B 364 15.04 4.72 67.82
C ALA B 364 15.03 3.19 67.82
N VAL B 365 16.02 2.59 68.46
CA VAL B 365 16.12 1.15 68.56
C VAL B 365 16.34 0.78 70.02
N PHE B 366 15.69 -0.29 70.47
CA PHE B 366 15.79 -0.73 71.87
C PHE B 366 16.00 -2.24 72.00
N GLY B 367 16.43 -2.67 73.18
CA GLY B 367 16.66 -4.07 73.47
C GLY B 367 17.84 -4.75 72.78
N LEU B 368 18.85 -3.98 72.38
CA LEU B 368 20.02 -4.56 71.70
C LEU B 368 21.02 -5.23 72.64
N THR B 369 21.39 -6.47 72.31
CA THR B 369 22.36 -7.24 73.09
C THR B 369 23.49 -7.63 72.13
N ARG B 370 24.50 -8.34 72.64
CA ARG B 370 25.62 -8.74 71.78
C ARG B 370 25.15 -9.70 70.70
N GLY B 371 24.14 -10.49 71.03
CA GLY B 371 23.62 -11.46 70.08
C GLY B 371 22.67 -10.93 69.01
N THR B 372 22.34 -9.65 69.05
CA THR B 372 21.44 -9.11 68.03
C THR B 372 22.14 -9.22 66.67
N THR B 373 21.46 -9.79 65.70
CA THR B 373 22.03 -9.98 64.37
C THR B 373 21.31 -9.12 63.33
N LYS B 374 21.84 -9.09 62.10
CA LYS B 374 21.19 -8.34 61.03
C LYS B 374 19.75 -8.84 60.89
N GLU B 375 19.58 -10.16 60.89
CA GLU B 375 18.26 -10.76 60.77
C GLU B 375 17.35 -10.16 61.82
N ASP B 376 17.81 -10.16 63.07
CA ASP B 376 17.05 -9.61 64.17
C ASP B 376 16.61 -8.17 63.89
N PHE B 377 17.57 -7.33 63.52
CA PHE B 377 17.32 -5.93 63.22
C PHE B 377 16.28 -5.77 62.10
N VAL B 378 16.51 -6.47 61.00
CA VAL B 378 15.58 -6.41 59.88
C VAL B 378 14.19 -6.87 60.30
N ARG B 379 14.12 -7.96 61.07
CA ARG B 379 12.82 -8.45 61.52
C ARG B 379 12.12 -7.40 62.37
N ALA B 380 12.86 -6.82 63.31
CA ALA B 380 12.31 -5.80 64.19
C ALA B 380 11.81 -4.61 63.39
N THR B 381 12.52 -4.30 62.32
CA THR B 381 12.15 -3.17 61.47
C THR B 381 10.83 -3.43 60.72
N LEU B 382 10.66 -4.66 60.25
CA LEU B 382 9.43 -5.01 59.54
C LEU B 382 8.24 -5.04 60.48
N GLN B 383 8.46 -5.58 61.68
CA GLN B 383 7.39 -5.69 62.69
C GLN B 383 6.85 -4.37 63.26
N ALA B 384 7.59 -3.28 63.10
CA ALA B 384 7.16 -2.00 63.62
C ALA B 384 5.81 -1.57 63.05
N VAL B 385 5.62 -1.74 61.74
CA VAL B 385 4.37 -1.35 61.12
C VAL B 385 3.20 -2.23 61.58
N ALA B 386 3.51 -3.45 62.01
CA ALA B 386 2.49 -4.36 62.51
C ALA B 386 2.01 -3.84 63.86
N TYR B 387 2.95 -3.41 64.70
CA TYR B 387 2.61 -2.90 66.01
C TYR B 387 1.76 -1.63 65.99
N GLN B 388 2.19 -0.63 65.25
CA GLN B 388 1.45 0.63 65.21
C GLN B 388 0.07 0.43 64.60
N SER B 389 -0.07 -0.57 63.75
CA SER B 389 -1.37 -0.83 63.16
C SER B 389 -2.32 -1.22 64.28
N LYS B 390 -1.79 -1.92 65.29
CA LYS B 390 -2.60 -2.31 66.43
C LYS B 390 -2.88 -1.07 67.25
N ASP B 391 -1.88 -0.21 67.40
CA ASP B 391 -2.07 1.03 68.13
C ASP B 391 -3.23 1.79 67.52
N VAL B 392 -3.26 1.85 66.18
CA VAL B 392 -4.31 2.55 65.47
C VAL B 392 -5.65 1.80 65.53
N ILE B 393 -5.64 0.51 65.24
CA ILE B 393 -6.88 -0.24 65.26
C ILE B 393 -7.52 -0.28 66.66
N ASP B 394 -6.69 -0.15 67.69
CA ASP B 394 -7.21 -0.12 69.06
C ASP B 394 -7.85 1.24 69.31
N THR B 395 -7.17 2.30 68.86
CA THR B 395 -7.68 3.64 69.03
C THR B 395 -9.01 3.77 68.31
N MET B 396 -9.21 2.95 67.29
CA MET B 396 -10.47 3.01 66.57
C MET B 396 -11.53 2.24 67.34
N LYS B 397 -11.17 1.09 67.93
CA LYS B 397 -12.16 0.34 68.70
C LYS B 397 -12.69 1.27 69.78
N LYS B 398 -11.77 1.94 70.46
CA LYS B 398 -12.10 2.87 71.54
C LYS B 398 -12.92 4.07 71.05
N ASP B 399 -12.43 4.75 70.01
CA ASP B 399 -13.09 5.93 69.44
C ASP B 399 -14.49 5.68 68.87
N SER B 400 -14.77 4.44 68.46
CA SER B 400 -16.06 4.13 67.86
C SER B 400 -16.87 3.07 68.62
N GLY B 401 -16.28 2.45 69.63
CA GLY B 401 -16.98 1.44 70.38
C GLY B 401 -17.33 0.21 69.56
N ILE B 402 -17.20 0.32 68.24
CA ILE B 402 -17.50 -0.79 67.33
C ILE B 402 -16.54 -1.96 67.60
N ASP B 403 -16.80 -3.08 66.95
CA ASP B 403 -15.97 -4.27 67.05
C ASP B 403 -15.28 -4.41 65.71
N ILE B 404 -14.05 -4.94 65.72
CA ILE B 404 -13.34 -5.12 64.48
C ILE B 404 -12.85 -6.56 64.39
N PRO B 405 -13.71 -7.44 63.86
CA PRO B 405 -13.42 -8.88 63.70
C PRO B 405 -12.57 -9.15 62.46
N LEU B 406 -12.66 -8.25 61.50
CA LEU B 406 -11.94 -8.41 60.25
C LEU B 406 -11.19 -7.13 59.82
N LEU B 407 -10.05 -7.35 59.17
CA LEU B 407 -9.22 -6.26 58.68
C LEU B 407 -8.74 -6.65 57.30
N LYS B 408 -9.14 -5.89 56.28
CA LYS B 408 -8.72 -6.14 54.91
C LYS B 408 -7.41 -5.42 54.72
N VAL B 409 -6.49 -6.03 53.97
CA VAL B 409 -5.18 -5.42 53.73
C VAL B 409 -4.71 -5.52 52.28
N ASP B 410 -3.88 -4.58 51.87
CA ASP B 410 -3.35 -4.50 50.51
C ASP B 410 -2.06 -3.72 50.46
N GLY B 411 -1.63 -3.36 49.25
CA GLY B 411 -0.38 -2.64 49.10
C GLY B 411 0.73 -3.64 48.85
N GLY B 412 1.84 -3.17 48.28
CA GLY B 412 2.95 -4.06 48.00
C GLY B 412 3.39 -4.92 49.17
N ALA B 413 3.63 -4.32 50.32
CA ALA B 413 4.09 -5.07 51.48
C ALA B 413 3.18 -6.20 51.94
N ALA B 414 1.89 -6.09 51.66
CA ALA B 414 0.95 -7.13 52.09
C ALA B 414 1.23 -8.46 51.39
N LYS B 415 2.15 -8.47 50.44
CA LYS B 415 2.49 -9.69 49.73
C LYS B 415 3.21 -10.60 50.71
N ASN B 416 3.99 -9.99 51.59
CA ASN B 416 4.78 -10.68 52.62
C ASN B 416 3.90 -11.54 53.55
N ASP B 417 3.72 -12.81 53.17
CA ASP B 417 2.89 -13.76 53.93
C ASP B 417 3.17 -13.80 55.44
N LEU B 418 4.43 -13.94 55.82
CA LEU B 418 4.81 -14.01 57.23
C LEU B 418 4.50 -12.72 57.99
N LEU B 419 4.61 -11.58 57.30
CA LEU B 419 4.33 -10.31 57.96
C LEU B 419 2.84 -10.14 58.21
N MET B 420 2.00 -10.68 57.32
CA MET B 420 0.55 -10.60 57.49
C MET B 420 0.10 -11.54 58.60
N GLN B 421 0.77 -12.68 58.71
CA GLN B 421 0.44 -13.65 59.76
C GLN B 421 0.73 -13.00 61.12
N PHE B 422 1.79 -12.20 61.17
CA PHE B 422 2.18 -11.52 62.39
C PHE B 422 1.14 -10.48 62.77
N GLN B 423 0.70 -9.72 61.78
CA GLN B 423 -0.32 -8.69 61.98
C GLN B 423 -1.52 -9.36 62.63
N ALA B 424 -1.94 -10.48 62.06
CA ALA B 424 -3.08 -11.23 62.58
C ALA B 424 -2.82 -11.72 63.99
N ASP B 425 -1.68 -12.36 64.20
CA ASP B 425 -1.31 -12.88 65.52
C ASP B 425 -1.36 -11.76 66.58
N ILE B 426 -0.77 -10.61 66.26
CA ILE B 426 -0.72 -9.46 67.16
C ILE B 426 -2.08 -8.79 67.42
N LEU B 427 -2.83 -8.53 66.36
CA LEU B 427 -4.14 -7.91 66.49
C LEU B 427 -5.14 -8.88 67.12
N ASP B 428 -4.92 -10.16 66.84
CA ASP B 428 -5.77 -11.21 67.33
C ASP B 428 -7.13 -11.16 66.65
N ILE B 429 -7.14 -10.65 65.42
CA ILE B 429 -8.36 -10.57 64.62
C ILE B 429 -7.98 -11.06 63.24
N ASP B 430 -8.96 -11.47 62.44
CA ASP B 430 -8.67 -11.99 61.11
C ASP B 430 -8.15 -10.90 60.17
N VAL B 431 -7.23 -11.28 59.31
CA VAL B 431 -6.64 -10.36 58.35
C VAL B 431 -6.81 -10.99 56.97
N GLN B 432 -7.58 -10.33 56.11
CA GLN B 432 -7.83 -10.83 54.76
C GLN B 432 -7.21 -9.97 53.67
N ARG B 433 -6.20 -10.55 53.00
CA ARG B 433 -5.48 -9.87 51.93
C ARG B 433 -6.34 -9.79 50.67
N ALA B 434 -6.41 -8.61 50.06
CA ALA B 434 -7.18 -8.44 48.84
C ALA B 434 -6.72 -9.42 47.77
N ALA B 435 -7.67 -10.02 47.06
CA ALA B 435 -7.39 -10.99 46.01
C ALA B 435 -6.66 -10.33 44.84
N ASN B 436 -6.96 -9.06 44.62
CA ASN B 436 -6.36 -8.28 43.54
C ASN B 436 -5.38 -7.28 44.16
N LEU B 437 -4.15 -7.75 44.41
CA LEU B 437 -3.06 -6.96 45.00
C LEU B 437 -3.15 -5.42 45.02
N GLU B 438 -3.13 -4.78 43.86
CA GLU B 438 -3.21 -3.30 43.78
C GLU B 438 -4.66 -2.82 43.71
N THR B 439 -5.31 -2.84 44.86
CA THR B 439 -6.69 -2.41 44.96
C THR B 439 -6.83 -0.91 44.87
N THR B 440 -5.70 -0.19 44.91
CA THR B 440 -5.74 1.25 44.81
C THR B 440 -6.11 1.61 43.38
N ALA B 441 -5.41 1.02 42.42
CA ALA B 441 -5.69 1.28 41.02
C ALA B 441 -7.11 0.85 40.66
N LEU B 442 -7.50 -0.32 41.15
CA LEU B 442 -8.82 -0.85 40.90
C LEU B 442 -9.90 0.13 41.36
N GLY B 443 -9.76 0.63 42.59
CA GLY B 443 -10.72 1.60 43.13
C GLY B 443 -10.87 2.84 42.27
N ALA B 444 -9.78 3.27 41.64
CA ALA B 444 -9.83 4.44 40.78
C ALA B 444 -10.62 4.05 39.53
N ALA B 445 -10.37 2.85 39.02
CA ALA B 445 -11.08 2.34 37.85
C ALA B 445 -12.58 2.20 38.11
N TYR B 446 -12.95 1.74 39.30
CA TYR B 446 -14.36 1.59 39.69
C TYR B 446 -15.05 2.95 39.68
N LEU B 447 -14.42 3.94 40.32
CA LEU B 447 -14.99 5.29 40.35
C LEU B 447 -15.21 5.80 38.93
N ALA B 448 -14.24 5.52 38.06
CA ALA B 448 -14.33 5.95 36.67
C ALA B 448 -15.34 5.13 35.89
N GLY B 449 -15.38 3.83 36.17
CA GLY B 449 -16.31 2.97 35.47
C GLY B 449 -17.76 3.31 35.77
N LEU B 450 -18.04 3.63 37.03
CA LEU B 450 -19.37 3.98 37.45
C LEU B 450 -19.85 5.27 36.78
N ALA B 451 -18.93 6.21 36.57
CA ALA B 451 -19.26 7.50 35.97
C ALA B 451 -19.52 7.44 34.46
N VAL B 452 -18.97 6.44 33.78
CA VAL B 452 -19.16 6.32 32.33
C VAL B 452 -20.03 5.12 31.95
N GLY B 453 -20.77 4.59 32.92
CA GLY B 453 -21.64 3.47 32.65
C GLY B 453 -20.94 2.16 32.34
N PHE B 454 -19.63 2.11 32.53
CA PHE B 454 -18.89 0.88 32.28
C PHE B 454 -19.44 -0.20 33.19
N TRP B 455 -19.87 0.21 34.38
CA TRP B 455 -20.46 -0.68 35.38
C TRP B 455 -21.76 -0.01 35.82
N LYS B 456 -22.83 -0.79 36.00
CA LYS B 456 -24.13 -0.27 36.38
C LYS B 456 -24.15 0.54 37.67
N ASP B 457 -24.15 -0.14 38.80
CA ASP B 457 -24.16 0.53 40.10
C ASP B 457 -23.21 -0.17 41.05
N LEU B 458 -23.28 0.15 42.34
CA LEU B 458 -22.40 -0.48 43.31
C LEU B 458 -22.68 -1.95 43.54
N ASP B 459 -23.90 -2.39 43.22
CA ASP B 459 -24.24 -3.79 43.42
C ASP B 459 -23.49 -4.65 42.42
N GLU B 460 -23.47 -4.24 41.16
CA GLU B 460 -22.76 -4.98 40.12
C GLU B 460 -21.27 -5.01 40.43
N LEU B 461 -20.84 -4.04 41.22
CA LEU B 461 -19.44 -3.94 41.61
C LEU B 461 -19.19 -4.97 42.69
N LYS B 462 -20.15 -5.11 43.60
CA LYS B 462 -20.03 -6.08 44.68
C LYS B 462 -20.15 -7.51 44.17
N SER B 463 -21.13 -7.75 43.30
CA SER B 463 -21.37 -9.09 42.73
C SER B 463 -20.09 -9.84 42.38
N MET B 464 -19.05 -9.09 42.02
CA MET B 464 -17.77 -9.69 41.66
C MET B 464 -16.77 -9.60 42.81
N ALA B 465 -17.16 -10.09 43.97
CA ALA B 465 -16.30 -10.05 45.16
C ALA B 465 -15.57 -11.38 45.36
N GLU B 466 -14.33 -11.44 44.89
CA GLU B 466 -13.50 -12.63 45.00
C GLU B 466 -12.61 -12.53 46.23
N GLU B 467 -13.01 -13.15 47.33
CA GLU B 467 -12.23 -13.13 48.55
C GLU B 467 -10.83 -13.65 48.32
N GLY B 468 -9.85 -13.00 48.94
CA GLY B 468 -8.47 -13.40 48.79
C GLY B 468 -7.90 -14.16 49.97
N GLN B 469 -6.57 -14.22 50.04
CA GLN B 469 -5.86 -14.93 51.10
C GLN B 469 -6.27 -14.52 52.51
N MET B 470 -6.60 -15.51 53.35
CA MET B 470 -7.01 -15.25 54.72
C MET B 470 -5.89 -15.65 55.68
N PHE B 471 -5.76 -14.90 56.77
CA PHE B 471 -4.76 -15.17 57.80
C PHE B 471 -5.50 -15.06 59.14
N THR B 472 -5.45 -16.11 59.95
CA THR B 472 -6.14 -16.04 61.23
C THR B 472 -5.13 -16.19 62.35
N PRO B 473 -5.36 -15.52 63.49
CA PRO B 473 -4.43 -15.61 64.63
C PRO B 473 -4.01 -17.04 64.94
N GLU B 474 -2.75 -17.21 65.32
CA GLU B 474 -2.19 -18.51 65.67
C GLU B 474 -1.21 -18.37 66.83
N MET B 475 -1.07 -17.14 67.31
CA MET B 475 -0.17 -16.84 68.40
C MET B 475 -0.92 -16.80 69.70
N PRO B 476 -0.44 -17.53 70.73
CA PRO B 476 -1.07 -17.60 72.05
C PRO B 476 -1.11 -16.25 72.77
N ALA B 477 -2.05 -16.11 73.70
CA ALA B 477 -2.22 -14.88 74.46
C ALA B 477 -0.95 -14.37 75.14
N GLU B 478 -0.21 -15.27 75.77
CA GLU B 478 1.03 -14.92 76.47
C GLU B 478 2.05 -14.17 75.60
N GLU B 479 2.42 -14.78 74.48
CA GLU B 479 3.40 -14.20 73.57
C GLU B 479 2.89 -12.90 72.96
N ARG B 480 1.66 -12.94 72.47
CA ARG B 480 1.01 -11.78 71.85
C ARG B 480 1.09 -10.58 72.78
N ASP B 481 0.65 -10.78 74.02
CA ASP B 481 0.65 -9.75 75.04
C ASP B 481 2.03 -9.12 75.26
N ASN B 482 3.05 -9.96 75.46
CA ASN B 482 4.42 -9.49 75.69
C ASN B 482 5.02 -8.70 74.55
N LEU B 483 4.98 -9.27 73.34
CA LEU B 483 5.51 -8.58 72.17
C LEU B 483 4.95 -7.18 72.10
N TYR B 484 3.62 -7.07 72.11
CA TYR B 484 2.97 -5.76 72.03
C TYR B 484 3.26 -4.84 73.22
N GLU B 485 3.41 -5.42 74.41
CA GLU B 485 3.73 -4.63 75.59
C GLU B 485 5.17 -4.09 75.47
N GLY B 486 6.05 -4.85 74.82
CA GLY B 486 7.41 -4.39 74.64
C GLY B 486 7.39 -3.14 73.79
N TRP B 487 6.65 -3.20 72.68
CA TRP B 487 6.48 -2.09 71.74
C TRP B 487 6.06 -0.79 72.42
N LYS B 488 4.97 -0.87 73.18
CA LYS B 488 4.44 0.29 73.89
C LYS B 488 5.55 0.89 74.72
N GLN B 489 6.30 0.04 75.41
CA GLN B 489 7.38 0.55 76.25
C GLN B 489 8.51 1.14 75.44
N ALA B 490 8.66 0.68 74.21
CA ALA B 490 9.70 1.21 73.31
C ALA B 490 9.25 2.59 72.82
N VAL B 491 8.01 2.66 72.34
CA VAL B 491 7.49 3.93 71.84
C VAL B 491 7.52 4.96 72.96
N ALA B 492 7.21 4.52 74.18
CA ALA B 492 7.23 5.44 75.31
C ALA B 492 8.65 5.99 75.44
N ALA B 493 9.62 5.08 75.48
CA ALA B 493 11.02 5.48 75.61
C ALA B 493 11.41 6.41 74.48
N THR B 494 10.93 6.11 73.26
CA THR B 494 11.25 6.95 72.12
C THR B 494 10.73 8.37 72.34
N GLN B 495 9.55 8.49 72.94
CA GLN B 495 8.99 9.81 73.19
C GLN B 495 9.71 10.61 74.26
N THR B 496 10.47 9.95 75.13
CA THR B 496 11.20 10.68 76.17
C THR B 496 12.42 11.35 75.57
N PHE B 497 12.85 10.90 74.39
CA PHE B 497 14.01 11.50 73.75
C PHE B 497 13.61 12.71 72.91
N LYS B 498 13.96 13.91 73.38
CA LYS B 498 13.61 15.13 72.67
C LYS B 498 14.73 16.16 72.69
N PHE B 499 15.95 15.69 72.48
CA PHE B 499 17.10 16.58 72.47
C PHE B 499 16.88 17.69 71.44
N LYS B 500 17.29 18.90 71.77
CA LYS B 500 17.14 20.02 70.84
C LYS B 500 18.24 21.05 71.10
N ALA B 501 18.72 21.68 70.01
CA ALA B 501 19.79 22.69 70.06
C ALA B 501 21.05 22.08 70.66
N GLU C 3 -3.53 -28.08 -18.04
CA GLU C 3 -2.79 -26.78 -18.05
C GLU C 3 -2.83 -26.10 -19.42
N LYS C 4 -2.01 -26.57 -20.36
CA LYS C 4 -2.00 -26.00 -21.70
C LYS C 4 -3.13 -26.69 -22.45
N ASN C 5 -4.31 -26.07 -22.47
CA ASN C 5 -5.48 -26.66 -23.12
C ASN C 5 -5.96 -25.96 -24.38
N TYR C 6 -5.28 -24.87 -24.75
CA TYR C 6 -5.68 -24.13 -25.93
C TYR C 6 -4.54 -23.90 -26.90
N VAL C 7 -4.90 -23.55 -28.12
CA VAL C 7 -3.95 -23.29 -29.19
C VAL C 7 -4.42 -22.01 -29.87
N MET C 8 -3.49 -21.07 -30.07
CA MET C 8 -3.87 -19.82 -30.71
C MET C 8 -3.40 -19.77 -32.15
N ALA C 9 -4.29 -19.33 -33.02
CA ALA C 9 -3.96 -19.19 -34.43
C ALA C 9 -4.13 -17.71 -34.76
N ILE C 10 -3.16 -17.16 -35.48
CA ILE C 10 -3.17 -15.77 -35.88
C ILE C 10 -3.16 -15.69 -37.38
N ASP C 11 -4.20 -15.07 -37.93
CA ASP C 11 -4.32 -14.90 -39.37
C ASP C 11 -4.19 -13.42 -39.69
N GLN C 12 -3.03 -13.03 -40.23
CA GLN C 12 -2.78 -11.64 -40.58
C GLN C 12 -3.11 -11.51 -42.06
N GLY C 13 -4.25 -10.88 -42.34
CA GLY C 13 -4.71 -10.71 -43.72
C GLY C 13 -4.40 -9.41 -44.43
N THR C 14 -4.93 -9.29 -45.65
CA THR C 14 -4.71 -8.12 -46.49
C THR C 14 -5.28 -6.81 -45.95
N THR C 15 -6.41 -6.89 -45.24
CA THR C 15 -7.01 -5.69 -44.69
C THR C 15 -7.33 -5.80 -43.21
N SER C 16 -7.25 -6.99 -42.65
CA SER C 16 -7.53 -7.16 -41.23
C SER C 16 -6.73 -8.29 -40.63
N SER C 17 -6.60 -8.26 -39.32
CA SER C 17 -5.86 -9.28 -38.59
C SER C 17 -6.82 -10.06 -37.71
N ARG C 18 -6.58 -11.36 -37.58
CA ARG C 18 -7.43 -12.23 -36.78
C ARG C 18 -6.62 -13.12 -35.85
N ALA C 19 -7.23 -13.45 -34.72
CA ALA C 19 -6.62 -14.31 -33.72
C ALA C 19 -7.78 -15.16 -33.20
N ILE C 20 -7.63 -16.48 -33.29
CA ILE C 20 -8.66 -17.40 -32.83
C ILE C 20 -8.06 -18.39 -31.84
N ILE C 21 -8.72 -18.54 -30.69
CA ILE C 21 -8.27 -19.50 -29.70
C ILE C 21 -9.14 -20.74 -29.87
N PHE C 22 -8.49 -21.87 -30.11
CA PHE C 22 -9.19 -23.12 -30.32
C PHE C 22 -9.00 -24.05 -29.12
N ASP C 23 -9.98 -24.95 -28.91
CA ASP C 23 -9.90 -25.92 -27.82
C ASP C 23 -9.40 -27.20 -28.48
N ARG C 24 -9.09 -28.22 -27.70
CA ARG C 24 -8.57 -29.46 -28.27
C ARG C 24 -9.50 -30.15 -29.25
N ASN C 25 -10.68 -29.58 -29.48
CA ASN C 25 -11.65 -30.16 -30.42
C ASN C 25 -11.75 -29.42 -31.75
N GLY C 26 -11.23 -28.20 -31.81
CA GLY C 26 -11.29 -27.43 -33.04
C GLY C 26 -12.32 -26.32 -32.94
N LYS C 27 -12.85 -26.16 -31.72
CA LYS C 27 -13.87 -25.17 -31.40
C LYS C 27 -13.27 -23.85 -30.90
N LYS C 28 -13.78 -22.73 -31.39
CA LYS C 28 -13.27 -21.44 -30.95
C LYS C 28 -13.82 -21.17 -29.56
N ILE C 29 -12.97 -20.68 -28.68
CA ILE C 29 -13.38 -20.35 -27.32
C ILE C 29 -13.30 -18.82 -27.25
N GLY C 30 -12.65 -18.24 -28.26
CA GLY C 30 -12.49 -16.80 -28.31
C GLY C 30 -12.03 -16.37 -29.69
N SER C 31 -12.30 -15.11 -30.04
CA SER C 31 -11.89 -14.59 -31.34
C SER C 31 -11.82 -13.07 -31.32
N SER C 32 -11.09 -12.51 -32.28
CA SER C 32 -10.95 -11.07 -32.37
C SER C 32 -10.45 -10.69 -33.76
N GLN C 33 -11.05 -9.64 -34.33
CA GLN C 33 -10.68 -9.19 -35.66
C GLN C 33 -10.58 -7.66 -35.71
N LYS C 34 -9.56 -7.16 -36.40
CA LYS C 34 -9.38 -5.72 -36.52
C LYS C 34 -8.78 -5.35 -37.86
N GLU C 35 -9.28 -4.28 -38.47
CA GLU C 35 -8.77 -3.84 -39.76
C GLU C 35 -7.60 -2.91 -39.51
N PHE C 36 -6.78 -2.71 -40.52
CA PHE C 36 -5.64 -1.82 -40.39
C PHE C 36 -5.54 -1.03 -41.69
N PRO C 37 -4.95 0.18 -41.63
CA PRO C 37 -4.78 1.09 -42.77
C PRO C 37 -4.22 0.49 -44.05
N GLN C 38 -4.80 0.89 -45.18
CA GLN C 38 -4.34 0.44 -46.49
C GLN C 38 -3.78 1.73 -47.12
N TYR C 39 -2.84 1.62 -48.04
CA TYR C 39 -2.28 2.82 -48.64
C TYR C 39 -2.16 2.67 -50.15
N PHE C 40 -2.67 3.66 -50.87
CA PHE C 40 -2.66 3.66 -52.32
C PHE C 40 -2.07 4.99 -52.74
N PRO C 41 -0.75 5.13 -52.64
CA PRO C 41 -0.09 6.38 -53.00
C PRO C 41 -0.10 6.66 -54.49
N LYS C 42 -0.50 5.67 -55.28
CA LYS C 42 -0.51 5.83 -56.72
C LYS C 42 -1.30 4.70 -57.35
N SER C 43 -2.21 5.04 -58.27
CA SER C 43 -3.03 4.04 -58.94
C SER C 43 -2.23 2.78 -59.23
N GLY C 44 -2.69 1.65 -58.68
CA GLY C 44 -2.01 0.38 -58.87
C GLY C 44 -1.07 -0.02 -57.74
N TRP C 45 -0.72 0.93 -56.89
CA TRP C 45 0.18 0.69 -55.77
C TRP C 45 -0.61 0.43 -54.50
N VAL C 46 -0.13 -0.53 -53.71
CA VAL C 46 -0.79 -0.84 -52.44
C VAL C 46 0.30 -1.13 -51.42
N GLU C 47 0.24 -0.46 -50.28
CA GLU C 47 1.24 -0.63 -49.25
C GLU C 47 0.59 -0.74 -47.89
N HIS C 48 1.35 -1.26 -46.93
CA HIS C 48 0.90 -1.40 -45.55
C HIS C 48 2.05 -0.88 -44.70
N ASN C 49 1.76 -0.48 -43.47
CA ASN C 49 2.80 -0.04 -42.55
C ASN C 49 3.03 -1.24 -41.62
N ALA C 50 4.19 -1.88 -41.72
CA ALA C 50 4.53 -3.06 -40.92
C ALA C 50 4.30 -2.90 -39.42
N ASN C 51 4.58 -1.72 -38.87
CA ASN C 51 4.36 -1.52 -37.45
C ASN C 51 2.86 -1.54 -37.21
N GLU C 52 2.13 -0.92 -38.12
CA GLU C 52 0.69 -0.86 -38.02
C GLU C 52 0.09 -2.27 -38.04
N ILE C 53 0.63 -3.14 -38.89
CA ILE C 53 0.15 -4.52 -38.96
C ILE C 53 0.47 -5.20 -37.63
N TRP C 54 1.66 -4.94 -37.11
CA TRP C 54 2.07 -5.51 -35.85
C TRP C 54 1.06 -5.12 -34.75
N ASN C 55 0.63 -3.86 -34.75
CA ASN C 55 -0.32 -3.41 -33.74
C ASN C 55 -1.69 -4.11 -33.82
N SER C 56 -2.15 -4.39 -35.05
CA SER C 56 -3.43 -5.05 -35.22
C SER C 56 -3.34 -6.47 -34.64
N VAL C 57 -2.22 -7.12 -34.88
CA VAL C 57 -2.00 -8.46 -34.35
C VAL C 57 -1.99 -8.41 -32.83
N GLN C 58 -1.31 -7.43 -32.25
CA GLN C 58 -1.29 -7.29 -30.79
C GLN C 58 -2.73 -7.10 -30.33
N SER C 59 -3.44 -6.22 -31.05
CA SER C 59 -4.82 -5.94 -30.72
C SER C 59 -5.70 -7.21 -30.68
N VAL C 60 -5.70 -7.97 -31.77
CA VAL C 60 -6.52 -9.17 -31.81
C VAL C 60 -6.05 -10.24 -30.84
N ILE C 61 -4.75 -10.27 -30.53
CA ILE C 61 -4.25 -11.26 -29.59
C ILE C 61 -4.90 -11.01 -28.24
N ALA C 62 -4.90 -9.75 -27.82
CA ALA C 62 -5.50 -9.40 -26.55
C ALA C 62 -7.01 -9.54 -26.62
N GLY C 63 -7.58 -9.21 -27.77
CA GLY C 63 -9.01 -9.28 -27.95
C GLY C 63 -9.55 -10.68 -27.71
N ALA C 64 -8.81 -11.68 -28.19
CA ALA C 64 -9.21 -13.07 -28.05
C ALA C 64 -9.06 -13.55 -26.60
N PHE C 65 -7.99 -13.13 -25.94
CA PHE C 65 -7.80 -13.53 -24.56
C PHE C 65 -8.91 -12.95 -23.70
N ILE C 66 -9.17 -11.66 -23.91
CA ILE C 66 -10.19 -10.93 -23.18
C ILE C 66 -11.59 -11.49 -23.36
N GLU C 67 -11.93 -11.93 -24.57
CA GLU C 67 -13.26 -12.46 -24.80
C GLU C 67 -13.47 -13.88 -24.32
N SER C 68 -12.45 -14.71 -24.44
CA SER C 68 -12.54 -16.10 -24.02
C SER C 68 -12.37 -16.29 -22.52
N GLY C 69 -11.75 -15.32 -21.88
CA GLY C 69 -11.54 -15.43 -20.45
C GLY C 69 -10.27 -16.20 -20.15
N ILE C 70 -9.63 -16.70 -21.21
CA ILE C 70 -8.40 -17.48 -21.11
C ILE C 70 -7.17 -16.62 -20.79
N ARG C 71 -6.13 -17.26 -20.26
CA ARG C 71 -4.87 -16.58 -19.93
C ARG C 71 -3.78 -17.10 -20.86
N PRO C 72 -2.78 -16.26 -21.19
CA PRO C 72 -1.69 -16.68 -22.07
C PRO C 72 -0.99 -17.96 -21.57
N GLU C 73 -0.92 -18.11 -20.25
CA GLU C 73 -0.29 -19.27 -19.65
C GLU C 73 -1.00 -20.58 -19.95
N ALA C 74 -2.18 -20.49 -20.56
CA ALA C 74 -2.94 -21.71 -20.88
C ALA C 74 -2.77 -22.10 -22.34
N ILE C 75 -1.98 -21.33 -23.08
CA ILE C 75 -1.76 -21.62 -24.49
C ILE C 75 -0.63 -22.62 -24.71
N ALA C 76 -0.94 -23.70 -25.40
CA ALA C 76 0.02 -24.75 -25.70
C ALA C 76 0.98 -24.35 -26.83
N GLY C 77 0.45 -23.66 -27.82
CA GLY C 77 1.26 -23.23 -28.95
C GLY C 77 0.56 -22.17 -29.78
N ILE C 78 1.32 -21.52 -30.64
CA ILE C 78 0.82 -20.46 -31.50
C ILE C 78 1.02 -20.81 -32.96
N GLY C 79 0.00 -20.57 -33.76
CA GLY C 79 0.09 -20.85 -35.18
C GLY C 79 0.01 -19.51 -35.87
N ILE C 80 0.82 -19.34 -36.91
CA ILE C 80 0.83 -18.08 -37.62
C ILE C 80 0.58 -18.30 -39.11
N THR C 81 -0.41 -17.60 -39.63
CA THR C 81 -0.74 -17.69 -41.03
C THR C 81 -0.83 -16.25 -41.50
N ASN C 82 -0.45 -16.00 -42.76
CA ASN C 82 -0.40 -14.64 -43.27
C ASN C 82 -0.72 -14.43 -44.74
N GLN C 83 -0.90 -13.17 -45.10
CA GLN C 83 -1.13 -12.78 -46.49
C GLN C 83 0.24 -13.02 -47.12
N ARG C 84 0.29 -13.77 -48.20
CA ARG C 84 1.56 -14.09 -48.86
C ARG C 84 2.16 -12.99 -49.73
N GLU C 85 3.42 -13.18 -50.13
CA GLU C 85 4.16 -12.24 -50.97
C GLU C 85 4.46 -10.87 -50.36
N THR C 86 3.49 -10.27 -49.69
CA THR C 86 3.68 -8.96 -49.07
C THR C 86 5.08 -8.93 -48.43
N THR C 87 5.90 -8.01 -48.90
CA THR C 87 7.29 -7.87 -48.46
C THR C 87 7.60 -6.75 -47.45
N VAL C 88 8.45 -7.07 -46.49
CA VAL C 88 8.88 -6.10 -45.51
C VAL C 88 10.40 -6.20 -45.41
N VAL C 89 11.08 -5.05 -45.38
CA VAL C 89 12.53 -5.01 -45.24
C VAL C 89 12.77 -4.09 -44.06
N TRP C 90 13.52 -4.55 -43.06
CA TRP C 90 13.74 -3.75 -41.87
C TRP C 90 15.16 -3.75 -41.29
N ASP C 91 15.46 -2.74 -40.46
CA ASP C 91 16.75 -2.60 -39.81
C ASP C 91 16.87 -3.66 -38.72
N LYS C 92 17.87 -4.53 -38.85
CA LYS C 92 18.11 -5.61 -37.90
C LYS C 92 18.39 -5.18 -36.47
N THR C 93 18.97 -3.99 -36.32
CA THR C 93 19.30 -3.50 -34.99
C THR C 93 18.17 -2.77 -34.29
N THR C 94 17.65 -1.71 -34.92
CA THR C 94 16.56 -0.93 -34.33
C THR C 94 15.22 -1.63 -34.47
N GLY C 95 15.10 -2.46 -35.49
CA GLY C 95 13.86 -3.19 -35.73
C GLY C 95 12.79 -2.39 -36.45
N GLN C 96 13.18 -1.26 -37.05
CA GLN C 96 12.24 -0.41 -37.76
C GLN C 96 12.21 -0.64 -39.27
N PRO C 97 11.02 -0.87 -39.83
CA PRO C 97 10.91 -1.10 -41.28
C PRO C 97 11.58 0.05 -41.98
N ILE C 98 12.28 -0.21 -43.08
CA ILE C 98 12.95 0.87 -43.80
C ILE C 98 11.94 1.70 -44.59
N ALA C 99 10.72 1.19 -44.73
CA ALA C 99 9.63 1.87 -45.45
C ALA C 99 8.39 0.99 -45.38
N ASN C 100 7.27 1.49 -45.90
CA ASN C 100 6.03 0.72 -45.90
C ASN C 100 6.25 -0.63 -46.59
N ALA C 101 5.44 -1.62 -46.24
CA ALA C 101 5.58 -2.92 -46.87
C ALA C 101 4.86 -2.89 -48.22
N ILE C 102 5.38 -3.63 -49.19
CA ILE C 102 4.73 -3.69 -50.50
C ILE C 102 3.78 -4.87 -50.43
N VAL C 103 2.49 -4.59 -50.52
CA VAL C 103 1.48 -5.65 -50.46
C VAL C 103 1.50 -6.48 -51.72
N TRP C 104 1.15 -7.76 -51.58
CA TRP C 104 1.11 -8.68 -52.72
C TRP C 104 0.28 -8.10 -53.87
N GLN C 105 -0.67 -7.24 -53.54
CA GLN C 105 -1.53 -6.62 -54.54
C GLN C 105 -0.78 -5.60 -55.40
N SER C 106 0.00 -4.76 -54.74
CA SER C 106 0.73 -3.69 -55.43
C SER C 106 1.44 -4.10 -56.68
N ARG C 107 1.27 -3.29 -57.73
CA ARG C 107 1.93 -3.52 -58.99
C ARG C 107 3.03 -2.50 -59.18
N GLN C 108 3.38 -1.83 -58.09
CA GLN C 108 4.40 -0.78 -58.12
C GLN C 108 5.79 -1.21 -58.57
N SER C 109 6.05 -2.52 -58.57
CA SER C 109 7.36 -2.99 -58.99
C SER C 109 7.33 -3.73 -60.32
N SER C 110 6.25 -3.62 -61.07
CA SER C 110 6.17 -4.33 -62.35
C SER C 110 7.26 -3.91 -63.34
N PRO C 111 7.66 -2.63 -63.34
CA PRO C 111 8.71 -2.22 -64.28
C PRO C 111 9.92 -3.12 -64.09
N ILE C 112 10.28 -3.34 -62.84
CA ILE C 112 11.42 -4.19 -62.52
C ILE C 112 11.21 -5.60 -63.08
N ALA C 113 9.98 -6.09 -62.95
CA ALA C 113 9.66 -7.41 -63.44
C ALA C 113 9.62 -7.45 -64.97
N ASP C 114 9.02 -6.44 -65.59
CA ASP C 114 8.95 -6.39 -67.04
C ASP C 114 10.36 -6.47 -67.63
N GLN C 115 11.33 -5.93 -66.90
CA GLN C 115 12.72 -5.95 -67.34
C GLN C 115 13.27 -7.36 -67.27
N LEU C 116 12.96 -8.06 -66.17
CA LEU C 116 13.42 -9.44 -66.01
C LEU C 116 12.91 -10.26 -67.20
N LYS C 117 11.68 -9.99 -67.62
CA LYS C 117 11.08 -10.70 -68.76
C LYS C 117 11.80 -10.36 -70.05
N VAL C 118 12.13 -9.09 -70.23
CA VAL C 118 12.83 -8.65 -71.43
C VAL C 118 14.16 -9.37 -71.56
N ASP C 119 14.94 -9.43 -70.49
CA ASP C 119 16.23 -10.11 -70.54
C ASP C 119 16.11 -11.64 -70.68
N GLY C 120 14.88 -12.10 -70.90
CA GLY C 120 14.60 -13.53 -71.10
C GLY C 120 14.88 -14.53 -69.98
N HIS C 121 14.82 -14.09 -68.73
CA HIS C 121 15.07 -14.99 -67.61
C HIS C 121 13.84 -15.83 -67.27
N THR C 122 12.76 -15.57 -67.99
CA THR C 122 11.49 -16.28 -67.79
C THR C 122 11.63 -17.78 -67.49
N GLU C 123 12.32 -18.52 -68.35
CA GLU C 123 12.45 -19.95 -68.15
C GLU C 123 13.23 -20.33 -66.91
N MET C 124 14.32 -19.63 -66.64
CA MET C 124 15.11 -19.94 -65.46
C MET C 124 14.25 -19.82 -64.20
N ILE C 125 13.64 -18.66 -64.03
CA ILE C 125 12.80 -18.40 -62.87
C ILE C 125 11.73 -19.46 -62.65
N HIS C 126 11.10 -19.92 -63.72
CA HIS C 126 10.06 -20.93 -63.59
C HIS C 126 10.60 -22.27 -63.17
N GLU C 127 11.74 -22.65 -63.72
CA GLU C 127 12.35 -23.92 -63.39
C GLU C 127 12.76 -24.05 -61.94
N LYS C 128 13.23 -22.94 -61.36
CA LYS C 128 13.68 -22.96 -59.98
C LYS C 128 12.63 -22.65 -58.93
N THR C 129 11.74 -21.71 -59.23
CA THR C 129 10.71 -21.30 -58.27
C THR C 129 9.30 -21.81 -58.57
N GLY C 130 9.07 -22.26 -59.80
CA GLY C 130 7.75 -22.75 -60.16
C GLY C 130 6.76 -21.62 -60.36
N LEU C 131 7.25 -20.39 -60.37
CA LEU C 131 6.40 -19.22 -60.54
C LEU C 131 6.55 -18.57 -61.91
N VAL C 132 5.82 -17.48 -62.10
CA VAL C 132 5.87 -16.71 -63.33
C VAL C 132 6.37 -15.32 -62.89
N ILE C 133 7.29 -14.75 -63.65
CA ILE C 133 7.83 -13.42 -63.32
C ILE C 133 6.72 -12.36 -63.32
N ASP C 134 6.43 -11.81 -62.15
CA ASP C 134 5.37 -10.80 -62.04
C ASP C 134 5.54 -10.03 -60.74
N ALA C 135 5.21 -8.75 -60.77
CA ALA C 135 5.34 -7.92 -59.58
C ALA C 135 4.62 -8.54 -58.39
N TYR C 136 3.74 -9.48 -58.69
CA TYR C 136 2.97 -10.17 -57.66
C TYR C 136 3.85 -10.73 -56.55
N PHE C 137 4.98 -11.32 -56.93
CA PHE C 137 5.87 -11.95 -55.96
C PHE C 137 6.89 -11.01 -55.30
N SER C 138 7.47 -11.49 -54.21
CA SER C 138 8.43 -10.74 -53.39
C SER C 138 9.70 -10.19 -54.02
N ALA C 139 10.40 -11.01 -54.78
CA ALA C 139 11.66 -10.62 -55.42
C ALA C 139 11.71 -9.19 -55.95
N THR C 140 10.81 -8.85 -56.87
CA THR C 140 10.81 -7.51 -57.46
C THR C 140 10.42 -6.44 -56.46
N LYS C 141 9.84 -6.84 -55.33
CA LYS C 141 9.43 -5.89 -54.30
C LYS C 141 10.62 -5.52 -53.44
N VAL C 142 11.48 -6.50 -53.18
CA VAL C 142 12.68 -6.25 -52.40
C VAL C 142 13.54 -5.29 -53.24
N ARG C 143 13.76 -5.70 -54.49
CA ARG C 143 14.53 -4.92 -55.45
C ARG C 143 14.07 -3.46 -55.42
N TRP C 144 12.76 -3.26 -55.59
CA TRP C 144 12.17 -1.93 -55.59
C TRP C 144 12.62 -1.14 -54.37
N LEU C 145 12.43 -1.73 -53.19
CA LEU C 145 12.80 -1.09 -51.94
C LEU C 145 14.30 -0.74 -51.87
N LEU C 146 15.14 -1.57 -52.47
CA LEU C 146 16.59 -1.30 -52.44
C LEU C 146 17.01 -0.31 -53.52
N ASP C 147 16.07 0.13 -54.34
CA ASP C 147 16.34 1.06 -55.41
C ASP C 147 15.77 2.45 -55.15
N ASN C 148 14.69 2.49 -54.41
CA ASN C 148 14.02 3.75 -54.17
C ASN C 148 14.11 4.27 -52.75
N ILE C 149 14.68 3.49 -51.85
CA ILE C 149 14.78 3.94 -50.47
C ILE C 149 16.19 4.37 -50.09
N GLU C 150 16.28 5.63 -49.66
CA GLU C 150 17.51 6.27 -49.24
C GLU C 150 18.55 5.35 -48.60
N GLY C 151 19.60 5.05 -49.36
CA GLY C 151 20.71 4.21 -48.90
C GLY C 151 20.39 2.86 -48.32
N ALA C 152 19.36 2.19 -48.84
CA ALA C 152 18.98 0.88 -48.35
C ALA C 152 19.94 -0.18 -48.84
N GLN C 153 20.32 -0.11 -50.11
CA GLN C 153 21.25 -1.09 -50.69
C GLN C 153 22.55 -1.15 -49.92
N GLU C 154 23.02 0.00 -49.43
CA GLU C 154 24.27 0.04 -48.69
C GLU C 154 24.15 -0.58 -47.31
N LYS C 155 23.02 -0.37 -46.64
CA LYS C 155 22.82 -0.95 -45.30
C LYS C 155 22.64 -2.45 -45.42
N ALA C 156 22.21 -2.91 -46.60
CA ALA C 156 21.97 -4.32 -46.89
C ALA C 156 23.25 -5.06 -47.26
N ASP C 157 24.04 -4.50 -48.15
CA ASP C 157 25.28 -5.13 -48.55
C ASP C 157 26.20 -5.23 -47.33
N ASN C 158 25.87 -4.48 -46.29
CA ASN C 158 26.65 -4.46 -45.06
C ASN C 158 25.96 -5.41 -44.09
N GLY C 159 24.97 -6.15 -44.60
CA GLY C 159 24.23 -7.08 -43.77
C GLY C 159 23.55 -6.47 -42.56
N GLU C 160 22.93 -5.31 -42.74
CA GLU C 160 22.25 -4.61 -41.66
C GLU C 160 20.71 -4.65 -41.83
N LEU C 161 20.24 -5.12 -42.99
CA LEU C 161 18.81 -5.19 -43.24
C LEU C 161 18.26 -6.61 -43.39
N LEU C 162 17.02 -6.80 -42.97
CA LEU C 162 16.38 -8.10 -43.09
C LEU C 162 15.14 -8.03 -43.97
N PHE C 163 14.95 -9.06 -44.78
CA PHE C 163 13.77 -9.15 -45.62
C PHE C 163 12.86 -10.15 -44.93
N GLY C 164 11.57 -10.04 -45.18
CA GLY C 164 10.67 -10.98 -44.55
C GLY C 164 9.26 -10.83 -45.07
N THR C 165 8.58 -11.96 -45.25
CA THR C 165 7.20 -11.92 -45.67
C THR C 165 6.51 -11.78 -44.32
N ILE C 166 5.23 -11.37 -44.29
CA ILE C 166 4.54 -11.18 -43.02
C ILE C 166 4.72 -12.24 -41.93
N ASP C 167 4.78 -13.51 -42.30
CA ASP C 167 4.96 -14.57 -41.30
C ASP C 167 6.26 -14.32 -40.55
N SER C 168 7.32 -14.11 -41.33
CA SER C 168 8.65 -13.87 -40.82
C SER C 168 8.70 -12.60 -39.97
N TRP C 169 7.92 -11.61 -40.38
CA TRP C 169 7.87 -10.35 -39.68
C TRP C 169 7.24 -10.49 -38.31
N LEU C 170 6.18 -11.28 -38.21
CA LEU C 170 5.48 -11.43 -36.93
C LEU C 170 6.27 -12.26 -35.93
N VAL C 171 6.90 -13.34 -36.38
CA VAL C 171 7.69 -14.18 -35.48
C VAL C 171 8.86 -13.37 -34.92
N TRP C 172 9.40 -12.49 -35.73
CA TRP C 172 10.51 -11.66 -35.27
C TRP C 172 10.04 -10.76 -34.13
N LYS C 173 8.90 -10.10 -34.31
CA LYS C 173 8.36 -9.20 -33.29
C LYS C 173 7.97 -9.97 -32.03
N LEU C 174 7.35 -11.13 -32.22
CA LEU C 174 6.92 -11.96 -31.10
C LEU C 174 8.08 -12.46 -30.22
N THR C 175 9.24 -12.67 -30.82
CA THR C 175 10.40 -13.16 -30.08
C THR C 175 11.38 -12.02 -29.86
N ASP C 176 10.93 -10.81 -30.17
CA ASP C 176 11.73 -9.63 -30.00
C ASP C 176 13.07 -9.76 -30.71
N GLY C 177 13.04 -9.92 -32.02
CA GLY C 177 14.27 -10.03 -32.81
C GLY C 177 15.17 -11.25 -32.62
N GLN C 178 14.76 -12.16 -31.75
CA GLN C 178 15.59 -13.33 -31.54
C GLN C 178 15.60 -14.30 -32.71
N VAL C 179 14.45 -14.48 -33.35
CA VAL C 179 14.32 -15.42 -34.48
C VAL C 179 13.94 -14.77 -35.80
N HIS C 180 14.66 -15.12 -36.86
CA HIS C 180 14.37 -14.60 -38.19
C HIS C 180 14.20 -15.82 -39.09
N VAL C 181 13.00 -16.37 -39.08
CA VAL C 181 12.70 -17.57 -39.83
C VAL C 181 11.50 -17.42 -40.76
N THR C 182 11.26 -18.44 -41.58
CA THR C 182 10.12 -18.45 -42.49
C THR C 182 9.90 -19.91 -42.89
N ASP C 183 8.65 -20.26 -43.21
CA ASP C 183 8.33 -21.64 -43.58
C ASP C 183 8.37 -21.87 -45.08
N TYR C 184 8.42 -23.14 -45.48
CA TYR C 184 8.48 -23.52 -46.89
C TYR C 184 7.46 -22.82 -47.78
N SER C 185 6.19 -22.83 -47.39
CA SER C 185 5.16 -22.23 -48.22
C SER C 185 5.37 -20.74 -48.47
N ASN C 186 5.66 -19.97 -47.43
CA ASN C 186 5.89 -18.53 -47.65
C ASN C 186 7.17 -18.27 -48.43
N ALA C 187 8.20 -19.06 -48.17
CA ALA C 187 9.48 -18.90 -48.88
C ALA C 187 9.33 -19.14 -50.37
N SER C 188 8.53 -20.15 -50.73
CA SER C 188 8.30 -20.52 -52.12
C SER C 188 7.58 -19.43 -52.92
N ARG C 189 7.03 -18.46 -52.21
CA ARG C 189 6.27 -17.36 -52.80
C ARG C 189 7.08 -16.11 -53.09
N THR C 190 8.36 -16.14 -52.73
CA THR C 190 9.21 -14.98 -52.91
C THR C 190 9.78 -14.85 -54.31
N MET C 191 9.95 -15.99 -54.99
CA MET C 191 10.51 -16.05 -56.33
C MET C 191 12.03 -15.90 -56.21
N LEU C 192 12.53 -16.10 -54.99
CA LEU C 192 13.95 -16.03 -54.69
C LEU C 192 14.33 -17.39 -54.10
N TYR C 193 13.38 -18.32 -54.07
CA TYR C 193 13.61 -19.63 -53.49
C TYR C 193 13.43 -20.79 -54.48
N ASN C 194 14.45 -21.62 -54.61
CA ASN C 194 14.38 -22.78 -55.52
C ASN C 194 13.55 -23.84 -54.79
N ILE C 195 12.37 -24.16 -55.31
CA ILE C 195 11.50 -25.14 -54.66
C ILE C 195 11.86 -26.60 -54.89
N HIS C 196 12.82 -26.86 -55.78
CA HIS C 196 13.21 -28.24 -56.07
C HIS C 196 14.43 -28.63 -55.23
N LYS C 197 15.39 -27.72 -55.15
CA LYS C 197 16.61 -27.94 -54.37
C LYS C 197 16.32 -27.60 -52.90
N LEU C 198 15.18 -26.96 -52.66
CA LEU C 198 14.78 -26.55 -51.31
C LEU C 198 15.85 -25.63 -50.69
N GLU C 199 16.11 -24.51 -51.34
CA GLU C 199 17.11 -23.54 -50.86
C GLU C 199 17.00 -22.20 -51.56
N TRP C 200 17.55 -21.17 -50.94
CA TRP C 200 17.54 -19.84 -51.55
C TRP C 200 18.41 -19.96 -52.79
N ASP C 201 17.85 -19.60 -53.94
CA ASP C 201 18.61 -19.68 -55.18
C ASP C 201 19.52 -18.49 -55.38
N GLN C 202 20.82 -18.74 -55.30
CA GLN C 202 21.83 -17.70 -55.46
C GLN C 202 21.76 -16.93 -56.77
N GLU C 203 21.58 -17.64 -57.89
CA GLU C 203 21.52 -16.97 -59.20
C GLU C 203 20.52 -15.84 -59.23
N ILE C 204 19.29 -16.11 -58.78
CA ILE C 204 18.26 -15.09 -58.79
C ILE C 204 18.69 -13.97 -57.84
N LEU C 205 19.32 -14.34 -56.73
CA LEU C 205 19.78 -13.34 -55.79
C LEU C 205 20.79 -12.40 -56.46
N ASP C 206 21.75 -12.99 -57.18
CA ASP C 206 22.76 -12.19 -57.87
C ASP C 206 22.09 -11.36 -58.94
N LEU C 207 21.21 -12.00 -59.69
CA LEU C 207 20.51 -11.33 -60.77
C LEU C 207 19.86 -10.02 -60.30
N LEU C 208 19.38 -9.98 -59.06
CA LEU C 208 18.71 -8.78 -58.56
C LEU C 208 19.45 -7.99 -57.49
N ASN C 209 20.77 -8.19 -57.39
CA ASN C 209 21.57 -7.51 -56.39
C ASN C 209 20.87 -7.49 -55.04
N ILE C 210 20.57 -8.69 -54.55
CA ILE C 210 19.92 -8.87 -53.27
C ILE C 210 20.85 -9.71 -52.42
N PRO C 211 21.56 -9.09 -51.46
CA PRO C 211 22.49 -9.81 -50.58
C PRO C 211 21.80 -10.85 -49.70
N SER C 212 22.30 -12.07 -49.74
CA SER C 212 21.73 -13.18 -48.97
C SER C 212 21.71 -12.96 -47.47
N SER C 213 22.43 -11.96 -46.99
CA SER C 213 22.46 -11.68 -45.55
C SER C 213 21.11 -11.18 -45.08
N MET C 214 20.28 -10.74 -46.01
CA MET C 214 18.94 -10.24 -45.67
C MET C 214 17.96 -11.41 -45.44
N LEU C 215 18.31 -12.59 -45.96
CA LEU C 215 17.46 -13.76 -45.89
C LEU C 215 17.39 -14.54 -44.57
N PRO C 216 16.16 -14.89 -44.13
CA PRO C 216 15.86 -15.65 -42.90
C PRO C 216 16.04 -17.15 -43.17
N GLU C 217 16.09 -17.94 -42.11
CA GLU C 217 16.25 -19.38 -42.27
C GLU C 217 14.91 -19.98 -42.69
N VAL C 218 14.94 -20.92 -43.64
CA VAL C 218 13.70 -21.56 -44.11
C VAL C 218 13.49 -22.85 -43.34
N LYS C 219 12.29 -23.02 -42.78
CA LYS C 219 11.98 -24.21 -42.02
C LYS C 219 10.65 -24.85 -42.44
N SER C 220 10.30 -25.97 -41.81
CA SER C 220 9.07 -26.66 -42.14
C SER C 220 7.89 -25.84 -41.64
N ASN C 221 6.68 -26.36 -41.82
CA ASN C 221 5.47 -25.67 -41.41
C ASN C 221 4.99 -26.09 -40.01
N SER C 222 5.57 -27.16 -39.49
CA SER C 222 5.18 -27.66 -38.17
C SER C 222 6.38 -27.99 -37.30
N GLU C 223 6.81 -27.02 -36.49
CA GLU C 223 7.96 -27.22 -35.62
C GLU C 223 8.13 -25.96 -34.76
N VAL C 224 8.77 -26.10 -33.62
CA VAL C 224 8.95 -24.96 -32.73
C VAL C 224 10.02 -23.96 -33.20
N TYR C 225 9.56 -22.85 -33.75
CA TYR C 225 10.46 -21.83 -34.25
C TYR C 225 11.18 -21.07 -33.16
N GLY C 226 10.52 -20.96 -32.00
CA GLY C 226 11.08 -20.24 -30.87
C GLY C 226 9.97 -19.95 -29.89
N HIS C 227 10.20 -19.01 -28.98
CA HIS C 227 9.18 -18.67 -27.99
C HIS C 227 8.91 -17.17 -27.91
N THR C 228 7.65 -16.83 -27.70
CA THR C 228 7.24 -15.45 -27.58
C THR C 228 7.92 -14.88 -26.36
N ARG C 229 8.30 -13.61 -26.42
CA ARG C 229 8.95 -12.95 -25.32
C ARG C 229 8.07 -11.76 -24.93
N SER C 230 8.07 -10.76 -25.82
CA SER C 230 7.31 -9.51 -25.67
C SER C 230 6.65 -9.25 -24.31
N TYR C 231 5.38 -8.86 -24.32
CA TYR C 231 4.72 -8.58 -23.06
C TYR C 231 3.26 -9.00 -23.03
N GLU C 232 2.65 -9.15 -24.20
CA GLU C 232 1.25 -9.56 -24.27
C GLU C 232 1.23 -10.92 -23.59
N PHE C 233 1.91 -11.87 -24.23
CA PHE C 233 2.01 -13.23 -23.75
C PHE C 233 2.84 -13.34 -22.47
N TYR C 234 2.93 -12.27 -21.69
CA TYR C 234 3.75 -12.36 -20.48
C TYR C 234 3.26 -13.49 -19.60
N GLY C 235 2.06 -14.00 -19.91
CA GLY C 235 1.53 -15.11 -19.16
C GLY C 235 2.66 -16.12 -19.06
N SER C 236 3.38 -16.28 -20.17
CA SER C 236 4.53 -17.19 -20.23
C SER C 236 5.24 -17.12 -21.58
N GLU C 237 6.29 -17.92 -21.74
CA GLU C 237 7.04 -17.98 -22.99
C GLU C 237 6.29 -19.02 -23.79
N VAL C 238 5.45 -18.57 -24.70
CA VAL C 238 4.67 -19.49 -25.50
C VAL C 238 5.36 -19.96 -26.77
N PRO C 239 5.26 -21.25 -27.07
CA PRO C 239 5.87 -21.84 -28.27
C PRO C 239 5.19 -21.34 -29.54
N ILE C 240 5.99 -20.99 -30.54
CA ILE C 240 5.45 -20.54 -31.81
C ILE C 240 5.81 -21.74 -32.66
N ALA C 241 4.81 -22.57 -32.95
CA ALA C 241 5.11 -23.80 -33.67
C ALA C 241 4.44 -24.09 -35.01
N GLY C 242 3.66 -23.16 -35.55
CA GLY C 242 3.03 -23.42 -36.83
C GLY C 242 3.07 -22.20 -37.72
N MET C 243 3.48 -22.37 -38.98
CA MET C 243 3.55 -21.24 -39.91
C MET C 243 3.25 -21.65 -41.35
N ALA C 244 2.48 -20.83 -42.04
CA ALA C 244 2.11 -21.13 -43.42
C ALA C 244 1.47 -19.91 -44.07
N GLY C 245 1.56 -19.85 -45.40
CA GLY C 245 0.92 -18.76 -46.11
C GLY C 245 -0.56 -19.03 -45.87
N ASP C 246 -1.39 -18.00 -45.87
CA ASP C 246 -2.80 -18.22 -45.61
C ASP C 246 -3.43 -19.33 -46.47
N GLN C 247 -3.13 -19.33 -47.76
CA GLN C 247 -3.71 -20.32 -48.67
C GLN C 247 -3.28 -21.75 -48.37
N GLN C 248 -2.01 -21.97 -48.09
CA GLN C 248 -1.58 -23.31 -47.76
C GLN C 248 -2.19 -23.66 -46.42
N ALA C 249 -2.33 -22.65 -45.55
CA ALA C 249 -2.93 -22.89 -44.24
C ALA C 249 -4.37 -23.37 -44.44
N ALA C 250 -5.12 -22.72 -45.32
CA ALA C 250 -6.51 -23.11 -45.58
C ALA C 250 -6.55 -24.55 -46.10
N LEU C 251 -5.58 -24.88 -46.95
CA LEU C 251 -5.45 -26.22 -47.55
C LEU C 251 -5.27 -27.27 -46.47
N PHE C 252 -4.47 -26.95 -45.46
CA PHE C 252 -4.21 -27.88 -44.38
C PHE C 252 -5.48 -27.93 -43.50
N GLY C 253 -6.18 -26.81 -43.39
CA GLY C 253 -7.39 -26.75 -42.59
C GLY C 253 -8.48 -27.61 -43.21
N GLN C 254 -8.53 -27.62 -44.54
CA GLN C 254 -9.51 -28.42 -45.26
C GLN C 254 -9.13 -29.89 -45.14
N MET C 255 -8.03 -30.15 -44.44
CA MET C 255 -7.53 -31.50 -44.27
C MET C 255 -7.36 -32.15 -45.64
N ALA C 256 -6.87 -31.36 -46.60
CA ALA C 256 -6.63 -31.85 -47.95
C ALA C 256 -5.17 -32.30 -48.03
N PHE C 257 -4.87 -33.44 -47.44
CA PHE C 257 -3.51 -33.98 -47.40
C PHE C 257 -3.16 -34.88 -48.56
N GLU C 258 -4.15 -35.52 -49.15
CA GLU C 258 -3.92 -36.45 -50.25
C GLU C 258 -3.71 -35.77 -51.58
N LYS C 259 -3.00 -36.45 -52.48
CA LYS C 259 -2.74 -35.90 -53.80
C LYS C 259 -4.06 -35.78 -54.56
N GLY C 260 -4.27 -34.64 -55.20
CA GLY C 260 -5.50 -34.43 -55.94
C GLY C 260 -6.57 -33.66 -55.19
N MET C 261 -6.46 -33.57 -53.87
CA MET C 261 -7.46 -32.82 -53.11
C MET C 261 -7.29 -31.34 -53.45
N ILE C 262 -8.41 -30.69 -53.72
CA ILE C 262 -8.39 -29.31 -54.16
C ILE C 262 -9.40 -28.43 -53.45
N LYS C 263 -8.99 -27.20 -53.11
CA LYS C 263 -9.89 -26.25 -52.45
C LYS C 263 -9.75 -24.88 -53.08
N ASN C 264 -10.64 -23.99 -52.66
CA ASN C 264 -10.64 -22.62 -53.15
C ASN C 264 -11.05 -21.73 -51.97
N THR C 265 -10.30 -20.68 -51.72
CA THR C 265 -10.61 -19.79 -50.61
C THR C 265 -11.07 -18.42 -51.11
N TYR C 266 -12.32 -18.09 -50.82
CA TYR C 266 -12.95 -16.83 -51.22
C TYR C 266 -12.70 -15.72 -50.21
N GLY C 267 -11.71 -14.87 -50.47
CA GLY C 267 -11.41 -13.79 -49.55
C GLY C 267 -11.16 -12.52 -50.32
N THR C 268 -10.12 -11.77 -49.97
CA THR C 268 -9.83 -10.54 -50.70
C THR C 268 -9.68 -10.96 -52.15
N GLY C 269 -9.05 -12.11 -52.33
CA GLY C 269 -8.88 -12.69 -53.65
C GLY C 269 -9.40 -14.12 -53.55
N ALA C 270 -9.32 -14.86 -54.65
CA ALA C 270 -9.77 -16.24 -54.62
C ALA C 270 -8.56 -17.04 -55.08
N PHE C 271 -8.24 -18.10 -54.33
CA PHE C 271 -7.09 -18.93 -54.66
C PHE C 271 -7.41 -20.41 -54.66
N ILE C 272 -7.35 -21.03 -55.85
CA ILE C 272 -7.59 -22.46 -55.98
C ILE C 272 -6.25 -23.15 -55.75
N VAL C 273 -6.21 -24.10 -54.82
CA VAL C 273 -4.97 -24.81 -54.54
C VAL C 273 -5.20 -26.32 -54.56
N MET C 274 -4.33 -27.04 -55.25
CA MET C 274 -4.44 -28.49 -55.33
C MET C 274 -3.15 -29.16 -54.85
N ASN C 275 -3.32 -30.05 -53.87
CA ASN C 275 -2.24 -30.82 -53.26
C ASN C 275 -1.68 -31.75 -54.34
N THR C 276 -0.40 -31.64 -54.67
CA THR C 276 0.17 -32.53 -55.71
C THR C 276 1.05 -33.67 -55.17
N GLY C 277 1.07 -33.84 -53.85
CA GLY C 277 1.87 -34.91 -53.28
C GLY C 277 3.31 -34.49 -53.11
N GLU C 278 4.22 -35.47 -53.06
CA GLU C 278 5.63 -35.19 -52.87
C GLU C 278 6.40 -34.85 -54.13
N GLU C 279 5.70 -34.70 -55.25
CA GLU C 279 6.35 -34.38 -56.53
C GLU C 279 5.83 -33.09 -57.18
N PRO C 280 6.72 -32.14 -57.51
CA PRO C 280 6.25 -30.90 -58.15
C PRO C 280 5.67 -31.29 -59.49
N GLN C 281 4.45 -30.89 -59.79
CA GLN C 281 3.85 -31.26 -61.06
C GLN C 281 4.61 -30.75 -62.29
N LEU C 282 4.88 -31.66 -63.22
CA LEU C 282 5.58 -31.33 -64.45
C LEU C 282 4.83 -30.31 -65.30
N SER C 283 3.51 -30.48 -65.40
CA SER C 283 2.66 -29.60 -66.20
C SER C 283 1.92 -28.51 -65.41
N ASP C 284 2.29 -27.26 -65.65
CA ASP C 284 1.65 -26.13 -64.98
C ASP C 284 1.65 -24.93 -65.91
N ASN C 285 1.42 -25.18 -67.19
CA ASN C 285 1.43 -24.12 -68.20
C ASN C 285 0.97 -22.75 -67.72
N ASP C 286 -0.33 -22.56 -67.52
CA ASP C 286 -0.83 -21.25 -67.09
C ASP C 286 -1.11 -21.16 -65.60
N LEU C 287 -0.33 -21.84 -64.77
CA LEU C 287 -0.58 -21.82 -63.33
C LEU C 287 0.68 -21.54 -62.53
N LEU C 288 0.69 -22.01 -61.28
CA LEU C 288 1.85 -21.84 -60.41
C LEU C 288 2.12 -23.17 -59.71
N THR C 289 3.38 -23.50 -59.54
CA THR C 289 3.76 -24.70 -58.80
C THR C 289 4.47 -24.20 -57.55
N THR C 290 3.95 -24.59 -56.40
CA THR C 290 4.56 -24.17 -55.13
C THR C 290 4.51 -25.26 -54.09
N ILE C 291 5.00 -24.90 -52.91
CA ILE C 291 5.02 -25.80 -51.80
C ILE C 291 3.74 -25.66 -51.00
N GLY C 292 3.08 -26.78 -50.77
CA GLY C 292 1.88 -26.76 -49.98
C GLY C 292 2.36 -26.64 -48.54
N TYR C 293 3.19 -27.58 -48.11
CA TYR C 293 3.71 -27.57 -46.75
C TYR C 293 4.70 -28.70 -46.54
N GLY C 294 5.59 -28.51 -45.57
CA GLY C 294 6.58 -29.51 -45.23
C GLY C 294 6.32 -30.00 -43.81
N ILE C 295 6.06 -31.30 -43.68
CA ILE C 295 5.78 -31.87 -42.37
C ILE C 295 6.31 -33.31 -42.31
N ASN C 296 6.52 -33.80 -41.08
CA ASN C 296 7.02 -35.16 -40.85
C ASN C 296 8.20 -35.56 -41.73
N GLY C 297 9.13 -34.62 -41.92
CA GLY C 297 10.30 -34.90 -42.73
C GLY C 297 10.04 -34.89 -44.21
N LYS C 298 8.83 -34.51 -44.62
CA LYS C 298 8.49 -34.48 -46.03
C LYS C 298 7.97 -33.15 -46.55
N VAL C 299 8.07 -32.95 -47.87
CA VAL C 299 7.59 -31.73 -48.50
C VAL C 299 6.51 -32.07 -49.53
N TYR C 300 5.33 -31.49 -49.34
CA TYR C 300 4.18 -31.70 -50.20
C TYR C 300 3.91 -30.49 -51.08
N TYR C 301 3.87 -30.70 -52.39
CA TYR C 301 3.66 -29.61 -53.33
C TYR C 301 2.19 -29.31 -53.64
N ALA C 302 1.99 -28.26 -54.42
CA ALA C 302 0.65 -27.84 -54.79
C ALA C 302 0.69 -27.06 -56.11
N LEU C 303 -0.46 -27.03 -56.78
CA LEU C 303 -0.64 -26.31 -58.04
C LEU C 303 -1.60 -25.21 -57.68
N GLU C 304 -1.20 -23.95 -57.83
CA GLU C 304 -2.11 -22.86 -57.46
C GLU C 304 -2.68 -22.13 -58.66
N GLY C 305 -3.84 -21.54 -58.47
CA GLY C 305 -4.51 -20.77 -59.50
C GLY C 305 -4.99 -19.55 -58.77
N SER C 306 -4.40 -18.40 -59.04
CA SER C 306 -4.77 -17.19 -58.33
C SER C 306 -5.60 -16.14 -59.06
N ILE C 307 -6.65 -15.68 -58.38
CA ILE C 307 -7.57 -14.64 -58.85
C ILE C 307 -7.32 -13.46 -57.93
N PHE C 308 -6.67 -12.43 -58.43
CA PHE C 308 -6.34 -11.28 -57.61
C PHE C 308 -7.50 -10.54 -56.99
N VAL C 309 -8.48 -10.14 -57.79
CA VAL C 309 -9.62 -9.41 -57.25
C VAL C 309 -10.87 -10.28 -57.12
N ALA C 310 -11.38 -10.38 -55.90
CA ALA C 310 -12.58 -11.15 -55.59
C ALA C 310 -13.37 -10.30 -54.61
N GLY C 311 -13.06 -10.46 -53.32
CA GLY C 311 -13.75 -9.69 -52.29
C GLY C 311 -13.48 -8.19 -52.42
N SER C 312 -12.28 -7.83 -52.86
CA SER C 312 -11.93 -6.42 -53.03
C SER C 312 -12.83 -5.80 -54.08
N ALA C 313 -13.36 -6.63 -54.97
CA ALA C 313 -14.27 -6.15 -56.02
C ALA C 313 -15.55 -5.64 -55.38
N ILE C 314 -15.96 -6.29 -54.29
CA ILE C 314 -17.17 -5.90 -53.56
C ILE C 314 -16.86 -4.66 -52.73
N GLN C 315 -15.62 -4.58 -52.28
CA GLN C 315 -15.14 -3.46 -51.50
C GLN C 315 -15.21 -2.20 -52.39
N TRP C 316 -14.90 -2.38 -53.67
CA TRP C 316 -14.93 -1.28 -54.63
C TRP C 316 -16.36 -0.82 -54.84
N LEU C 317 -17.30 -1.76 -54.87
CA LEU C 317 -18.70 -1.40 -55.05
C LEU C 317 -19.11 -0.52 -53.87
N ARG C 318 -18.44 -0.71 -52.74
CA ARG C 318 -18.80 0.07 -51.56
C ARG C 318 -18.07 1.40 -51.41
N ASP C 319 -16.75 1.37 -51.57
CA ASP C 319 -15.96 2.59 -51.42
C ASP C 319 -15.74 3.37 -52.71
N GLY C 320 -15.84 2.67 -53.84
CA GLY C 320 -15.65 3.31 -55.14
C GLY C 320 -16.93 3.92 -55.72
N LEU C 321 -17.82 3.06 -56.22
CA LEU C 321 -19.06 3.56 -56.81
C LEU C 321 -20.09 3.88 -55.73
N ARG C 322 -19.87 3.39 -54.52
CA ARG C 322 -20.82 3.64 -53.45
C ARG C 322 -22.15 3.06 -53.88
N MET C 323 -22.08 1.91 -54.56
CA MET C 323 -23.27 1.23 -55.04
C MET C 323 -23.97 0.45 -53.94
N ILE C 324 -23.24 0.12 -52.88
CA ILE C 324 -23.78 -0.64 -51.74
C ILE C 324 -23.37 -0.02 -50.39
N GLU C 325 -24.24 -0.16 -49.38
CA GLU C 325 -23.96 0.42 -48.08
C GLU C 325 -22.90 -0.34 -47.31
N THR C 326 -23.04 -1.65 -47.26
CA THR C 326 -22.07 -2.51 -46.57
C THR C 326 -21.77 -3.72 -47.45
N SER C 327 -20.52 -4.20 -47.41
CA SER C 327 -20.15 -5.35 -48.22
C SER C 327 -21.15 -6.50 -48.15
N PRO C 328 -21.65 -6.85 -46.96
CA PRO C 328 -22.62 -7.94 -46.85
C PRO C 328 -23.96 -7.68 -47.56
N GLN C 329 -24.27 -6.40 -47.79
CA GLN C 329 -25.50 -6.00 -48.46
C GLN C 329 -25.52 -6.42 -49.93
N SER C 330 -24.35 -6.79 -50.45
CA SER C 330 -24.25 -7.20 -51.84
C SER C 330 -25.07 -8.47 -52.10
N GLU C 331 -24.97 -9.43 -51.19
CA GLU C 331 -25.70 -10.68 -51.35
C GLU C 331 -27.22 -10.49 -51.46
N GLU C 332 -27.79 -9.66 -50.59
CA GLU C 332 -29.23 -9.37 -50.60
C GLU C 332 -29.60 -8.81 -51.96
N LEU C 333 -28.83 -7.80 -52.37
CA LEU C 333 -29.05 -7.17 -53.65
C LEU C 333 -28.97 -8.23 -54.73
N ALA C 334 -27.81 -8.87 -54.83
CA ALA C 334 -27.60 -9.91 -55.85
C ALA C 334 -28.72 -10.94 -55.86
N ALA C 335 -29.36 -11.13 -54.72
CA ALA C 335 -30.44 -12.10 -54.63
C ALA C 335 -31.71 -11.63 -55.34
N LYS C 336 -31.93 -10.32 -55.36
CA LYS C 336 -33.13 -9.79 -56.00
C LYS C 336 -32.98 -9.53 -57.50
N ALA C 337 -31.79 -9.77 -58.05
CA ALA C 337 -31.53 -9.55 -59.47
C ALA C 337 -32.57 -10.25 -60.34
N LYS C 338 -33.10 -9.55 -61.35
CA LYS C 338 -34.09 -10.12 -62.23
C LYS C 338 -33.69 -10.03 -63.70
N GLY C 339 -32.43 -9.74 -63.98
CA GLY C 339 -31.99 -9.65 -65.36
C GLY C 339 -31.90 -11.03 -65.96
N ASP C 340 -31.66 -11.13 -67.27
CA ASP C 340 -31.55 -12.43 -67.92
C ASP C 340 -30.13 -12.98 -67.74
N ASN C 341 -29.41 -12.33 -66.83
CA ASN C 341 -28.06 -12.73 -66.49
C ASN C 341 -27.02 -12.73 -67.61
N GLU C 342 -27.13 -11.78 -68.52
CA GLU C 342 -26.16 -11.69 -69.61
C GLU C 342 -25.19 -10.53 -69.38
N VAL C 343 -25.21 -9.98 -68.17
CA VAL C 343 -24.33 -8.88 -67.77
C VAL C 343 -23.07 -9.50 -67.18
N TYR C 344 -21.91 -8.94 -67.54
CA TYR C 344 -20.62 -9.44 -67.09
C TYR C 344 -19.73 -8.32 -66.55
N VAL C 345 -18.96 -8.66 -65.50
CA VAL C 345 -18.05 -7.71 -64.89
C VAL C 345 -16.71 -8.41 -64.69
N VAL C 346 -15.70 -7.98 -65.41
CA VAL C 346 -14.38 -8.58 -65.26
C VAL C 346 -13.55 -7.57 -64.49
N PRO C 347 -13.54 -7.68 -63.16
CA PRO C 347 -12.82 -6.81 -62.22
C PRO C 347 -11.32 -7.03 -62.19
N ALA C 348 -10.69 -6.93 -63.34
CA ALA C 348 -9.25 -7.10 -63.39
C ALA C 348 -8.57 -5.76 -63.13
N PHE C 349 -8.88 -5.16 -61.97
CA PHE C 349 -8.32 -3.86 -61.59
C PHE C 349 -6.81 -3.72 -61.73
N THR C 350 -6.09 -4.78 -61.44
CA THR C 350 -4.63 -4.75 -61.52
C THR C 350 -4.11 -5.85 -62.43
N GLY C 351 -4.92 -6.24 -63.41
CA GLY C 351 -4.53 -7.29 -64.32
C GLY C 351 -5.28 -8.57 -64.02
N LEU C 352 -5.37 -9.44 -65.03
CA LEU C 352 -6.05 -10.73 -64.90
C LEU C 352 -5.09 -11.77 -64.34
N GLY C 353 -5.59 -12.59 -63.43
CA GLY C 353 -4.77 -13.63 -62.85
C GLY C 353 -4.79 -14.88 -63.70
N ALA C 354 -4.61 -16.04 -63.06
CA ALA C 354 -4.59 -17.31 -63.75
C ALA C 354 -5.93 -17.64 -64.40
N PRO C 355 -5.91 -18.28 -65.57
CA PRO C 355 -4.71 -18.70 -66.29
C PRO C 355 -4.21 -17.66 -67.31
N TYR C 356 -4.73 -16.45 -67.18
CA TYR C 356 -4.38 -15.36 -68.10
C TYR C 356 -3.05 -14.69 -67.85
N TRP C 357 -2.80 -14.28 -66.60
CA TRP C 357 -1.56 -13.58 -66.25
C TRP C 357 -1.31 -12.43 -67.21
N ASP C 358 -2.30 -11.56 -67.34
CA ASP C 358 -2.23 -10.39 -68.21
C ASP C 358 -2.24 -9.13 -67.35
N SER C 359 -1.06 -8.59 -67.04
CA SER C 359 -0.97 -7.42 -66.19
C SER C 359 -1.43 -6.12 -66.84
N GLU C 360 -1.56 -6.11 -68.16
CA GLU C 360 -1.98 -4.91 -68.86
C GLU C 360 -3.50 -4.69 -68.88
N ALA C 361 -4.26 -5.76 -68.64
CA ALA C 361 -5.71 -5.68 -68.63
C ALA C 361 -6.25 -4.90 -67.44
N ARG C 362 -7.46 -4.36 -67.58
CA ARG C 362 -8.09 -3.59 -66.51
C ARG C 362 -9.56 -3.95 -66.37
N GLY C 363 -10.17 -3.54 -65.25
CA GLY C 363 -11.58 -3.84 -65.03
C GLY C 363 -12.46 -3.42 -66.19
N ALA C 364 -13.42 -4.27 -66.54
CA ALA C 364 -14.33 -3.99 -67.65
C ALA C 364 -15.70 -4.55 -67.35
N VAL C 365 -16.71 -4.06 -68.08
CA VAL C 365 -18.08 -4.51 -67.91
C VAL C 365 -18.68 -4.68 -69.30
N PHE C 366 -19.60 -5.64 -69.43
CA PHE C 366 -20.25 -5.94 -70.70
C PHE C 366 -21.70 -6.37 -70.55
N GLY C 367 -22.44 -6.32 -71.67
CA GLY C 367 -23.83 -6.72 -71.68
C GLY C 367 -24.79 -5.76 -71.01
N LEU C 368 -24.42 -4.51 -70.91
CA LEU C 368 -25.28 -3.53 -70.28
C LEU C 368 -26.39 -3.08 -71.23
N THR C 369 -27.63 -3.09 -70.72
CA THR C 369 -28.80 -2.65 -71.48
C THR C 369 -29.58 -1.76 -70.50
N ARG C 370 -30.59 -1.06 -70.99
CA ARG C 370 -31.32 -0.13 -70.12
C ARG C 370 -32.13 -0.80 -69.01
N GLY C 371 -32.23 -2.13 -69.05
CA GLY C 371 -32.96 -2.85 -68.01
C GLY C 371 -32.04 -3.32 -66.89
N THR C 372 -30.75 -3.03 -67.02
CA THR C 372 -29.77 -3.42 -66.03
C THR C 372 -29.92 -2.59 -64.74
N THR C 373 -30.13 -3.26 -63.63
CA THR C 373 -30.29 -2.59 -62.34
C THR C 373 -29.05 -2.75 -61.46
N LYS C 374 -29.11 -2.18 -60.27
CA LYS C 374 -28.02 -2.28 -59.32
C LYS C 374 -27.84 -3.74 -58.93
N GLU C 375 -28.97 -4.42 -58.71
CA GLU C 375 -28.97 -5.84 -58.35
C GLU C 375 -28.22 -6.62 -59.42
N ASP C 376 -28.63 -6.44 -60.68
CA ASP C 376 -27.98 -7.13 -61.79
C ASP C 376 -26.48 -6.85 -61.83
N PHE C 377 -26.07 -5.65 -61.41
CA PHE C 377 -24.66 -5.27 -61.43
C PHE C 377 -23.88 -5.96 -60.32
N VAL C 378 -24.42 -5.91 -59.11
CA VAL C 378 -23.81 -6.56 -57.97
C VAL C 378 -23.65 -8.05 -58.28
N ARG C 379 -24.74 -8.63 -58.79
CA ARG C 379 -24.83 -10.04 -59.17
C ARG C 379 -23.70 -10.42 -60.13
N ALA C 380 -23.48 -9.58 -61.14
CA ALA C 380 -22.42 -9.81 -62.11
C ALA C 380 -21.02 -9.67 -61.48
N THR C 381 -20.90 -8.83 -60.46
CA THR C 381 -19.61 -8.66 -59.80
C THR C 381 -19.30 -9.95 -59.04
N LEU C 382 -20.25 -10.42 -58.23
CA LEU C 382 -20.08 -11.65 -57.45
C LEU C 382 -19.79 -12.88 -58.28
N GLN C 383 -20.52 -13.07 -59.38
CA GLN C 383 -20.32 -14.27 -60.20
C GLN C 383 -18.93 -14.27 -60.84
N ALA C 384 -18.35 -13.09 -60.98
CA ALA C 384 -17.03 -12.99 -61.60
C ALA C 384 -16.04 -14.00 -61.00
N VAL C 385 -16.03 -14.13 -59.68
CA VAL C 385 -15.11 -15.05 -59.01
C VAL C 385 -15.33 -16.53 -59.37
N ALA C 386 -16.60 -16.92 -59.55
CA ALA C 386 -16.95 -18.30 -59.89
C ALA C 386 -16.49 -18.64 -61.30
N TYR C 387 -16.62 -17.67 -62.19
CA TYR C 387 -16.21 -17.86 -63.58
C TYR C 387 -14.73 -18.12 -63.73
N GLN C 388 -13.91 -17.24 -63.17
CA GLN C 388 -12.48 -17.43 -63.31
C GLN C 388 -12.03 -18.70 -62.56
N SER C 389 -12.78 -19.10 -61.54
CA SER C 389 -12.43 -20.31 -60.82
C SER C 389 -12.55 -21.45 -61.80
N LYS C 390 -13.56 -21.37 -62.66
CA LYS C 390 -13.76 -22.40 -63.68
C LYS C 390 -12.60 -22.37 -64.66
N ASP C 391 -12.16 -21.16 -65.03
CA ASP C 391 -11.03 -21.02 -65.96
C ASP C 391 -9.81 -21.71 -65.36
N VAL C 392 -9.58 -21.47 -64.06
CA VAL C 392 -8.46 -22.07 -63.35
C VAL C 392 -8.62 -23.57 -63.30
N ILE C 393 -9.79 -24.02 -62.85
CA ILE C 393 -10.00 -25.46 -62.75
C ILE C 393 -9.91 -26.16 -64.10
N ASP C 394 -10.54 -25.62 -65.14
CA ASP C 394 -10.43 -26.25 -66.46
C ASP C 394 -8.96 -26.35 -66.85
N THR C 395 -8.18 -25.34 -66.48
CA THR C 395 -6.75 -25.31 -66.77
C THR C 395 -6.02 -26.39 -65.96
N MET C 396 -6.47 -26.61 -64.73
CA MET C 396 -5.85 -27.62 -63.89
C MET C 396 -6.11 -29.00 -64.49
N LYS C 397 -7.38 -29.31 -64.75
CA LYS C 397 -7.74 -30.59 -65.35
C LYS C 397 -6.85 -30.81 -66.57
N LYS C 398 -6.88 -29.87 -67.51
CA LYS C 398 -6.07 -29.98 -68.71
C LYS C 398 -4.59 -30.22 -68.38
N ASP C 399 -4.01 -29.35 -67.55
CA ASP C 399 -2.60 -29.50 -67.20
C ASP C 399 -2.27 -30.84 -66.52
N SER C 400 -3.05 -31.21 -65.50
CA SER C 400 -2.84 -32.44 -64.75
C SER C 400 -3.28 -33.72 -65.42
N GLY C 401 -4.58 -33.82 -65.68
CA GLY C 401 -5.16 -35.01 -66.27
C GLY C 401 -5.97 -35.65 -65.16
N ILE C 402 -5.76 -35.15 -63.95
CA ILE C 402 -6.46 -35.62 -62.76
C ILE C 402 -7.86 -35.01 -62.73
N ASP C 403 -8.80 -35.59 -63.46
CA ASP C 403 -10.16 -35.05 -63.48
C ASP C 403 -10.62 -34.68 -62.07
N ILE C 404 -11.13 -33.46 -61.92
CA ILE C 404 -11.59 -32.94 -60.64
C ILE C 404 -13.10 -33.12 -60.48
N PRO C 405 -13.51 -34.08 -59.64
CA PRO C 405 -14.92 -34.35 -59.40
C PRO C 405 -15.48 -33.64 -58.18
N LEU C 406 -14.61 -32.98 -57.43
CA LEU C 406 -15.04 -32.29 -56.21
C LEU C 406 -14.15 -31.12 -55.81
N LEU C 407 -14.76 -30.04 -55.34
CA LEU C 407 -14.02 -28.84 -54.92
C LEU C 407 -14.41 -28.42 -53.51
N LYS C 408 -13.41 -28.28 -52.65
CA LYS C 408 -13.66 -27.85 -51.28
C LYS C 408 -13.59 -26.33 -51.26
N VAL C 409 -14.44 -25.69 -50.48
CA VAL C 409 -14.44 -24.24 -50.44
C VAL C 409 -14.57 -23.68 -49.04
N ASP C 410 -14.00 -22.50 -48.86
CA ASP C 410 -14.01 -21.81 -47.58
C ASP C 410 -13.76 -20.32 -47.83
N GLY C 411 -13.81 -19.51 -46.78
CA GLY C 411 -13.59 -18.09 -46.91
C GLY C 411 -14.88 -17.32 -46.71
N GLY C 412 -14.77 -16.04 -46.40
CA GLY C 412 -15.96 -15.24 -46.18
C GLY C 412 -17.08 -15.44 -47.19
N ALA C 413 -16.78 -15.22 -48.46
CA ALA C 413 -17.77 -15.35 -49.52
C ALA C 413 -18.43 -16.72 -49.60
N ALA C 414 -17.72 -17.75 -49.16
CA ALA C 414 -18.27 -19.11 -49.20
C ALA C 414 -19.53 -19.24 -48.38
N LYS C 415 -19.80 -18.27 -47.50
CA LYS C 415 -21.00 -18.33 -46.69
C LYS C 415 -22.25 -17.89 -47.46
N ASN C 416 -22.09 -17.64 -48.76
CA ASN C 416 -23.21 -17.22 -49.62
C ASN C 416 -23.66 -18.43 -50.46
N ASP C 417 -24.74 -19.06 -50.01
CA ASP C 417 -25.28 -20.25 -50.69
C ASP C 417 -25.49 -20.03 -52.16
N LEU C 418 -26.21 -18.95 -52.49
CA LEU C 418 -26.49 -18.62 -53.87
C LEU C 418 -25.23 -18.58 -54.72
N LEU C 419 -24.16 -17.98 -54.19
CA LEU C 419 -22.91 -17.89 -54.96
C LEU C 419 -22.24 -19.25 -55.09
N MET C 420 -22.27 -20.04 -54.03
CA MET C 420 -21.67 -21.37 -54.09
C MET C 420 -22.46 -22.26 -55.03
N GLN C 421 -23.79 -22.11 -55.03
CA GLN C 421 -24.63 -22.91 -55.92
C GLN C 421 -24.28 -22.59 -57.37
N PHE C 422 -24.02 -21.32 -57.62
CA PHE C 422 -23.67 -20.86 -58.96
C PHE C 422 -22.34 -21.49 -59.29
N GLN C 423 -21.42 -21.41 -58.33
CA GLN C 423 -20.08 -21.96 -58.51
C GLN C 423 -20.21 -23.42 -58.94
N ALA C 424 -21.05 -24.18 -58.23
CA ALA C 424 -21.28 -25.60 -58.52
C ALA C 424 -22.00 -25.80 -59.86
N ASP C 425 -23.00 -24.97 -60.14
CA ASP C 425 -23.72 -25.08 -61.39
C ASP C 425 -22.78 -24.86 -62.57
N ILE C 426 -22.02 -23.77 -62.51
CA ILE C 426 -21.08 -23.44 -63.58
C ILE C 426 -19.99 -24.49 -63.77
N LEU C 427 -19.42 -24.96 -62.66
CA LEU C 427 -18.36 -25.97 -62.74
C LEU C 427 -18.92 -27.31 -63.20
N ASP C 428 -20.17 -27.57 -62.82
CA ASP C 428 -20.82 -28.82 -63.15
C ASP C 428 -20.05 -29.92 -62.41
N ILE C 429 -19.68 -29.61 -61.17
CA ILE C 429 -18.98 -30.53 -60.30
C ILE C 429 -19.45 -30.18 -58.89
N ASP C 430 -19.33 -31.10 -57.96
CA ASP C 430 -19.77 -30.85 -56.60
C ASP C 430 -18.87 -29.84 -55.92
N VAL C 431 -19.45 -29.09 -54.99
CA VAL C 431 -18.74 -28.07 -54.23
C VAL C 431 -19.15 -28.30 -52.79
N GLN C 432 -18.17 -28.48 -51.92
CA GLN C 432 -18.47 -28.72 -50.51
C GLN C 432 -17.84 -27.69 -49.58
N ARG C 433 -18.68 -26.90 -48.94
CA ARG C 433 -18.22 -25.86 -48.02
C ARG C 433 -17.76 -26.52 -46.73
N ALA C 434 -16.64 -26.06 -46.19
CA ALA C 434 -16.11 -26.62 -44.96
C ALA C 434 -17.08 -26.40 -43.81
N ALA C 435 -17.01 -27.26 -42.79
CA ALA C 435 -17.88 -27.15 -41.63
C ALA C 435 -17.49 -25.89 -40.85
N ASN C 436 -16.23 -25.82 -40.45
CA ASN C 436 -15.72 -24.66 -39.72
C ASN C 436 -15.56 -23.53 -40.71
N LEU C 437 -16.25 -22.42 -40.46
CA LEU C 437 -16.18 -21.26 -41.33
C LEU C 437 -14.75 -20.75 -41.55
N GLU C 438 -14.03 -20.50 -40.45
CA GLU C 438 -12.66 -20.00 -40.49
C GLU C 438 -11.66 -21.15 -40.60
N THR C 439 -11.49 -21.71 -41.79
CA THR C 439 -10.57 -22.83 -41.98
C THR C 439 -9.11 -22.43 -42.08
N THR C 440 -8.83 -21.16 -42.35
CA THR C 440 -7.44 -20.72 -42.47
C THR C 440 -6.75 -20.72 -41.11
N ALA C 441 -7.40 -20.16 -40.10
CA ALA C 441 -6.81 -20.11 -38.78
C ALA C 441 -6.70 -21.53 -38.21
N LEU C 442 -7.60 -22.41 -38.63
CA LEU C 442 -7.60 -23.78 -38.18
C LEU C 442 -6.35 -24.52 -38.66
N GLY C 443 -5.99 -24.29 -39.92
CA GLY C 443 -4.80 -24.92 -40.45
C GLY C 443 -3.59 -24.47 -39.66
N ALA C 444 -3.54 -23.18 -39.34
CA ALA C 444 -2.44 -22.61 -38.57
C ALA C 444 -2.40 -23.27 -37.20
N ALA C 445 -3.58 -23.49 -36.62
CA ALA C 445 -3.69 -24.12 -35.31
C ALA C 445 -3.24 -25.57 -35.38
N TYR C 446 -3.70 -26.30 -36.39
CA TYR C 446 -3.35 -27.71 -36.55
C TYR C 446 -1.85 -27.91 -36.59
N LEU C 447 -1.20 -27.26 -37.55
CA LEU C 447 0.24 -27.35 -37.70
C LEU C 447 0.95 -27.08 -36.38
N ALA C 448 0.52 -26.05 -35.66
CA ALA C 448 1.15 -25.70 -34.40
C ALA C 448 0.84 -26.77 -33.36
N GLY C 449 -0.39 -27.23 -33.33
CA GLY C 449 -0.79 -28.26 -32.38
C GLY C 449 0.03 -29.53 -32.61
N LEU C 450 0.10 -29.99 -33.86
CA LEU C 450 0.88 -31.18 -34.17
C LEU C 450 2.31 -31.10 -33.61
N ALA C 451 2.93 -29.93 -33.74
CA ALA C 451 4.29 -29.71 -33.27
C ALA C 451 4.44 -29.84 -31.76
N VAL C 452 3.63 -29.12 -30.99
CA VAL C 452 3.74 -29.21 -29.54
C VAL C 452 2.99 -30.43 -29.02
N GLY C 453 2.43 -31.22 -29.92
CA GLY C 453 1.72 -32.43 -29.52
C GLY C 453 0.33 -32.25 -28.96
N PHE C 454 -0.34 -31.15 -29.31
CA PHE C 454 -1.70 -30.91 -28.86
C PHE C 454 -2.54 -32.04 -29.44
N TRP C 455 -2.15 -32.50 -30.62
CA TRP C 455 -2.82 -33.60 -31.32
C TRP C 455 -1.73 -34.61 -31.68
N LYS C 456 -2.03 -35.90 -31.51
CA LYS C 456 -1.04 -36.94 -31.80
C LYS C 456 -0.46 -36.83 -33.20
N ASP C 457 -1.33 -36.84 -34.20
CA ASP C 457 -0.88 -36.76 -35.59
C ASP C 457 -2.02 -36.53 -36.58
N LEU C 458 -1.67 -36.58 -37.86
CA LEU C 458 -2.63 -36.37 -38.95
C LEU C 458 -3.94 -37.13 -38.80
N ASP C 459 -3.84 -38.44 -38.61
CA ASP C 459 -5.04 -39.27 -38.46
C ASP C 459 -5.96 -38.71 -37.37
N GLU C 460 -5.36 -38.25 -36.27
CA GLU C 460 -6.14 -37.69 -35.17
C GLU C 460 -6.95 -36.50 -35.69
N LEU C 461 -6.40 -35.82 -36.69
CA LEU C 461 -7.05 -34.65 -37.29
C LEU C 461 -8.22 -35.11 -38.15
N LYS C 462 -7.99 -36.13 -38.98
CA LYS C 462 -9.05 -36.65 -39.84
C LYS C 462 -10.23 -37.08 -38.96
N SER C 463 -9.93 -37.35 -37.68
CA SER C 463 -10.94 -37.76 -36.73
C SER C 463 -11.98 -36.66 -36.61
N MET C 464 -11.52 -35.48 -36.19
CA MET C 464 -12.37 -34.32 -36.01
C MET C 464 -13.16 -33.93 -37.24
N ALA C 465 -12.82 -34.53 -38.37
CA ALA C 465 -13.51 -34.23 -39.62
C ALA C 465 -15.02 -34.29 -39.43
N GLU C 466 -15.72 -33.27 -39.92
CA GLU C 466 -17.17 -33.23 -39.80
C GLU C 466 -17.86 -33.26 -41.16
N GLU C 467 -17.47 -32.34 -42.05
CA GLU C 467 -18.05 -32.28 -43.38
C GLU C 467 -19.49 -31.81 -43.35
N GLY C 468 -19.72 -30.55 -43.70
CA GLY C 468 -21.07 -30.01 -43.69
C GLY C 468 -21.42 -29.09 -44.85
N GLN C 469 -22.60 -29.30 -45.43
CA GLN C 469 -23.14 -28.50 -46.53
C GLN C 469 -22.52 -28.69 -47.91
N MET C 470 -23.17 -29.50 -48.74
CA MET C 470 -22.69 -29.75 -50.08
C MET C 470 -23.58 -29.06 -51.12
N PHE C 471 -23.01 -28.79 -52.29
CA PHE C 471 -23.75 -28.12 -53.35
C PHE C 471 -23.67 -28.94 -54.61
N THR C 472 -24.83 -29.40 -55.08
CA THR C 472 -24.89 -30.25 -56.27
C THR C 472 -25.31 -29.42 -57.48
N PRO C 473 -24.69 -29.69 -58.65
CA PRO C 473 -25.02 -28.96 -59.88
C PRO C 473 -26.51 -29.16 -60.23
N GLU C 474 -27.21 -28.06 -60.53
CA GLU C 474 -28.61 -28.15 -60.91
C GLU C 474 -28.98 -27.22 -62.06
N MET C 475 -27.99 -26.80 -62.83
CA MET C 475 -28.21 -25.91 -63.97
C MET C 475 -28.15 -26.69 -65.27
N PRO C 476 -29.09 -26.42 -66.20
CA PRO C 476 -29.11 -27.12 -67.48
C PRO C 476 -27.91 -26.76 -68.37
N ALA C 477 -27.39 -27.75 -69.10
CA ALA C 477 -26.25 -27.58 -69.97
C ALA C 477 -26.28 -26.32 -70.85
N GLU C 478 -27.39 -26.11 -71.56
CA GLU C 478 -27.48 -24.96 -72.44
C GLU C 478 -27.23 -23.65 -71.69
N GLU C 479 -27.72 -23.55 -70.46
CA GLU C 479 -27.52 -22.33 -69.69
C GLU C 479 -26.03 -22.20 -69.31
N ARG C 480 -25.50 -23.26 -68.71
CA ARG C 480 -24.11 -23.28 -68.30
C ARG C 480 -23.18 -22.93 -69.44
N ASP C 481 -23.44 -23.47 -70.63
CA ASP C 481 -22.56 -23.21 -71.77
C ASP C 481 -22.76 -21.81 -72.32
N ASN C 482 -23.97 -21.27 -72.17
CA ASN C 482 -24.25 -19.92 -72.64
C ASN C 482 -23.57 -18.91 -71.71
N LEU C 483 -23.81 -19.09 -70.41
CA LEU C 483 -23.21 -18.21 -69.42
C LEU C 483 -21.69 -18.22 -69.51
N TYR C 484 -21.09 -19.39 -69.58
CA TYR C 484 -19.63 -19.48 -69.64
C TYR C 484 -19.09 -18.95 -70.97
N GLU C 485 -19.83 -19.18 -72.05
CA GLU C 485 -19.39 -18.69 -73.34
C GLU C 485 -19.32 -17.15 -73.31
N GLY C 486 -20.30 -16.53 -72.65
CA GLY C 486 -20.31 -15.08 -72.54
C GLY C 486 -19.11 -14.57 -71.75
N TRP C 487 -18.88 -15.16 -70.58
CA TRP C 487 -17.74 -14.78 -69.75
C TRP C 487 -16.46 -14.82 -70.58
N LYS C 488 -16.32 -15.85 -71.40
CA LYS C 488 -15.13 -15.98 -72.21
C LYS C 488 -15.01 -14.88 -73.27
N GLN C 489 -16.13 -14.36 -73.73
CA GLN C 489 -16.08 -13.29 -74.71
C GLN C 489 -15.77 -12.01 -73.98
N ALA C 490 -16.20 -11.92 -72.72
CA ALA C 490 -15.97 -10.74 -71.90
C ALA C 490 -14.48 -10.60 -71.57
N VAL C 491 -13.83 -11.72 -71.26
CA VAL C 491 -12.41 -11.68 -70.95
C VAL C 491 -11.67 -11.30 -72.23
N ALA C 492 -12.11 -11.90 -73.32
CA ALA C 492 -11.52 -11.64 -74.64
C ALA C 492 -11.50 -10.17 -74.99
N ALA C 493 -12.60 -9.48 -74.73
CA ALA C 493 -12.72 -8.06 -75.01
C ALA C 493 -11.85 -7.31 -74.01
N THR C 494 -12.00 -7.67 -72.74
CA THR C 494 -11.20 -7.04 -71.70
C THR C 494 -9.73 -7.07 -72.09
N GLN C 495 -9.28 -8.18 -72.69
CA GLN C 495 -7.89 -8.26 -73.08
C GLN C 495 -7.56 -7.49 -74.34
N THR C 496 -8.56 -7.11 -75.12
CA THR C 496 -8.32 -6.34 -76.35
C THR C 496 -8.11 -4.85 -76.08
N PHE C 497 -8.64 -4.37 -74.96
CA PHE C 497 -8.48 -2.95 -74.60
C PHE C 497 -7.14 -2.77 -73.88
N LYS C 498 -6.12 -2.37 -74.65
CA LYS C 498 -4.78 -2.16 -74.11
C LYS C 498 -4.33 -0.73 -74.36
N PHE C 499 -5.22 0.23 -74.15
CA PHE C 499 -4.89 1.62 -74.37
C PHE C 499 -3.83 2.17 -73.40
N LYS C 500 -2.70 2.60 -73.96
CA LYS C 500 -1.59 3.17 -73.19
C LYS C 500 -1.35 4.60 -73.69
N ALA C 501 -1.91 5.59 -72.99
CA ALA C 501 -1.78 6.99 -73.37
C ALA C 501 -0.39 7.38 -73.87
N LYS C 502 -0.35 7.99 -75.06
CA LYS C 502 0.88 8.44 -75.68
C LYS C 502 1.17 9.88 -75.24
N LYS D 4 9.95 3.43 -15.05
CA LYS D 4 8.71 4.03 -14.47
C LYS D 4 8.63 5.52 -14.83
N ASN D 5 8.22 5.81 -16.06
CA ASN D 5 8.13 7.20 -16.51
C ASN D 5 6.74 7.66 -16.92
N TYR D 6 5.77 6.79 -16.73
CA TYR D 6 4.41 7.12 -17.09
C TYR D 6 3.40 6.77 -15.99
N VAL D 7 2.19 7.30 -16.15
CA VAL D 7 1.10 7.06 -15.24
C VAL D 7 -0.12 6.73 -16.09
N MET D 8 -0.86 5.68 -15.72
CA MET D 8 -2.03 5.34 -16.51
C MET D 8 -3.31 5.69 -15.78
N ALA D 9 -4.27 6.18 -16.54
CA ALA D 9 -5.57 6.53 -15.99
C ALA D 9 -6.65 5.72 -16.71
N ILE D 10 -7.57 5.17 -15.91
CA ILE D 10 -8.68 4.40 -16.43
C ILE D 10 -9.93 5.17 -16.04
N ASP D 11 -10.67 5.62 -17.04
CA ASP D 11 -11.91 6.37 -16.82
C ASP D 11 -13.04 5.50 -17.35
N GLN D 12 -13.71 4.81 -16.44
CA GLN D 12 -14.80 3.90 -16.80
C GLN D 12 -16.08 4.72 -16.79
N GLY D 13 -16.60 5.02 -17.98
CA GLY D 13 -17.80 5.83 -18.09
C GLY D 13 -19.13 5.11 -18.13
N THR D 14 -20.19 5.86 -18.42
CA THR D 14 -21.55 5.33 -18.48
C THR D 14 -21.83 4.52 -19.73
N THR D 15 -21.26 4.93 -20.87
CA THR D 15 -21.47 4.20 -22.10
C THR D 15 -20.17 3.73 -22.73
N SER D 16 -19.05 4.06 -22.11
CA SER D 16 -17.75 3.64 -22.65
C SER D 16 -16.58 3.80 -21.68
N SER D 17 -15.48 3.14 -21.99
CA SER D 17 -14.29 3.19 -21.15
C SER D 17 -13.09 3.73 -21.90
N ARG D 18 -12.23 4.45 -21.17
CA ARG D 18 -11.03 5.04 -21.73
C ARG D 18 -9.84 4.85 -20.78
N ALA D 19 -8.68 4.57 -21.37
CA ALA D 19 -7.46 4.35 -20.62
C ALA D 19 -6.48 5.28 -21.31
N ILE D 20 -5.80 6.11 -20.52
CA ILE D 20 -4.84 7.07 -21.07
C ILE D 20 -3.51 7.00 -20.34
N ILE D 21 -2.41 7.09 -21.09
CA ILE D 21 -1.10 7.05 -20.49
C ILE D 21 -0.51 8.44 -20.57
N PHE D 22 -0.19 9.01 -19.41
CA PHE D 22 0.38 10.35 -19.33
C PHE D 22 1.85 10.30 -18.97
N ASP D 23 2.63 11.24 -19.49
CA ASP D 23 4.05 11.29 -19.15
C ASP D 23 4.22 12.25 -17.99
N ARG D 24 5.47 12.51 -17.61
CA ARG D 24 5.81 13.41 -16.50
C ARG D 24 5.24 14.84 -16.68
N ASN D 25 4.93 15.19 -17.92
CA ASN D 25 4.39 16.52 -18.22
C ASN D 25 2.88 16.60 -18.38
N GLY D 26 2.20 15.46 -18.30
CA GLY D 26 0.76 15.46 -18.44
C GLY D 26 0.35 15.43 -19.89
N LYS D 27 1.25 14.95 -20.74
CA LYS D 27 0.99 14.86 -22.17
C LYS D 27 0.50 13.45 -22.49
N LYS D 28 -0.55 13.36 -23.30
CA LYS D 28 -1.10 12.08 -23.69
C LYS D 28 -0.14 11.32 -24.60
N ILE D 29 0.36 10.19 -24.13
CA ILE D 29 1.30 9.37 -24.88
C ILE D 29 0.57 8.30 -25.68
N GLY D 30 -0.65 7.97 -25.26
CA GLY D 30 -1.44 6.97 -25.93
C GLY D 30 -2.77 6.81 -25.20
N SER D 31 -3.78 6.27 -25.88
CA SER D 31 -5.09 6.07 -25.28
C SER D 31 -5.99 5.15 -26.12
N SER D 32 -7.03 4.64 -25.49
CA SER D 32 -7.97 3.75 -26.15
C SER D 32 -9.35 3.93 -25.53
N GLN D 33 -10.40 3.78 -26.34
CA GLN D 33 -11.77 3.92 -25.83
C GLN D 33 -12.67 2.88 -26.48
N LYS D 34 -13.57 2.31 -25.69
CA LYS D 34 -14.46 1.29 -26.21
C LYS D 34 -15.81 1.31 -25.51
N GLU D 35 -16.89 1.33 -26.28
CA GLU D 35 -18.21 1.33 -25.69
C GLU D 35 -18.51 -0.08 -25.22
N PHE D 36 -19.51 -0.21 -24.35
CA PHE D 36 -19.94 -1.49 -23.84
C PHE D 36 -21.47 -1.48 -23.80
N PRO D 37 -22.11 -2.66 -23.89
CA PRO D 37 -23.57 -2.81 -23.88
C PRO D 37 -24.36 -2.06 -22.80
N GLN D 38 -25.50 -1.50 -23.22
CA GLN D 38 -26.39 -0.78 -22.31
C GLN D 38 -27.71 -1.54 -22.33
N TYR D 39 -28.23 -1.93 -21.17
CA TYR D 39 -29.49 -2.64 -21.12
C TYR D 39 -30.62 -1.78 -20.53
N PHE D 40 -31.79 -1.88 -21.15
CA PHE D 40 -32.97 -1.14 -20.72
C PHE D 40 -34.12 -2.14 -20.55
N PRO D 41 -34.08 -2.97 -19.49
CA PRO D 41 -35.12 -3.96 -19.24
C PRO D 41 -36.55 -3.41 -19.28
N LYS D 42 -36.75 -2.22 -18.73
CA LYS D 42 -38.06 -1.57 -18.70
C LYS D 42 -37.90 -0.05 -18.77
N SER D 43 -38.95 0.63 -19.23
CA SER D 43 -38.94 2.08 -19.34
C SER D 43 -38.37 2.65 -18.05
N GLY D 44 -37.39 3.54 -18.13
CA GLY D 44 -36.80 4.10 -16.93
C GLY D 44 -35.72 3.24 -16.28
N TRP D 45 -35.60 1.99 -16.70
CA TRP D 45 -34.61 1.08 -16.15
C TRP D 45 -33.32 1.13 -16.98
N VAL D 46 -32.18 1.21 -16.30
CA VAL D 46 -30.89 1.25 -16.97
C VAL D 46 -29.89 0.36 -16.23
N GLU D 47 -29.39 -0.67 -16.91
CA GLU D 47 -28.46 -1.60 -16.25
C GLU D 47 -27.19 -1.88 -17.06
N HIS D 48 -26.17 -2.39 -16.37
CA HIS D 48 -24.90 -2.74 -16.98
C HIS D 48 -24.46 -4.13 -16.54
N ASN D 49 -23.70 -4.80 -17.39
CA ASN D 49 -23.19 -6.10 -17.03
C ASN D 49 -21.77 -5.87 -16.50
N ALA D 50 -21.63 -5.92 -15.18
CA ALA D 50 -20.35 -5.69 -14.55
C ALA D 50 -19.18 -6.44 -15.22
N ASN D 51 -19.46 -7.61 -15.79
CA ASN D 51 -18.38 -8.35 -16.43
C ASN D 51 -18.04 -7.71 -17.75
N GLU D 52 -19.07 -7.27 -18.49
CA GLU D 52 -18.86 -6.63 -19.77
C GLU D 52 -18.08 -5.33 -19.58
N ILE D 53 -18.34 -4.65 -18.47
CA ILE D 53 -17.66 -3.40 -18.12
C ILE D 53 -16.17 -3.66 -17.91
N TRP D 54 -15.85 -4.67 -17.10
CA TRP D 54 -14.47 -5.05 -16.81
C TRP D 54 -13.77 -5.33 -18.13
N ASN D 55 -14.48 -5.98 -19.04
CA ASN D 55 -13.92 -6.32 -20.34
C ASN D 55 -13.60 -5.11 -21.17
N SER D 56 -14.39 -4.06 -21.03
CA SER D 56 -14.12 -2.87 -21.84
C SER D 56 -12.91 -2.16 -21.25
N VAL D 57 -12.64 -2.43 -19.99
CA VAL D 57 -11.49 -1.83 -19.32
C VAL D 57 -10.23 -2.58 -19.75
N GLN D 58 -10.29 -3.91 -19.79
CA GLN D 58 -9.13 -4.71 -20.22
C GLN D 58 -8.76 -4.27 -21.63
N SER D 59 -9.77 -4.10 -22.47
CA SER D 59 -9.53 -3.69 -23.84
C SER D 59 -8.82 -2.35 -23.89
N VAL D 60 -9.34 -1.35 -23.18
CA VAL D 60 -8.71 -0.04 -23.23
C VAL D 60 -7.34 -0.05 -22.56
N ILE D 61 -7.17 -0.91 -21.56
CA ILE D 61 -5.88 -1.04 -20.90
C ILE D 61 -4.90 -1.44 -22.01
N ALA D 62 -5.23 -2.52 -22.70
CA ALA D 62 -4.39 -3.03 -23.78
C ALA D 62 -4.21 -2.00 -24.88
N GLY D 63 -5.32 -1.54 -25.46
CA GLY D 63 -5.25 -0.58 -26.53
C GLY D 63 -4.34 0.59 -26.24
N ALA D 64 -4.36 1.08 -25.00
CA ALA D 64 -3.52 2.19 -24.61
C ALA D 64 -2.05 1.81 -24.72
N PHE D 65 -1.71 0.62 -24.23
CA PHE D 65 -0.33 0.16 -24.29
C PHE D 65 0.12 -0.01 -25.73
N ILE D 66 -0.66 -0.73 -26.53
CA ILE D 66 -0.33 -0.97 -27.93
C ILE D 66 0.03 0.29 -28.69
N GLU D 67 -0.97 1.12 -29.00
CA GLU D 67 -0.73 2.33 -29.76
C GLU D 67 0.25 3.32 -29.13
N SER D 68 0.55 3.14 -27.85
CA SER D 68 1.50 4.04 -27.16
C SER D 68 2.89 3.43 -27.16
N GLY D 69 2.97 2.17 -27.55
CA GLY D 69 4.24 1.47 -27.58
C GLY D 69 4.96 1.52 -26.25
N ILE D 70 4.25 1.31 -25.15
CA ILE D 70 4.85 1.33 -23.82
C ILE D 70 4.65 -0.03 -23.15
N ARG D 71 5.55 -0.39 -22.23
CA ARG D 71 5.45 -1.66 -21.51
C ARG D 71 4.94 -1.39 -20.10
N PRO D 72 4.09 -2.27 -19.56
CA PRO D 72 3.55 -2.08 -18.21
C PRO D 72 4.61 -1.77 -17.15
N GLU D 73 5.80 -2.33 -17.30
CA GLU D 73 6.87 -2.10 -16.34
C GLU D 73 7.25 -0.62 -16.23
N ALA D 74 6.88 0.16 -17.24
CA ALA D 74 7.20 1.59 -17.26
C ALA D 74 6.15 2.44 -16.56
N ILE D 75 5.08 1.81 -16.10
CA ILE D 75 3.99 2.51 -15.44
C ILE D 75 4.26 2.76 -13.96
N ALA D 76 4.41 4.03 -13.62
CA ALA D 76 4.68 4.46 -12.25
C ALA D 76 3.52 4.10 -11.31
N GLY D 77 2.30 4.39 -11.74
CA GLY D 77 1.12 4.08 -10.92
C GLY D 77 -0.17 4.17 -11.72
N ILE D 78 -1.26 3.58 -11.19
CA ILE D 78 -2.55 3.58 -11.86
C ILE D 78 -3.63 4.40 -11.15
N GLY D 79 -4.44 5.10 -11.94
CA GLY D 79 -5.53 5.91 -11.39
C GLY D 79 -6.89 5.40 -11.87
N ILE D 80 -7.82 5.22 -10.94
CA ILE D 80 -9.16 4.73 -11.28
C ILE D 80 -10.24 5.78 -11.02
N THR D 81 -10.95 6.17 -12.07
CA THR D 81 -12.02 7.15 -11.95
C THR D 81 -13.22 6.48 -12.62
N ASN D 82 -14.43 6.80 -12.17
CA ASN D 82 -15.58 6.09 -12.74
C ASN D 82 -16.94 6.77 -12.63
N GLN D 83 -17.92 6.17 -13.31
CA GLN D 83 -19.29 6.64 -13.28
C GLN D 83 -19.75 6.39 -11.84
N ARG D 84 -20.23 7.42 -11.16
CA ARG D 84 -20.65 7.25 -9.77
C ARG D 84 -22.01 6.55 -9.59
N GLU D 85 -22.36 6.28 -8.33
CA GLU D 85 -23.62 5.65 -7.96
C GLU D 85 -23.83 4.21 -8.47
N THR D 86 -23.54 3.97 -9.75
CA THR D 86 -23.72 2.64 -10.31
C THR D 86 -23.28 1.57 -9.32
N THR D 87 -24.24 0.73 -8.94
CA THR D 87 -24.03 -0.31 -7.95
C THR D 87 -23.77 -1.71 -8.47
N VAL D 88 -22.86 -2.42 -7.80
CA VAL D 88 -22.54 -3.79 -8.16
C VAL D 88 -22.48 -4.66 -6.91
N VAL D 89 -23.19 -5.79 -6.92
CA VAL D 89 -23.15 -6.72 -5.81
C VAL D 89 -22.68 -8.05 -6.38
N TRP D 90 -21.59 -8.59 -5.83
CA TRP D 90 -21.04 -9.85 -6.32
C TRP D 90 -20.61 -10.79 -5.18
N ASP D 91 -20.46 -12.07 -5.52
CA ASP D 91 -20.08 -13.11 -4.57
C ASP D 91 -18.56 -13.12 -4.29
N LYS D 92 -18.23 -12.90 -3.01
CA LYS D 92 -16.83 -12.85 -2.56
C LYS D 92 -15.97 -14.02 -3.00
N THR D 93 -16.57 -15.19 -3.17
CA THR D 93 -15.83 -16.39 -3.55
C THR D 93 -15.65 -16.61 -5.05
N THR D 94 -16.72 -16.44 -5.82
CA THR D 94 -16.63 -16.65 -7.26
C THR D 94 -16.36 -15.37 -8.05
N GLY D 95 -16.55 -14.23 -7.40
CA GLY D 95 -16.33 -12.98 -8.09
C GLY D 95 -17.39 -12.71 -9.15
N GLN D 96 -18.50 -13.44 -9.07
CA GLN D 96 -19.60 -13.28 -10.03
C GLN D 96 -20.68 -12.34 -9.50
N PRO D 97 -21.09 -11.36 -10.32
CA PRO D 97 -22.14 -10.41 -9.92
C PRO D 97 -23.43 -11.18 -9.74
N ILE D 98 -24.26 -10.79 -8.79
CA ILE D 98 -25.51 -11.51 -8.58
C ILE D 98 -26.53 -11.16 -9.64
N ALA D 99 -26.27 -10.07 -10.36
CA ALA D 99 -27.17 -9.60 -11.43
C ALA D 99 -26.50 -8.41 -12.14
N ASN D 100 -27.11 -7.91 -13.21
CA ASN D 100 -26.52 -6.76 -13.91
C ASN D 100 -26.42 -5.66 -12.86
N ALA D 101 -25.43 -4.79 -13.00
CA ALA D 101 -25.27 -3.68 -12.08
C ALA D 101 -26.35 -2.63 -12.41
N ILE D 102 -26.86 -1.93 -11.40
CA ILE D 102 -27.87 -0.90 -11.64
C ILE D 102 -27.13 0.43 -11.83
N VAL D 103 -27.27 1.00 -13.01
CA VAL D 103 -26.62 2.26 -13.37
C VAL D 103 -27.18 3.45 -12.57
N TRP D 104 -26.41 4.53 -12.52
CA TRP D 104 -26.85 5.72 -11.80
C TRP D 104 -28.06 6.30 -12.53
N GLN D 105 -28.14 6.01 -13.82
CA GLN D 105 -29.23 6.50 -14.65
C GLN D 105 -30.58 5.89 -14.27
N SER D 106 -30.59 4.58 -14.00
CA SER D 106 -31.82 3.87 -13.68
C SER D 106 -32.74 4.45 -12.60
N ARG D 107 -34.02 4.08 -12.70
CA ARG D 107 -35.06 4.52 -11.76
C ARG D 107 -35.80 3.30 -11.24
N GLN D 108 -35.22 2.12 -11.42
CA GLN D 108 -35.89 0.89 -10.99
C GLN D 108 -36.09 0.80 -9.48
N SER D 109 -35.15 1.36 -8.72
CA SER D 109 -35.23 1.32 -7.26
C SER D 109 -36.05 2.47 -6.71
N SER D 110 -36.73 3.17 -7.62
CA SER D 110 -37.56 4.33 -7.28
C SER D 110 -38.61 4.10 -6.17
N PRO D 111 -39.23 2.91 -6.13
CA PRO D 111 -40.21 2.71 -5.06
C PRO D 111 -39.54 2.77 -3.68
N ILE D 112 -38.49 1.97 -3.52
CA ILE D 112 -37.73 1.93 -2.27
C ILE D 112 -37.48 3.36 -1.80
N ALA D 113 -37.07 4.22 -2.74
CA ALA D 113 -36.77 5.60 -2.42
C ALA D 113 -38.00 6.33 -1.91
N ASP D 114 -39.08 6.30 -2.67
CA ASP D 114 -40.30 6.98 -2.26
C ASP D 114 -40.71 6.57 -0.86
N GLN D 115 -40.60 5.28 -0.57
CA GLN D 115 -40.95 4.74 0.74
C GLN D 115 -40.30 5.56 1.87
N LEU D 116 -38.99 5.76 1.75
CA LEU D 116 -38.22 6.51 2.74
C LEU D 116 -38.72 7.94 2.93
N LYS D 117 -39.10 8.60 1.84
CA LYS D 117 -39.61 9.97 1.96
C LYS D 117 -40.93 9.99 2.72
N VAL D 118 -41.79 9.02 2.44
CA VAL D 118 -43.10 8.94 3.10
C VAL D 118 -42.98 8.60 4.59
N ASP D 119 -41.86 8.00 4.97
CA ASP D 119 -41.63 7.66 6.37
C ASP D 119 -40.87 8.80 7.04
N GLY D 120 -40.71 9.91 6.32
CA GLY D 120 -40.04 11.09 6.84
C GLY D 120 -38.54 10.94 7.06
N HIS D 121 -37.90 10.03 6.35
CA HIS D 121 -36.47 9.83 6.53
C HIS D 121 -35.60 10.90 5.89
N THR D 122 -36.18 11.72 5.02
CA THR D 122 -35.41 12.81 4.42
C THR D 122 -34.96 13.62 5.64
N GLU D 123 -34.16 14.66 5.45
CA GLU D 123 -33.76 15.45 6.60
C GLU D 123 -32.82 14.65 7.52
N MET D 124 -33.23 13.43 7.86
CA MET D 124 -32.39 12.58 8.69
C MET D 124 -31.21 12.24 7.80
N ILE D 125 -31.53 11.62 6.67
CA ILE D 125 -30.54 11.20 5.70
C ILE D 125 -29.72 12.36 5.14
N HIS D 126 -30.34 13.51 4.92
CA HIS D 126 -29.59 14.65 4.39
C HIS D 126 -28.46 15.10 5.30
N GLU D 127 -28.77 15.35 6.56
CA GLU D 127 -27.76 15.80 7.52
C GLU D 127 -26.59 14.81 7.65
N LYS D 128 -26.84 13.54 7.40
CA LYS D 128 -25.80 12.54 7.48
C LYS D 128 -24.98 12.44 6.18
N THR D 129 -25.67 12.14 5.08
CA THR D 129 -25.02 11.95 3.77
C THR D 129 -24.87 13.19 2.91
N GLY D 130 -25.54 14.28 3.28
CA GLY D 130 -25.46 15.50 2.51
C GLY D 130 -26.31 15.47 1.27
N LEU D 131 -26.94 14.31 1.02
CA LEU D 131 -27.75 14.11 -0.17
C LEU D 131 -29.27 14.22 0.06
N VAL D 132 -30.01 13.65 -0.89
CA VAL D 132 -31.47 13.63 -0.86
C VAL D 132 -31.87 12.18 -1.15
N ILE D 133 -33.04 11.78 -0.69
CA ILE D 133 -33.46 10.41 -0.96
C ILE D 133 -33.92 10.33 -2.41
N ASP D 134 -33.26 9.46 -3.18
CA ASP D 134 -33.58 9.31 -4.58
C ASP D 134 -32.97 8.03 -5.12
N ALA D 135 -33.57 7.45 -6.16
CA ALA D 135 -33.08 6.22 -6.76
C ALA D 135 -31.70 6.42 -7.37
N TYR D 136 -31.31 7.69 -7.46
CA TYR D 136 -30.04 8.09 -8.03
C TYR D 136 -28.86 7.44 -7.33
N PHE D 137 -28.89 7.40 -6.01
CA PHE D 137 -27.80 6.83 -5.22
C PHE D 137 -27.82 5.32 -4.99
N SER D 138 -26.66 4.78 -4.65
CA SER D 138 -26.48 3.35 -4.44
C SER D 138 -27.41 2.69 -3.41
N ALA D 139 -27.68 3.38 -2.31
CA ALA D 139 -28.52 2.86 -1.24
C ALA D 139 -29.72 2.04 -1.71
N THR D 140 -30.74 2.70 -2.25
CA THR D 140 -31.94 2.00 -2.69
C THR D 140 -31.65 1.02 -3.81
N LYS D 141 -30.46 1.12 -4.40
CA LYS D 141 -30.08 0.20 -5.48
C LYS D 141 -29.63 -1.11 -4.85
N VAL D 142 -28.83 -1.00 -3.78
CA VAL D 142 -28.32 -2.16 -3.06
C VAL D 142 -29.52 -2.95 -2.53
N ARG D 143 -30.47 -2.22 -1.96
CA ARG D 143 -31.68 -2.82 -1.41
C ARG D 143 -32.43 -3.52 -2.55
N TRP D 144 -32.67 -2.80 -3.64
CA TRP D 144 -33.38 -3.38 -4.78
C TRP D 144 -32.78 -4.73 -5.19
N LEU D 145 -31.46 -4.84 -5.12
CA LEU D 145 -30.78 -6.08 -5.49
C LEU D 145 -31.06 -7.24 -4.54
N LEU D 146 -30.95 -6.97 -3.25
CA LEU D 146 -31.18 -7.99 -2.24
C LEU D 146 -32.68 -8.25 -2.20
N ASP D 147 -33.42 -7.19 -2.46
CA ASP D 147 -34.88 -7.20 -2.48
C ASP D 147 -35.40 -8.14 -3.58
N ASN D 148 -34.89 -7.97 -4.79
CA ASN D 148 -35.35 -8.75 -5.94
C ASN D 148 -34.50 -9.89 -6.47
N ILE D 149 -33.43 -10.25 -5.78
CA ILE D 149 -32.60 -11.37 -6.22
C ILE D 149 -32.69 -12.50 -5.19
N GLU D 150 -32.95 -13.72 -5.68
CA GLU D 150 -33.09 -14.90 -4.82
C GLU D 150 -31.86 -15.29 -4.00
N GLY D 151 -32.09 -15.61 -2.74
CA GLY D 151 -31.01 -16.01 -1.87
C GLY D 151 -30.09 -14.86 -1.53
N ALA D 152 -30.19 -13.79 -2.30
CA ALA D 152 -29.36 -12.60 -2.09
C ALA D 152 -29.30 -12.18 -0.64
N GLN D 153 -30.39 -11.63 -0.13
CA GLN D 153 -30.47 -11.17 1.25
C GLN D 153 -29.98 -12.19 2.27
N GLU D 154 -30.16 -13.47 1.95
CA GLU D 154 -29.74 -14.55 2.83
C GLU D 154 -28.21 -14.64 2.84
N LYS D 155 -27.63 -14.67 1.64
CA LYS D 155 -26.19 -14.76 1.46
C LYS D 155 -25.49 -13.52 2.02
N ALA D 156 -26.17 -12.38 1.94
CA ALA D 156 -25.62 -11.13 2.43
C ALA D 156 -25.44 -11.14 3.94
N ASP D 157 -26.45 -11.63 4.66
CA ASP D 157 -26.37 -11.70 6.11
C ASP D 157 -25.34 -12.78 6.50
N ASN D 158 -25.13 -13.73 5.59
CA ASN D 158 -24.18 -14.83 5.79
C ASN D 158 -22.74 -14.39 5.48
N GLY D 159 -22.56 -13.09 5.23
CA GLY D 159 -21.25 -12.55 4.92
C GLY D 159 -20.69 -12.96 3.57
N GLU D 160 -21.53 -13.51 2.71
CA GLU D 160 -21.10 -13.96 1.38
C GLU D 160 -21.12 -12.97 0.22
N LEU D 161 -21.71 -11.78 0.40
CA LEU D 161 -21.75 -10.83 -0.71
C LEU D 161 -21.03 -9.50 -0.46
N LEU D 162 -20.42 -8.99 -1.52
CA LEU D 162 -19.70 -7.73 -1.44
C LEU D 162 -20.35 -6.67 -2.32
N PHE D 163 -20.55 -5.49 -1.77
CA PHE D 163 -21.13 -4.39 -2.54
C PHE D 163 -20.02 -3.43 -2.90
N GLY D 164 -20.17 -2.76 -4.03
CA GLY D 164 -19.16 -1.80 -4.41
C GLY D 164 -19.58 -1.01 -5.63
N THR D 165 -19.14 0.24 -5.69
CA THR D 165 -19.44 1.06 -6.85
C THR D 165 -18.37 0.64 -7.85
N ILE D 166 -18.47 1.07 -9.11
CA ILE D 166 -17.50 0.63 -10.13
C ILE D 166 -16.02 0.75 -9.74
N ASP D 167 -15.65 1.83 -9.04
CA ASP D 167 -14.26 2.02 -8.61
C ASP D 167 -13.81 0.85 -7.73
N SER D 168 -14.68 0.46 -6.80
CA SER D 168 -14.41 -0.66 -5.90
C SER D 168 -14.29 -1.96 -6.69
N TRP D 169 -15.21 -2.12 -7.65
CA TRP D 169 -15.26 -3.29 -8.50
C TRP D 169 -14.04 -3.43 -9.40
N LEU D 170 -13.52 -2.31 -9.92
CA LEU D 170 -12.36 -2.41 -10.78
C LEU D 170 -11.08 -2.73 -10.02
N VAL D 171 -10.93 -2.16 -8.83
CA VAL D 171 -9.75 -2.44 -8.03
C VAL D 171 -9.74 -3.90 -7.63
N TRP D 172 -10.90 -4.42 -7.21
CA TRP D 172 -11.04 -5.82 -6.82
C TRP D 172 -10.66 -6.71 -8.01
N LYS D 173 -11.08 -6.33 -9.20
CA LYS D 173 -10.73 -7.12 -10.38
C LYS D 173 -9.23 -7.05 -10.62
N LEU D 174 -8.67 -5.85 -10.53
CA LEU D 174 -7.23 -5.64 -10.74
C LEU D 174 -6.37 -6.33 -9.69
N THR D 175 -6.82 -6.35 -8.43
CA THR D 175 -6.06 -6.99 -7.36
C THR D 175 -6.47 -8.46 -7.20
N ASP D 176 -7.29 -8.94 -8.12
CA ASP D 176 -7.77 -10.32 -8.12
C ASP D 176 -8.43 -10.77 -6.81
N GLY D 177 -9.15 -9.87 -6.16
CA GLY D 177 -9.83 -10.21 -4.93
C GLY D 177 -9.11 -9.92 -3.63
N GLN D 178 -7.95 -9.28 -3.72
CA GLN D 178 -7.20 -8.96 -2.51
C GLN D 178 -7.69 -7.70 -1.85
N VAL D 179 -7.95 -6.67 -2.65
CA VAL D 179 -8.39 -5.41 -2.10
C VAL D 179 -9.82 -5.04 -2.46
N HIS D 180 -10.65 -4.85 -1.44
CA HIS D 180 -12.03 -4.46 -1.64
C HIS D 180 -12.11 -3.10 -0.98
N VAL D 181 -11.89 -2.04 -1.77
CA VAL D 181 -11.86 -0.70 -1.20
C VAL D 181 -12.64 0.36 -1.99
N THR D 182 -12.60 1.59 -1.50
CA THR D 182 -13.25 2.73 -2.15
C THR D 182 -12.80 4.03 -1.50
N ASP D 183 -12.82 5.11 -2.27
CA ASP D 183 -12.40 6.43 -1.81
C ASP D 183 -13.52 7.23 -1.15
N TYR D 184 -13.16 8.29 -0.43
CA TYR D 184 -14.15 9.15 0.22
C TYR D 184 -15.10 9.71 -0.84
N SER D 185 -14.55 10.02 -2.00
CA SER D 185 -15.31 10.58 -3.10
C SER D 185 -16.48 9.68 -3.49
N ASN D 186 -16.17 8.46 -3.91
CA ASN D 186 -17.21 7.53 -4.28
C ASN D 186 -18.10 7.15 -3.10
N ALA D 187 -17.47 6.86 -1.97
CA ALA D 187 -18.20 6.46 -0.77
C ALA D 187 -19.34 7.38 -0.38
N SER D 188 -19.15 8.68 -0.58
CA SER D 188 -20.16 9.67 -0.21
C SER D 188 -21.30 9.79 -1.22
N ARG D 189 -21.29 8.94 -2.23
CA ARG D 189 -22.31 8.98 -3.27
C ARG D 189 -23.29 7.83 -3.15
N THR D 190 -23.12 7.02 -2.11
CA THR D 190 -23.95 5.85 -1.87
C THR D 190 -25.15 6.10 -0.95
N MET D 191 -25.15 7.26 -0.28
CA MET D 191 -26.20 7.61 0.65
C MET D 191 -26.27 6.51 1.70
N LEU D 192 -25.08 6.06 2.11
CA LEU D 192 -24.89 5.04 3.13
C LEU D 192 -23.61 5.37 3.87
N TYR D 193 -23.13 6.59 3.67
CA TYR D 193 -21.89 7.03 4.30
C TYR D 193 -22.09 8.39 4.94
N ASN D 194 -21.76 8.50 6.22
CA ASN D 194 -21.89 9.75 6.95
C ASN D 194 -20.71 10.65 6.57
N ILE D 195 -20.92 11.55 5.62
CA ILE D 195 -19.85 12.43 5.17
C ILE D 195 -19.32 13.39 6.23
N HIS D 196 -19.94 13.41 7.41
CA HIS D 196 -19.49 14.30 8.47
C HIS D 196 -18.57 13.60 9.46
N LYS D 197 -18.90 12.36 9.81
CA LYS D 197 -18.09 11.58 10.74
C LYS D 197 -17.14 10.66 9.99
N LEU D 198 -17.25 10.67 8.66
CA LEU D 198 -16.41 9.84 7.79
C LEU D 198 -16.45 8.35 8.12
N GLU D 199 -17.66 7.80 8.17
CA GLU D 199 -17.83 6.39 8.47
C GLU D 199 -19.16 5.92 7.89
N TRP D 200 -19.30 4.62 7.65
CA TRP D 200 -20.56 4.10 7.13
C TRP D 200 -21.58 4.36 8.23
N ASP D 201 -22.70 4.99 7.89
CA ASP D 201 -23.73 5.26 8.90
C ASP D 201 -24.38 3.92 9.23
N GLN D 202 -24.27 3.48 10.47
CA GLN D 202 -24.83 2.19 10.88
C GLN D 202 -26.35 2.20 10.90
N GLU D 203 -26.93 3.34 11.28
CA GLU D 203 -28.39 3.45 11.34
C GLU D 203 -29.01 3.25 9.96
N ILE D 204 -28.50 3.97 8.96
CA ILE D 204 -29.00 3.87 7.60
C ILE D 204 -28.93 2.44 7.08
N LEU D 205 -27.83 1.75 7.42
CA LEU D 205 -27.65 0.37 6.98
C LEU D 205 -28.79 -0.51 7.50
N ASP D 206 -29.08 -0.40 8.79
CA ASP D 206 -30.13 -1.19 9.39
C ASP D 206 -31.49 -0.79 8.83
N LEU D 207 -31.66 0.51 8.59
CA LEU D 207 -32.91 1.03 8.04
C LEU D 207 -33.22 0.39 6.69
N LEU D 208 -32.19 -0.07 5.99
CA LEU D 208 -32.39 -0.70 4.68
C LEU D 208 -31.95 -2.17 4.71
N ASN D 209 -31.81 -2.70 5.93
CA ASN D 209 -31.41 -4.09 6.13
C ASN D 209 -30.21 -4.53 5.29
N ILE D 210 -29.23 -3.65 5.15
CA ILE D 210 -28.02 -3.94 4.37
C ILE D 210 -26.93 -4.42 5.32
N PRO D 211 -26.61 -5.73 5.30
CA PRO D 211 -25.57 -6.27 6.19
C PRO D 211 -24.20 -5.64 5.89
N SER D 212 -23.62 -4.99 6.89
CA SER D 212 -22.32 -4.31 6.71
C SER D 212 -21.14 -5.20 6.34
N SER D 213 -21.41 -6.47 6.02
CA SER D 213 -20.32 -7.36 5.63
C SER D 213 -20.09 -7.19 4.13
N MET D 214 -20.94 -6.38 3.51
CA MET D 214 -20.84 -6.14 2.07
C MET D 214 -19.92 -4.95 1.78
N LEU D 215 -19.89 -3.99 2.70
CA LEU D 215 -19.11 -2.78 2.55
C LEU D 215 -17.58 -2.91 2.54
N PRO D 216 -16.90 -2.07 1.75
CA PRO D 216 -15.44 -2.04 1.62
C PRO D 216 -14.81 -0.96 2.49
N GLU D 217 -13.49 -1.00 2.68
CA GLU D 217 -12.82 0.01 3.49
C GLU D 217 -12.81 1.33 2.72
N VAL D 218 -13.22 2.40 3.37
CA VAL D 218 -13.21 3.70 2.70
C VAL D 218 -11.83 4.33 2.99
N LYS D 219 -11.13 4.72 1.93
CA LYS D 219 -9.82 5.34 2.09
C LYS D 219 -9.76 6.71 1.40
N SER D 220 -8.58 7.31 1.31
CA SER D 220 -8.47 8.62 0.68
C SER D 220 -8.39 8.48 -0.84
N ASN D 221 -8.24 9.60 -1.52
CA ASN D 221 -8.18 9.60 -2.99
C ASN D 221 -6.77 9.51 -3.56
N SER D 222 -5.78 9.52 -2.68
CA SER D 222 -4.39 9.43 -3.11
C SER D 222 -3.59 8.61 -2.09
N GLU D 223 -3.28 7.37 -2.47
CA GLU D 223 -2.50 6.44 -1.64
C GLU D 223 -2.49 5.08 -2.31
N VAL D 224 -1.44 4.30 -2.09
CA VAL D 224 -1.35 2.98 -2.70
C VAL D 224 -2.38 2.03 -2.10
N TYR D 225 -3.40 1.68 -2.90
CA TYR D 225 -4.45 0.79 -2.43
C TYR D 225 -4.01 -0.66 -2.48
N GLY D 226 -3.20 -1.00 -3.47
CA GLY D 226 -2.71 -2.36 -3.63
C GLY D 226 -1.93 -2.47 -4.90
N HIS D 227 -1.73 -3.69 -5.41
CA HIS D 227 -0.98 -3.90 -6.65
C HIS D 227 -1.73 -4.80 -7.63
N THR D 228 -1.41 -4.64 -8.92
CA THR D 228 -2.04 -5.41 -10.00
C THR D 228 -1.51 -6.83 -10.16
N ARG D 229 -2.21 -7.63 -10.97
CA ARG D 229 -1.85 -9.02 -11.22
C ARG D 229 -2.17 -9.45 -12.65
N SER D 230 -3.41 -9.16 -13.07
CA SER D 230 -3.93 -9.50 -14.40
C SER D 230 -2.88 -9.65 -15.50
N TYR D 231 -3.10 -10.62 -16.39
CA TYR D 231 -2.17 -10.88 -17.50
C TYR D 231 -2.08 -9.71 -18.49
N GLU D 232 -2.61 -8.55 -18.10
CA GLU D 232 -2.60 -7.37 -18.93
C GLU D 232 -1.58 -6.39 -18.34
N PHE D 233 -1.32 -6.55 -17.05
CA PHE D 233 -0.37 -5.72 -16.31
C PHE D 233 0.83 -6.54 -15.86
N TYR D 234 1.21 -7.45 -16.72
CA TYR D 234 2.33 -8.32 -16.50
C TYR D 234 3.61 -7.59 -16.13
N GLY D 235 3.59 -6.27 -16.22
CA GLY D 235 4.76 -5.49 -15.85
C GLY D 235 4.95 -5.68 -14.36
N SER D 236 6.19 -5.91 -13.93
CA SER D 236 6.53 -6.15 -12.52
C SER D 236 5.34 -6.36 -11.57
N GLU D 237 4.54 -5.31 -11.39
CA GLU D 237 3.34 -5.32 -10.53
C GLU D 237 2.95 -3.89 -10.17
N VAL D 238 2.41 -3.18 -11.16
CA VAL D 238 2.01 -1.79 -11.00
C VAL D 238 1.04 -1.54 -9.85
N PRO D 239 1.24 -0.42 -9.13
CA PRO D 239 0.41 -0.02 -7.99
C PRO D 239 -0.78 0.87 -8.39
N ILE D 240 -1.88 0.70 -7.66
CA ILE D 240 -3.11 1.44 -7.87
C ILE D 240 -3.13 2.47 -6.75
N ALA D 241 -2.88 3.73 -7.07
CA ALA D 241 -2.83 4.76 -6.03
C ALA D 241 -3.68 6.01 -6.25
N GLY D 242 -4.64 5.93 -7.17
CA GLY D 242 -5.51 7.07 -7.44
C GLY D 242 -6.95 6.63 -7.65
N MET D 243 -7.87 7.19 -6.87
CA MET D 243 -9.27 6.81 -7.03
C MET D 243 -10.21 7.97 -6.71
N ALA D 244 -11.17 8.19 -7.60
CA ALA D 244 -12.15 9.28 -7.42
C ALA D 244 -13.38 9.08 -8.32
N GLY D 245 -14.49 9.71 -7.92
CA GLY D 245 -15.70 9.62 -8.72
C GLY D 245 -15.39 10.49 -9.91
N ASP D 246 -15.91 10.16 -11.09
CA ASP D 246 -15.59 10.94 -12.28
C ASP D 246 -15.69 12.45 -12.11
N GLN D 247 -16.76 12.93 -11.47
CA GLN D 247 -16.92 14.36 -11.31
C GLN D 247 -15.92 15.01 -10.37
N GLN D 248 -15.57 14.31 -9.30
CA GLN D 248 -14.59 14.83 -8.38
C GLN D 248 -13.22 14.78 -9.06
N ALA D 249 -12.97 13.70 -9.78
CA ALA D 249 -11.70 13.56 -10.49
C ALA D 249 -11.59 14.67 -11.52
N ALA D 250 -12.70 15.05 -12.12
CA ALA D 250 -12.68 16.11 -13.11
C ALA D 250 -12.41 17.45 -12.42
N LEU D 251 -12.75 17.49 -11.13
CA LEU D 251 -12.56 18.67 -10.32
C LEU D 251 -11.07 18.80 -10.03
N PHE D 252 -10.44 17.68 -9.70
CA PHE D 252 -9.02 17.67 -9.41
C PHE D 252 -8.27 17.98 -10.69
N GLY D 253 -8.64 17.30 -11.77
CA GLY D 253 -7.99 17.53 -13.05
C GLY D 253 -8.02 19.00 -13.41
N GLN D 254 -9.14 19.65 -13.12
CA GLN D 254 -9.31 21.07 -13.41
C GLN D 254 -8.53 21.94 -12.41
N MET D 255 -7.87 21.31 -11.46
CA MET D 255 -7.09 22.01 -10.45
C MET D 255 -7.90 23.01 -9.66
N ALA D 256 -9.11 22.61 -9.27
CA ALA D 256 -9.98 23.45 -8.47
C ALA D 256 -9.70 23.08 -7.01
N PHE D 257 -8.49 23.38 -6.56
CA PHE D 257 -8.05 23.05 -5.21
C PHE D 257 -8.52 24.04 -4.16
N GLU D 258 -8.66 25.31 -4.55
CA GLU D 258 -9.07 26.37 -3.64
C GLU D 258 -10.58 26.56 -3.48
N LYS D 259 -11.01 26.79 -2.24
CA LYS D 259 -12.41 27.00 -1.95
C LYS D 259 -13.01 27.99 -2.94
N GLY D 260 -14.24 27.71 -3.36
CA GLY D 260 -14.92 28.60 -4.29
C GLY D 260 -14.76 28.29 -5.76
N MET D 261 -13.77 27.49 -6.13
CA MET D 261 -13.57 27.17 -7.55
C MET D 261 -14.62 26.17 -8.03
N ILE D 262 -15.20 26.48 -9.19
CA ILE D 262 -16.28 25.68 -9.75
C ILE D 262 -16.07 25.32 -11.22
N LYS D 263 -16.51 24.12 -11.57
CA LYS D 263 -16.40 23.62 -12.94
C LYS D 263 -17.65 22.84 -13.31
N ASN D 264 -17.90 22.71 -14.61
CA ASN D 264 -19.04 21.96 -15.11
C ASN D 264 -18.46 20.97 -16.11
N THR D 265 -18.85 19.70 -16.00
CA THR D 265 -18.35 18.68 -16.92
C THR D 265 -19.47 18.18 -17.80
N TYR D 266 -19.50 18.66 -19.05
CA TYR D 266 -20.53 18.27 -20.01
C TYR D 266 -20.26 16.92 -20.66
N GLY D 267 -21.00 15.89 -20.24
CA GLY D 267 -20.87 14.56 -20.79
C GLY D 267 -22.23 13.89 -20.93
N THR D 268 -22.35 12.62 -20.59
CA THR D 268 -23.65 11.94 -20.68
C THR D 268 -24.63 12.81 -19.89
N GLY D 269 -24.18 13.23 -18.71
CA GLY D 269 -24.95 14.11 -17.87
C GLY D 269 -24.09 15.35 -17.72
N ALA D 270 -24.54 16.36 -16.98
CA ALA D 270 -23.72 17.55 -16.78
C ALA D 270 -23.63 17.77 -15.28
N PHE D 271 -22.44 18.08 -14.78
CA PHE D 271 -22.29 18.26 -13.34
C PHE D 271 -21.48 19.48 -12.91
N ILE D 272 -22.17 20.42 -12.26
CA ILE D 272 -21.56 21.62 -11.73
C ILE D 272 -21.01 21.21 -10.38
N VAL D 273 -19.72 21.46 -10.15
CA VAL D 273 -19.13 21.11 -8.87
C VAL D 273 -18.26 22.25 -8.38
N MET D 274 -18.52 22.67 -7.15
CA MET D 274 -17.75 23.73 -6.54
C MET D 274 -17.07 23.19 -5.30
N ASN D 275 -15.82 23.56 -5.14
CA ASN D 275 -15.01 23.14 -4.00
C ASN D 275 -15.44 24.02 -2.83
N THR D 276 -15.77 23.40 -1.71
CA THR D 276 -16.20 24.18 -0.54
C THR D 276 -15.08 24.33 0.49
N GLY D 277 -14.16 23.37 0.51
CA GLY D 277 -13.05 23.44 1.44
C GLY D 277 -13.02 22.29 2.41
N GLU D 278 -12.66 22.55 3.65
CA GLU D 278 -12.59 21.51 4.66
C GLU D 278 -13.84 21.46 5.54
N GLU D 279 -14.79 22.34 5.25
CA GLU D 279 -16.03 22.39 6.00
C GLU D 279 -17.23 22.23 5.06
N PRO D 280 -18.18 21.34 5.40
CA PRO D 280 -19.36 21.15 4.54
C PRO D 280 -20.08 22.49 4.36
N GLN D 281 -21.21 22.49 3.67
CA GLN D 281 -21.90 23.76 3.46
C GLN D 281 -23.27 23.97 4.05
N LEU D 282 -23.53 25.23 4.38
CA LEU D 282 -24.81 25.64 4.94
C LEU D 282 -25.86 25.46 3.85
N SER D 283 -25.49 25.90 2.65
CA SER D 283 -26.32 25.86 1.44
C SER D 283 -27.25 24.66 1.26
N ASP D 284 -27.19 24.04 0.09
CA ASP D 284 -28.00 22.87 -0.25
C ASP D 284 -29.45 23.16 -0.63
N ASN D 285 -30.35 22.58 0.17
CA ASN D 285 -31.81 22.67 0.02
C ASN D 285 -32.29 22.26 -1.37
N ASP D 286 -31.51 22.57 -2.39
CA ASP D 286 -31.84 22.24 -3.76
C ASP D 286 -30.64 21.60 -4.46
N LEU D 287 -29.49 21.60 -3.78
CA LEU D 287 -28.28 21.01 -4.34
C LEU D 287 -27.87 19.79 -3.54
N LEU D 288 -26.61 19.41 -3.65
CA LEU D 288 -26.10 18.25 -2.92
C LEU D 288 -24.76 18.57 -2.23
N THR D 289 -24.55 17.95 -1.08
CA THR D 289 -23.30 18.15 -0.37
C THR D 289 -22.58 16.82 -0.43
N THR D 290 -21.32 16.83 -0.84
CA THR D 290 -20.57 15.59 -0.93
C THR D 290 -19.07 15.81 -0.81
N ILE D 291 -18.33 14.71 -0.71
CA ILE D 291 -16.87 14.79 -0.59
C ILE D 291 -16.16 14.87 -1.93
N GLY D 292 -15.58 16.03 -2.22
CA GLY D 292 -14.86 16.20 -3.46
C GLY D 292 -13.66 15.26 -3.47
N TYR D 293 -12.76 15.41 -2.52
CA TYR D 293 -11.59 14.55 -2.48
C TYR D 293 -10.89 14.59 -1.13
N GLY D 294 -10.16 13.53 -0.82
CA GLY D 294 -9.43 13.44 0.42
C GLY D 294 -7.96 13.18 0.14
N ILE D 295 -7.12 14.18 0.36
CA ILE D 295 -5.68 14.06 0.11
C ILE D 295 -4.91 14.76 1.22
N ASN D 296 -3.62 14.48 1.30
CA ASN D 296 -2.74 15.07 2.31
C ASN D 296 -3.30 15.09 3.73
N GLY D 297 -3.91 13.99 4.16
CA GLY D 297 -4.44 13.90 5.51
C GLY D 297 -5.73 14.66 5.81
N LYS D 298 -6.13 15.57 4.92
CA LYS D 298 -7.33 16.36 5.10
C LYS D 298 -8.46 15.87 4.21
N VAL D 299 -9.64 16.47 4.38
CA VAL D 299 -10.83 16.11 3.60
C VAL D 299 -11.56 17.35 3.06
N TYR D 300 -11.63 17.45 1.74
CA TYR D 300 -12.29 18.57 1.06
C TYR D 300 -13.70 18.22 0.56
N TYR D 301 -14.65 19.11 0.82
CA TYR D 301 -16.05 18.93 0.42
C TYR D 301 -16.43 19.73 -0.81
N ALA D 302 -17.60 19.45 -1.37
CA ALA D 302 -18.07 20.15 -2.55
C ALA D 302 -19.57 20.40 -2.59
N LEU D 303 -19.98 21.24 -3.53
CA LEU D 303 -21.38 21.56 -3.75
C LEU D 303 -21.65 21.08 -5.17
N GLU D 304 -22.51 20.07 -5.31
CA GLU D 304 -22.79 19.52 -6.63
C GLU D 304 -24.16 19.88 -7.21
N GLY D 305 -24.20 19.96 -8.54
CA GLY D 305 -25.43 20.26 -9.25
C GLY D 305 -25.54 19.14 -10.27
N SER D 306 -26.62 18.36 -10.21
CA SER D 306 -26.76 17.24 -11.14
C SER D 306 -27.75 17.48 -12.27
N ILE D 307 -27.30 17.22 -13.49
CA ILE D 307 -28.12 17.34 -14.69
C ILE D 307 -27.99 15.99 -15.39
N PHE D 308 -28.86 15.06 -15.01
CA PHE D 308 -28.87 13.70 -15.52
C PHE D 308 -28.81 13.52 -17.04
N VAL D 309 -29.52 14.36 -17.77
CA VAL D 309 -29.57 14.23 -19.22
C VAL D 309 -28.93 15.39 -19.96
N ALA D 310 -27.76 15.14 -20.54
CA ALA D 310 -27.08 16.17 -21.31
C ALA D 310 -26.72 15.48 -22.62
N GLY D 311 -25.60 14.76 -22.62
CA GLY D 311 -25.19 14.06 -23.81
C GLY D 311 -26.20 13.00 -24.21
N SER D 312 -26.76 12.31 -23.23
CA SER D 312 -27.75 11.25 -23.50
C SER D 312 -28.94 11.77 -24.32
N ALA D 313 -29.11 13.09 -24.37
CA ALA D 313 -30.19 13.69 -25.15
C ALA D 313 -29.84 13.60 -26.63
N ILE D 314 -28.59 13.90 -26.97
CA ILE D 314 -28.13 13.86 -28.36
C ILE D 314 -28.17 12.42 -28.83
N GLN D 315 -27.82 11.52 -27.93
CA GLN D 315 -27.85 10.09 -28.23
C GLN D 315 -29.29 9.69 -28.54
N TRP D 316 -30.24 10.33 -27.86
CA TRP D 316 -31.65 10.03 -28.08
C TRP D 316 -32.05 10.52 -29.47
N LEU D 317 -31.52 11.69 -29.84
CA LEU D 317 -31.81 12.25 -31.16
C LEU D 317 -31.34 11.30 -32.25
N ARG D 318 -30.23 10.61 -31.98
CA ARG D 318 -29.65 9.68 -32.94
C ARG D 318 -30.27 8.27 -32.90
N ASP D 319 -30.46 7.72 -31.70
CA ASP D 319 -31.02 6.39 -31.58
C ASP D 319 -32.54 6.30 -31.50
N GLY D 320 -33.18 7.32 -30.93
CA GLY D 320 -34.62 7.35 -30.79
C GLY D 320 -35.45 7.99 -31.90
N LEU D 321 -35.28 9.29 -32.11
CA LEU D 321 -36.03 9.95 -33.18
C LEU D 321 -35.35 9.73 -34.52
N ARG D 322 -34.13 9.20 -34.46
CA ARG D 322 -33.34 8.94 -35.66
C ARG D 322 -33.25 10.25 -36.43
N MET D 323 -33.29 11.35 -35.70
CA MET D 323 -33.23 12.68 -36.29
C MET D 323 -31.83 13.06 -36.78
N ILE D 324 -30.81 12.39 -36.27
CA ILE D 324 -29.44 12.66 -36.69
C ILE D 324 -28.70 11.34 -36.99
N GLU D 325 -27.71 11.42 -37.88
CA GLU D 325 -26.94 10.24 -38.28
C GLU D 325 -25.93 9.84 -37.23
N THR D 326 -25.18 10.81 -36.72
CA THR D 326 -24.17 10.56 -35.70
C THR D 326 -24.27 11.70 -34.67
N SER D 327 -23.86 11.43 -33.44
CA SER D 327 -23.94 12.46 -32.42
C SER D 327 -23.26 13.76 -32.83
N PRO D 328 -22.01 13.70 -33.30
CA PRO D 328 -21.31 14.93 -33.71
C PRO D 328 -22.07 15.81 -34.71
N GLN D 329 -22.90 15.20 -35.54
CA GLN D 329 -23.66 15.95 -36.53
C GLN D 329 -24.59 16.99 -35.90
N SER D 330 -24.91 16.77 -34.63
CA SER D 330 -25.79 17.67 -33.91
C SER D 330 -25.29 19.11 -33.90
N GLU D 331 -23.98 19.30 -33.85
CA GLU D 331 -23.42 20.65 -33.80
C GLU D 331 -23.63 21.49 -35.06
N GLU D 332 -23.34 20.90 -36.22
CA GLU D 332 -23.49 21.64 -37.46
C GLU D 332 -24.96 21.83 -37.85
N LEU D 333 -25.81 20.88 -37.43
CA LEU D 333 -27.23 20.98 -37.71
C LEU D 333 -27.74 22.18 -36.94
N ALA D 334 -27.40 22.20 -35.65
CA ALA D 334 -27.82 23.29 -34.77
C ALA D 334 -27.31 24.64 -35.27
N ALA D 335 -26.07 24.65 -35.76
CA ALA D 335 -25.43 25.86 -36.28
C ALA D 335 -26.17 26.47 -37.46
N LYS D 336 -26.93 25.64 -38.17
CA LYS D 336 -27.67 26.12 -39.34
C LYS D 336 -29.11 26.54 -39.05
N ALA D 337 -29.51 26.47 -37.78
CA ALA D 337 -30.88 26.83 -37.37
C ALA D 337 -31.19 28.29 -37.61
N LYS D 338 -32.35 28.54 -38.22
CA LYS D 338 -32.76 29.90 -38.54
C LYS D 338 -34.01 30.35 -37.78
N GLY D 339 -34.53 29.47 -36.93
CA GLY D 339 -35.71 29.82 -36.17
C GLY D 339 -35.52 31.04 -35.29
N ASP D 340 -36.63 31.55 -34.76
CA ASP D 340 -36.64 32.72 -33.89
C ASP D 340 -36.17 32.42 -32.47
N ASN D 341 -35.69 31.19 -32.26
CA ASN D 341 -35.19 30.72 -30.97
C ASN D 341 -36.29 30.63 -29.92
N GLU D 342 -37.51 30.38 -30.35
CA GLU D 342 -38.64 30.27 -29.45
C GLU D 342 -38.85 28.86 -28.91
N VAL D 343 -38.26 27.87 -29.57
CA VAL D 343 -38.41 26.48 -29.14
C VAL D 343 -37.61 26.13 -27.89
N TYR D 344 -38.24 25.36 -27.00
CA TYR D 344 -37.62 24.93 -25.75
C TYR D 344 -37.83 23.43 -25.57
N VAL D 345 -36.73 22.73 -25.35
CA VAL D 345 -36.77 21.29 -25.14
C VAL D 345 -36.32 21.03 -23.70
N VAL D 346 -37.12 20.27 -22.97
CA VAL D 346 -36.83 19.93 -21.57
C VAL D 346 -36.71 18.41 -21.58
N PRO D 347 -35.51 17.90 -21.81
CA PRO D 347 -35.22 16.47 -21.86
C PRO D 347 -35.20 15.69 -20.56
N ALA D 348 -36.15 15.97 -19.67
CA ALA D 348 -36.20 15.29 -18.38
C ALA D 348 -36.74 13.88 -18.55
N PHE D 349 -36.08 13.07 -19.37
CA PHE D 349 -36.57 11.72 -19.61
C PHE D 349 -36.73 10.95 -18.30
N THR D 350 -35.95 11.35 -17.31
CA THR D 350 -35.96 10.65 -16.04
C THR D 350 -36.20 11.55 -14.83
N GLY D 351 -36.90 12.65 -15.05
CA GLY D 351 -37.16 13.57 -13.97
C GLY D 351 -36.14 14.70 -14.01
N LEU D 352 -36.50 15.82 -13.41
CA LEU D 352 -35.63 16.98 -13.39
C LEU D 352 -34.61 16.86 -12.27
N GLY D 353 -33.38 17.27 -12.56
CA GLY D 353 -32.30 17.23 -11.58
C GLY D 353 -32.25 18.54 -10.81
N ALA D 354 -31.07 18.97 -10.39
CA ALA D 354 -30.94 20.21 -9.63
C ALA D 354 -31.29 21.44 -10.46
N PRO D 355 -31.98 22.42 -9.85
CA PRO D 355 -32.42 22.38 -8.45
C PRO D 355 -33.90 22.03 -8.30
N TYR D 356 -34.41 21.19 -9.19
CA TYR D 356 -35.81 20.81 -9.17
C TYR D 356 -36.06 19.53 -8.40
N TRP D 357 -35.32 18.49 -8.74
CA TRP D 357 -35.47 17.20 -8.09
C TRP D 357 -36.92 16.73 -8.13
N ASP D 358 -37.49 16.79 -9.33
CA ASP D 358 -38.86 16.38 -9.57
C ASP D 358 -38.79 15.09 -10.40
N SER D 359 -38.86 13.96 -9.73
CA SER D 359 -38.77 12.67 -10.39
C SER D 359 -40.01 12.29 -11.17
N GLU D 360 -41.07 13.07 -11.05
CA GLU D 360 -42.30 12.76 -11.78
C GLU D 360 -42.25 13.34 -13.17
N ALA D 361 -41.55 14.46 -13.33
CA ALA D 361 -41.42 15.15 -14.60
C ALA D 361 -40.82 14.31 -15.72
N ARG D 362 -41.29 14.55 -16.94
CA ARG D 362 -40.81 13.83 -18.12
C ARG D 362 -40.37 14.79 -19.24
N GLY D 363 -39.69 14.26 -20.26
CA GLY D 363 -39.25 15.12 -21.33
C GLY D 363 -40.38 15.87 -22.01
N ALA D 364 -40.14 17.12 -22.39
CA ALA D 364 -41.18 17.91 -23.04
C ALA D 364 -40.61 18.95 -24.01
N VAL D 365 -41.43 19.38 -24.97
CA VAL D 365 -41.05 20.37 -25.97
C VAL D 365 -42.12 21.45 -26.04
N PHE D 366 -41.71 22.71 -26.15
CA PHE D 366 -42.64 23.85 -26.19
C PHE D 366 -42.30 24.89 -27.25
N GLY D 367 -43.30 25.67 -27.66
CA GLY D 367 -43.08 26.73 -28.62
C GLY D 367 -42.94 26.34 -30.07
N LEU D 368 -43.39 25.13 -30.40
CA LEU D 368 -43.32 24.62 -31.76
C LEU D 368 -44.28 25.39 -32.69
N THR D 369 -43.81 25.63 -33.92
CA THR D 369 -44.61 26.33 -34.94
C THR D 369 -44.43 25.60 -36.27
N ARG D 370 -45.20 26.00 -37.27
CA ARG D 370 -45.11 25.36 -38.58
C ARG D 370 -43.71 25.62 -39.11
N GLY D 371 -43.05 26.64 -38.59
CA GLY D 371 -41.72 26.97 -39.04
C GLY D 371 -40.58 26.20 -38.40
N THR D 372 -40.85 25.49 -37.31
CA THR D 372 -39.82 24.73 -36.62
C THR D 372 -39.21 23.63 -37.48
N THR D 373 -37.89 23.66 -37.61
CA THR D 373 -37.17 22.69 -38.42
C THR D 373 -36.28 21.80 -37.58
N LYS D 374 -35.73 20.78 -38.22
CA LYS D 374 -34.84 19.85 -37.56
C LYS D 374 -33.77 20.63 -36.81
N GLU D 375 -33.14 21.57 -37.50
CA GLU D 375 -32.10 22.39 -36.91
C GLU D 375 -32.61 23.01 -35.62
N ASP D 376 -33.72 23.74 -35.71
CA ASP D 376 -34.30 24.38 -34.54
C ASP D 376 -34.43 23.41 -33.37
N PHE D 377 -34.89 22.20 -33.67
CA PHE D 377 -35.11 21.18 -32.67
C PHE D 377 -33.79 20.77 -32.01
N VAL D 378 -32.81 20.41 -32.83
CA VAL D 378 -31.51 20.01 -32.30
C VAL D 378 -30.87 21.12 -31.49
N ARG D 379 -30.95 22.36 -31.98
CA ARG D 379 -30.35 23.48 -31.25
C ARG D 379 -31.00 23.60 -29.89
N ALA D 380 -32.32 23.54 -29.88
CA ALA D 380 -33.09 23.64 -28.65
C ALA D 380 -32.67 22.52 -27.73
N THR D 381 -32.56 21.31 -28.26
CA THR D 381 -32.17 20.16 -27.47
C THR D 381 -30.79 20.35 -26.85
N LEU D 382 -29.87 20.96 -27.59
CA LEU D 382 -28.52 21.18 -27.09
C LEU D 382 -28.51 22.21 -25.98
N GLN D 383 -29.11 23.36 -26.25
CA GLN D 383 -29.12 24.46 -25.29
C GLN D 383 -29.70 24.10 -23.91
N ALA D 384 -30.54 23.07 -23.83
CA ALA D 384 -31.15 22.68 -22.55
C ALA D 384 -30.14 22.58 -21.42
N VAL D 385 -28.99 21.96 -21.69
CA VAL D 385 -27.98 21.80 -20.65
C VAL D 385 -27.42 23.16 -20.21
N ALA D 386 -27.28 24.09 -21.15
CA ALA D 386 -26.76 25.41 -20.81
C ALA D 386 -27.70 26.05 -19.79
N TYR D 387 -28.98 26.04 -20.10
CA TYR D 387 -30.00 26.61 -19.25
C TYR D 387 -30.02 26.04 -17.84
N GLN D 388 -30.20 24.72 -17.72
CA GLN D 388 -30.24 24.13 -16.40
C GLN D 388 -28.91 24.41 -15.69
N SER D 389 -27.83 24.56 -16.47
CA SER D 389 -26.54 24.84 -15.86
C SER D 389 -26.66 26.15 -15.13
N LYS D 390 -27.27 27.14 -15.79
CA LYS D 390 -27.47 28.44 -15.17
C LYS D 390 -28.43 28.30 -13.98
N ASP D 391 -29.41 27.40 -14.11
CA ASP D 391 -30.35 27.18 -13.01
C ASP D 391 -29.56 26.82 -11.77
N VAL D 392 -28.70 25.82 -11.92
CA VAL D 392 -27.86 25.32 -10.84
C VAL D 392 -26.87 26.37 -10.35
N ILE D 393 -26.14 26.98 -11.27
CA ILE D 393 -25.13 27.96 -10.86
C ILE D 393 -25.73 29.15 -10.11
N ASP D 394 -26.96 29.53 -10.48
CA ASP D 394 -27.62 30.64 -9.79
C ASP D 394 -28.06 30.19 -8.40
N THR D 395 -28.46 28.93 -8.28
CA THR D 395 -28.89 28.38 -6.99
C THR D 395 -27.66 28.37 -6.10
N MET D 396 -26.58 27.83 -6.65
CA MET D 396 -25.30 27.69 -5.99
C MET D 396 -24.85 28.99 -5.33
N LYS D 397 -24.87 30.10 -6.06
CA LYS D 397 -24.43 31.36 -5.48
C LYS D 397 -25.45 31.99 -4.56
N LYS D 398 -26.73 31.62 -4.71
CA LYS D 398 -27.75 32.14 -3.82
C LYS D 398 -27.44 31.52 -2.46
N ASP D 399 -27.28 30.21 -2.45
CA ASP D 399 -26.97 29.45 -1.25
C ASP D 399 -25.71 29.94 -0.55
N SER D 400 -24.63 30.04 -1.30
CA SER D 400 -23.33 30.47 -0.76
C SER D 400 -23.21 31.95 -0.47
N GLY D 401 -23.68 32.78 -1.39
CA GLY D 401 -23.57 34.22 -1.20
C GLY D 401 -22.43 34.66 -2.08
N ILE D 402 -21.47 33.75 -2.28
CA ILE D 402 -20.30 34.01 -3.12
C ILE D 402 -20.78 34.28 -4.54
N ASP D 403 -19.92 34.89 -5.36
CA ASP D 403 -20.26 35.18 -6.74
C ASP D 403 -19.40 34.29 -7.66
N ILE D 404 -20.01 33.80 -8.73
CA ILE D 404 -19.32 32.93 -9.68
C ILE D 404 -18.96 33.74 -10.92
N PRO D 405 -17.77 34.37 -10.93
CA PRO D 405 -17.36 35.15 -12.10
C PRO D 405 -16.77 34.29 -13.22
N LEU D 406 -16.13 33.19 -12.83
CA LEU D 406 -15.50 32.26 -13.78
C LEU D 406 -15.94 30.82 -13.59
N LEU D 407 -16.17 30.12 -14.70
CA LEU D 407 -16.57 28.73 -14.66
C LEU D 407 -15.68 27.90 -15.58
N LYS D 408 -15.11 26.84 -15.04
CA LYS D 408 -14.26 25.97 -15.84
C LYS D 408 -15.11 24.83 -16.38
N VAL D 409 -14.96 24.54 -17.68
CA VAL D 409 -15.74 23.50 -18.31
C VAL D 409 -14.83 22.48 -18.98
N ASP D 410 -15.34 21.26 -19.14
CA ASP D 410 -14.59 20.18 -19.78
C ASP D 410 -15.59 19.09 -20.18
N GLY D 411 -15.08 17.99 -20.72
CA GLY D 411 -15.97 16.91 -21.13
C GLY D 411 -16.29 16.90 -22.61
N GLY D 412 -16.80 15.77 -23.10
CA GLY D 412 -17.13 15.64 -24.50
C GLY D 412 -17.80 16.86 -25.13
N ALA D 413 -19.07 17.05 -24.85
CA ALA D 413 -19.82 18.17 -25.40
C ALA D 413 -19.12 19.53 -25.29
N ALA D 414 -18.10 19.64 -24.44
CA ALA D 414 -17.40 20.91 -24.29
C ALA D 414 -16.70 21.29 -25.61
N LYS D 415 -16.46 20.28 -26.44
CA LYS D 415 -15.83 20.45 -27.74
C LYS D 415 -16.54 21.53 -28.58
N ASN D 416 -17.87 21.58 -28.46
CA ASN D 416 -18.69 22.53 -29.21
C ASN D 416 -18.49 23.98 -28.77
N ASP D 417 -17.85 24.79 -29.60
CA ASP D 417 -17.62 26.20 -29.28
C ASP D 417 -18.94 26.95 -29.18
N LEU D 418 -19.82 26.71 -30.15
CA LEU D 418 -21.12 27.37 -30.19
C LEU D 418 -21.90 27.19 -28.92
N LEU D 419 -21.78 26.01 -28.32
CA LEU D 419 -22.50 25.72 -27.09
C LEU D 419 -21.85 26.40 -25.89
N MET D 420 -20.53 26.39 -25.83
CA MET D 420 -19.82 27.01 -24.71
C MET D 420 -20.01 28.52 -24.76
N GLN D 421 -20.04 29.05 -25.98
CA GLN D 421 -20.24 30.48 -26.18
C GLN D 421 -21.63 30.82 -25.67
N PHE D 422 -22.60 29.98 -26.03
CA PHE D 422 -23.98 30.17 -25.60
C PHE D 422 -24.06 30.07 -24.07
N GLN D 423 -23.32 29.12 -23.51
CA GLN D 423 -23.29 28.93 -22.07
C GLN D 423 -22.83 30.22 -21.41
N ALA D 424 -21.80 30.83 -22.00
CA ALA D 424 -21.23 32.07 -21.49
C ALA D 424 -22.21 33.21 -21.68
N ASP D 425 -22.80 33.30 -22.87
CA ASP D 425 -23.76 34.36 -23.14
C ASP D 425 -24.95 34.32 -22.18
N ILE D 426 -25.40 33.12 -21.82
CA ILE D 426 -26.53 32.94 -20.90
C ILE D 426 -26.15 33.14 -19.42
N LEU D 427 -24.93 32.80 -19.05
CA LEU D 427 -24.49 32.95 -17.66
C LEU D 427 -24.05 34.38 -17.36
N ASP D 428 -23.57 35.06 -18.41
CA ASP D 428 -23.06 36.42 -18.34
C ASP D 428 -21.81 36.45 -17.47
N ILE D 429 -20.99 35.41 -17.61
CA ILE D 429 -19.76 35.29 -16.87
C ILE D 429 -18.77 34.64 -17.83
N ASP D 430 -17.53 34.47 -17.40
CA ASP D 430 -16.55 33.84 -18.26
C ASP D 430 -16.59 32.33 -18.13
N VAL D 431 -16.41 31.65 -19.25
CA VAL D 431 -16.38 30.18 -19.28
C VAL D 431 -15.03 29.81 -19.86
N GLN D 432 -14.23 29.07 -19.10
CA GLN D 432 -12.92 28.67 -19.58
C GLN D 432 -12.86 27.16 -19.72
N ARG D 433 -12.62 26.71 -20.96
CA ARG D 433 -12.54 25.28 -21.25
C ARG D 433 -11.12 24.77 -21.12
N ALA D 434 -10.93 23.72 -20.32
CA ALA D 434 -9.61 23.13 -20.13
C ALA D 434 -8.94 22.85 -21.46
N ALA D 435 -7.62 23.04 -21.51
CA ALA D 435 -6.87 22.78 -22.73
C ALA D 435 -6.96 21.28 -23.01
N ASN D 436 -6.95 20.48 -21.96
CA ASN D 436 -7.03 19.03 -22.04
C ASN D 436 -8.45 18.65 -21.65
N LEU D 437 -9.36 18.56 -22.61
CA LEU D 437 -10.77 18.22 -22.32
C LEU D 437 -10.95 17.00 -21.42
N GLU D 438 -10.07 16.01 -21.55
CA GLU D 438 -10.16 14.81 -20.73
C GLU D 438 -9.53 15.08 -19.36
N THR D 439 -10.14 15.99 -18.62
CA THR D 439 -9.64 16.34 -17.30
C THR D 439 -9.99 15.27 -16.28
N THR D 440 -11.01 14.47 -16.59
CA THR D 440 -11.42 13.40 -15.71
C THR D 440 -10.30 12.38 -15.58
N ALA D 441 -9.77 11.92 -16.71
CA ALA D 441 -8.70 10.94 -16.69
C ALA D 441 -7.45 11.58 -16.10
N LEU D 442 -7.17 12.80 -16.55
CA LEU D 442 -6.00 13.56 -16.10
C LEU D 442 -6.02 13.77 -14.57
N GLY D 443 -7.19 14.07 -14.03
CA GLY D 443 -7.27 14.26 -12.59
C GLY D 443 -6.95 12.97 -11.85
N ALA D 444 -7.40 11.85 -12.42
CA ALA D 444 -7.17 10.56 -11.78
C ALA D 444 -5.70 10.18 -11.93
N ALA D 445 -5.04 10.76 -12.93
CA ALA D 445 -3.62 10.51 -13.14
C ALA D 445 -2.82 11.29 -12.11
N TYR D 446 -3.36 12.43 -11.68
CA TYR D 446 -2.70 13.28 -10.67
C TYR D 446 -2.77 12.61 -9.30
N LEU D 447 -3.95 12.15 -8.92
CA LEU D 447 -4.10 11.50 -7.63
C LEU D 447 -3.10 10.34 -7.54
N ALA D 448 -3.04 9.52 -8.58
CA ALA D 448 -2.12 8.38 -8.61
C ALA D 448 -0.65 8.82 -8.63
N GLY D 449 -0.36 9.88 -9.39
CA GLY D 449 1.00 10.37 -9.49
C GLY D 449 1.56 10.85 -8.18
N LEU D 450 0.82 11.73 -7.50
CA LEU D 450 1.25 12.26 -6.21
C LEU D 450 1.45 11.12 -5.21
N ALA D 451 0.57 10.13 -5.27
CA ALA D 451 0.65 9.00 -4.35
C ALA D 451 1.93 8.20 -4.52
N VAL D 452 2.40 8.09 -5.76
CA VAL D 452 3.63 7.34 -6.03
C VAL D 452 4.80 8.29 -6.19
N GLY D 453 4.62 9.53 -5.72
CA GLY D 453 5.68 10.52 -5.83
C GLY D 453 6.03 10.92 -7.25
N PHE D 454 5.31 10.39 -8.23
CA PHE D 454 5.57 10.73 -9.63
C PHE D 454 5.67 12.25 -9.73
N TRP D 455 4.87 12.94 -8.91
CA TRP D 455 4.86 14.40 -8.82
C TRP D 455 5.02 14.75 -7.34
N LYS D 456 5.77 15.81 -7.04
CA LYS D 456 5.98 16.18 -5.65
C LYS D 456 4.66 16.45 -4.96
N ASP D 457 4.09 17.61 -5.22
CA ASP D 457 2.83 18.01 -4.60
C ASP D 457 2.02 18.93 -5.50
N LEU D 458 0.92 19.46 -4.94
CA LEU D 458 0.03 20.35 -5.67
C LEU D 458 0.72 21.51 -6.37
N ASP D 459 1.96 21.79 -6.01
CA ASP D 459 2.67 22.89 -6.64
C ASP D 459 3.06 22.58 -8.08
N GLU D 460 3.63 21.40 -8.30
CA GLU D 460 4.03 20.99 -9.64
C GLU D 460 2.81 20.99 -10.55
N LEU D 461 1.71 20.43 -10.04
CA LEU D 461 0.48 20.36 -10.79
C LEU D 461 0.06 21.77 -11.20
N LYS D 462 0.18 22.71 -10.28
CA LYS D 462 -0.18 24.10 -10.55
C LYS D 462 0.80 24.65 -11.59
N SER D 463 2.00 24.08 -11.63
CA SER D 463 3.05 24.50 -12.57
C SER D 463 2.66 24.27 -14.02
N MET D 464 2.58 23.00 -14.39
CA MET D 464 2.24 22.60 -15.76
C MET D 464 0.80 22.90 -16.18
N ALA D 465 0.38 24.16 -16.01
CA ALA D 465 -0.98 24.58 -16.38
C ALA D 465 -0.93 25.71 -17.40
N GLU D 466 -1.25 25.42 -18.66
CA GLU D 466 -1.21 26.42 -19.71
C GLU D 466 -2.56 26.99 -20.12
N GLU D 467 -3.46 27.17 -19.14
CA GLU D 467 -4.77 27.72 -19.43
C GLU D 467 -5.56 26.87 -20.43
N GLY D 468 -6.24 27.56 -21.35
CA GLY D 468 -7.04 26.90 -22.37
C GLY D 468 -7.95 27.94 -22.99
N GLN D 469 -8.70 27.55 -24.01
CA GLN D 469 -9.60 28.47 -24.71
C GLN D 469 -10.69 29.06 -23.83
N MET D 470 -10.90 30.37 -23.95
CA MET D 470 -11.89 31.05 -23.15
C MET D 470 -13.06 31.58 -23.98
N PHE D 471 -14.19 31.81 -23.31
CA PHE D 471 -15.40 32.32 -23.93
C PHE D 471 -15.92 33.42 -23.02
N THR D 472 -16.17 34.60 -23.57
CA THR D 472 -16.68 35.70 -22.75
C THR D 472 -18.06 36.10 -23.23
N PRO D 473 -18.93 36.51 -22.29
CA PRO D 473 -20.29 36.91 -22.67
C PRO D 473 -20.28 38.01 -23.72
N GLU D 474 -20.93 37.73 -24.84
CA GLU D 474 -21.02 38.69 -25.94
C GLU D 474 -22.45 38.74 -26.45
N MET D 475 -23.40 38.67 -25.51
CA MET D 475 -24.82 38.69 -25.85
C MET D 475 -25.53 39.76 -25.03
N PRO D 476 -26.19 40.73 -25.70
CA PRO D 476 -26.92 41.82 -25.05
C PRO D 476 -27.89 41.34 -23.97
N ALA D 477 -28.04 42.14 -22.92
CA ALA D 477 -28.90 41.80 -21.80
C ALA D 477 -30.35 41.45 -22.17
N GLU D 478 -31.01 42.29 -22.97
CA GLU D 478 -32.40 42.01 -23.35
C GLU D 478 -32.57 40.57 -23.80
N GLU D 479 -31.91 40.21 -24.90
CA GLU D 479 -32.00 38.85 -25.42
C GLU D 479 -31.63 37.82 -24.35
N ARG D 480 -30.45 37.99 -23.78
CA ARG D 480 -29.94 37.11 -22.74
C ARG D 480 -31.02 36.71 -21.75
N ASP D 481 -31.77 37.69 -21.26
CA ASP D 481 -32.82 37.46 -20.29
C ASP D 481 -34.12 36.90 -20.88
N ASN D 482 -34.47 37.30 -22.10
CA ASN D 482 -35.68 36.77 -22.72
C ASN D 482 -35.57 35.25 -22.82
N LEU D 483 -34.41 34.80 -23.31
CA LEU D 483 -34.15 33.39 -23.51
C LEU D 483 -34.25 32.56 -22.24
N TYR D 484 -33.61 33.02 -21.16
CA TYR D 484 -33.65 32.28 -19.92
C TYR D 484 -35.04 32.34 -19.29
N GLU D 485 -35.79 33.39 -19.60
CA GLU D 485 -37.13 33.55 -19.06
C GLU D 485 -38.05 32.48 -19.66
N GLY D 486 -37.97 32.30 -20.98
CA GLY D 486 -38.77 31.28 -21.62
C GLY D 486 -38.43 29.91 -21.09
N TRP D 487 -37.14 29.66 -20.87
CA TRP D 487 -36.72 28.38 -20.33
C TRP D 487 -37.45 28.17 -19.01
N LYS D 488 -37.45 29.23 -18.19
CA LYS D 488 -38.12 29.18 -16.90
C LYS D 488 -39.54 28.64 -17.07
N GLN D 489 -40.31 29.31 -17.92
CA GLN D 489 -41.69 28.91 -18.19
C GLN D 489 -41.79 27.51 -18.78
N ALA D 490 -40.84 27.13 -19.63
CA ALA D 490 -40.83 25.81 -20.24
C ALA D 490 -40.78 24.75 -19.14
N VAL D 491 -39.79 24.83 -18.25
CA VAL D 491 -39.68 23.85 -17.17
C VAL D 491 -40.91 23.93 -16.30
N ALA D 492 -41.34 25.15 -16.02
CA ALA D 492 -42.52 25.38 -15.20
C ALA D 492 -43.68 24.60 -15.78
N ALA D 493 -43.92 24.79 -17.07
CA ALA D 493 -45.00 24.10 -17.75
C ALA D 493 -44.75 22.59 -17.77
N THR D 494 -43.49 22.20 -17.99
CA THR D 494 -43.12 20.78 -18.02
C THR D 494 -43.49 20.11 -16.69
N GLN D 495 -43.36 20.87 -15.60
CA GLN D 495 -43.68 20.34 -14.28
C GLN D 495 -45.16 20.17 -13.99
N THR D 496 -46.02 20.90 -14.72
CA THR D 496 -47.46 20.78 -14.51
C THR D 496 -48.02 19.46 -15.06
N PHE D 497 -47.27 18.83 -15.98
CA PHE D 497 -47.70 17.55 -16.57
C PHE D 497 -47.31 16.33 -15.75
N LYS D 498 -48.22 15.85 -14.91
CA LYS D 498 -47.94 14.69 -14.09
C LYS D 498 -48.98 13.60 -14.32
N PHE D 499 -49.15 13.19 -15.57
CA PHE D 499 -50.15 12.19 -15.90
C PHE D 499 -50.20 10.89 -15.09
N LYS D 500 -49.42 9.88 -15.47
CA LYS D 500 -49.46 8.58 -14.79
C LYS D 500 -50.88 7.97 -14.89
N ALA D 501 -51.04 6.96 -15.73
CA ALA D 501 -52.34 6.31 -15.93
C ALA D 501 -52.88 5.66 -14.67
N LYS D 502 -54.19 5.78 -14.46
CA LYS D 502 -54.85 5.20 -13.31
C LYS D 502 -55.41 3.83 -13.71
C1 EDO E . 25.00 -5.44 11.93
O1 EDO E . 25.71 -6.66 11.61
C2 EDO E . 24.75 -5.36 13.44
O2 EDO E . 25.58 -4.35 14.03
C1 EDO F . 34.34 -11.73 -8.41
O1 EDO F . 33.42 -12.81 -8.20
C2 EDO F . 35.63 -12.26 -9.05
O2 EDO F . 35.68 -11.86 -10.42
P PO4 G . 24.69 -2.36 18.34
O1 PO4 G . 24.58 -3.72 17.78
O2 PO4 G . 23.56 -1.52 17.83
O3 PO4 G . 24.63 -2.42 19.82
O4 PO4 G . 25.99 -1.74 17.93
P PO4 H . 8.18 4.51 27.91
O1 PO4 H . 9.09 3.62 27.14
O2 PO4 H . 6.82 4.47 27.33
O3 PO4 H . 8.13 4.06 29.34
O4 PO4 H . 8.71 5.91 27.87
P PO4 I . 35.03 -2.85 23.06
O1 PO4 I . 34.48 -2.52 21.72
O2 PO4 I . 33.93 -3.29 23.95
O3 PO4 I . 36.04 -3.96 22.93
O4 PO4 I . 35.69 -1.64 23.63
C1 EDO J . -0.02 9.72 51.81
O1 EDO J . -1.01 10.21 52.74
C2 EDO J . -0.65 8.73 50.81
O2 EDO J . 0.32 7.70 50.49
P PO4 K . 3.01 4.72 47.62
O1 PO4 K . 4.13 4.51 46.65
O2 PO4 K . 3.17 6.03 48.29
O3 PO4 K . 1.71 4.68 46.89
O4 PO4 K . 3.04 3.63 48.64
C1 EDO L . -2.62 -14.50 -50.11
O1 EDO L . -3.94 -13.99 -49.82
C2 EDO L . -1.90 -13.56 -51.08
O2 EDO L . -1.75 -14.18 -52.35
P PO4 M . -7.52 -12.25 -46.95
O1 PO4 M . -7.79 -12.98 -48.23
O2 PO4 M . -6.98 -13.19 -45.95
O3 PO4 M . -6.54 -11.15 -47.20
O4 PO4 M . -8.80 -11.67 -46.45
C1 EDO N . -22.99 10.35 -12.42
O1 EDO N . -23.14 10.93 -11.11
C2 EDO N . -21.50 10.27 -12.79
O2 EDO N . -21.35 10.24 -14.22
P PO4 O . -19.71 9.50 -19.14
O1 PO4 O . -20.57 8.52 -18.44
O2 PO4 O . -20.24 10.88 -18.89
O3 PO4 O . -18.32 9.41 -18.63
O4 PO4 O . -19.73 9.23 -20.60
#